data_8A6M
#
_entry.id   8A6M
#
_entity_poly.entity_id   1
_entity_poly.type   'polypeptide(L)'
_entity_poly.pdbx_seq_one_letter_code
;MGHHHHHHHASENLYFQGHMEGGAYGAGKAGGAFDPYTLVRQPHTILRVVSWLFSIVVFGSIVNEGYLNSASEGEEFCIY
NRNPNACSYGVAVGVLAFLTCLLYLALDVYFPQISSVKDRKKAVLSDIGVSAFWAFLWFVGFCYLANQWQVSKPKDNPLN
EGTDAARAAIAFSFFSIFTWSLTAALAVRRFKDLSFQEEYSTLFPASAQP
;
_entity_poly.pdbx_strand_id   A
#
# COMPACT_ATOMS: atom_id res chain seq x y z
N ASP A 35 13.49 12.38 19.97
CA ASP A 35 14.07 13.64 19.54
C ASP A 35 13.46 14.10 18.22
N PRO A 36 12.72 15.19 18.26
CA PRO A 36 12.06 15.72 17.07
C PRO A 36 13.06 15.99 15.96
N TYR A 37 14.30 16.28 16.35
CA TYR A 37 15.30 16.76 15.40
C TYR A 37 16.09 15.59 14.80
N THR A 38 15.70 14.38 15.16
CA THR A 38 16.24 13.18 14.54
C THR A 38 15.20 12.51 13.64
N LEU A 39 13.92 12.75 13.95
CA LEU A 39 12.82 12.19 13.18
C LEU A 39 12.71 12.86 11.81
N VAL A 40 13.41 13.97 11.65
CA VAL A 40 13.46 14.67 10.36
C VAL A 40 14.17 13.84 9.31
N ARG A 41 14.99 12.90 9.76
CA ARG A 41 15.66 11.96 8.86
C ARG A 41 15.14 10.54 9.06
N GLN A 42 13.93 10.44 9.61
CA GLN A 42 13.34 9.14 9.89
C GLN A 42 13.03 8.38 8.60
N PRO A 43 13.46 7.11 8.55
CA PRO A 43 13.26 6.29 7.37
C PRO A 43 11.79 6.21 6.99
N HIS A 44 10.91 6.56 7.93
CA HIS A 44 9.49 6.62 7.68
C HIS A 44 9.20 7.33 6.35
N THR A 45 9.84 8.47 6.15
CA THR A 45 9.69 9.21 4.90
C THR A 45 10.08 8.37 3.70
N ILE A 46 11.17 7.62 3.83
CA ILE A 46 11.60 6.69 2.79
C ILE A 46 10.55 5.63 2.54
N LEU A 47 9.97 5.10 3.61
CA LEU A 47 8.95 4.07 3.51
C LEU A 47 7.71 4.59 2.77
N ARG A 48 7.41 5.87 2.97
CA ARG A 48 6.34 6.53 2.25
C ARG A 48 6.62 6.57 0.75
N VAL A 49 7.87 6.87 0.40
CA VAL A 49 8.30 6.86 -0.99
C VAL A 49 8.27 5.46 -1.58
N VAL A 50 8.76 4.49 -0.81
CA VAL A 50 8.78 3.10 -1.25
C VAL A 50 7.38 2.58 -1.54
N SER A 51 6.49 2.76 -0.57
CA SER A 51 5.11 2.29 -0.71
C SER A 51 4.35 3.11 -1.74
N TRP A 52 4.70 4.38 -1.86
CA TRP A 52 4.16 5.23 -2.90
C TRP A 52 4.40 4.64 -4.28
N LEU A 53 5.65 4.26 -4.54
CA LEU A 53 6.01 3.63 -5.81
C LEU A 53 5.36 2.27 -5.96
N PHE A 54 5.45 1.45 -4.92
CA PHE A 54 4.89 0.11 -4.94
C PHE A 54 3.40 0.15 -5.28
N SER A 55 2.70 1.14 -4.74
CA SER A 55 1.28 1.30 -4.99
C SER A 55 1.01 1.61 -6.45
N ILE A 56 1.92 2.33 -7.07
CA ILE A 56 1.86 2.58 -8.51
C ILE A 56 2.05 1.28 -9.30
N VAL A 57 3.04 0.49 -8.89
CA VAL A 57 3.36 -0.75 -9.58
C VAL A 57 2.19 -1.71 -9.56
N VAL A 58 1.56 -1.86 -8.39
CA VAL A 58 0.43 -2.75 -8.23
C VAL A 58 -0.74 -2.32 -9.09
N PHE A 59 -1.14 -1.06 -8.95
CA PHE A 59 -2.21 -0.50 -9.75
C PHE A 59 -1.93 -0.65 -11.24
N GLY A 60 -0.74 -0.21 -11.66
CA GLY A 60 -0.37 -0.25 -13.06
C GLY A 60 -0.38 -1.68 -13.60
N SER A 61 0.13 -2.60 -12.81
CA SER A 61 0.20 -4.00 -13.21
C SER A 61 -1.19 -4.58 -13.43
N ILE A 62 -2.12 -4.25 -12.53
CA ILE A 62 -3.50 -4.67 -12.67
C ILE A 62 -4.12 -4.12 -13.95
N VAL A 63 -3.83 -2.85 -14.24
CA VAL A 63 -4.29 -2.23 -15.48
C VAL A 63 -3.68 -2.91 -16.70
N ASN A 64 -2.41 -3.28 -16.59
CA ASN A 64 -1.72 -3.97 -17.67
C ASN A 64 -2.36 -5.32 -17.96
N GLU A 65 -2.83 -5.98 -16.91
CA GLU A 65 -3.60 -7.21 -17.06
C GLU A 65 -4.97 -6.94 -17.67
N GLY A 66 -5.54 -5.79 -17.31
CA GLY A 66 -6.81 -5.36 -17.89
C GLY A 66 -7.98 -5.70 -16.96
N TYR A 67 -7.66 -5.98 -15.70
CA TYR A 67 -8.66 -6.39 -14.73
C TYR A 67 -9.49 -5.19 -14.26
N LEU A 68 -8.88 -4.01 -14.26
CA LEU A 68 -9.58 -2.78 -13.94
C LEU A 68 -10.70 -2.51 -14.95
N ASN A 69 -10.37 -2.65 -16.23
CA ASN A 69 -11.35 -2.49 -17.30
C ASN A 69 -12.47 -3.51 -17.19
N SER A 70 -12.09 -4.75 -16.87
CA SER A 70 -13.06 -5.82 -16.67
C SER A 70 -13.96 -5.54 -15.47
N ALA A 71 -13.37 -4.97 -14.43
CA ALA A 71 -14.12 -4.58 -13.24
C ALA A 71 -15.14 -3.49 -13.56
N SER A 72 -14.75 -2.57 -14.43
CA SER A 72 -15.62 -1.47 -14.83
C SER A 72 -16.66 -1.94 -15.83
N GLU A 73 -16.34 -3.01 -16.56
CA GLU A 73 -17.28 -3.59 -17.51
C GLU A 73 -18.54 -4.05 -16.82
N GLY A 74 -19.69 -3.58 -17.31
CA GLY A 74 -20.96 -3.82 -16.65
C GLY A 74 -21.54 -5.18 -17.03
N GLU A 75 -20.94 -5.80 -18.04
CA GLU A 75 -21.34 -7.15 -18.44
C GLU A 75 -21.33 -8.11 -17.26
N GLU A 76 -22.36 -8.94 -17.18
CA GLU A 76 -22.58 -9.77 -15.99
C GLU A 76 -21.51 -10.85 -15.87
N PHE A 77 -20.73 -11.03 -16.93
CA PHE A 77 -19.66 -12.02 -16.94
C PHE A 77 -18.32 -11.39 -16.60
N CYS A 78 -18.34 -10.10 -16.30
CA CYS A 78 -17.12 -9.37 -15.94
C CYS A 78 -17.28 -8.68 -14.60
N ILE A 79 -18.44 -8.06 -14.39
CA ILE A 79 -18.70 -7.31 -13.16
C ILE A 79 -18.91 -8.27 -11.98
N TYR A 80 -19.36 -9.47 -12.28
CA TYR A 80 -19.57 -10.49 -11.25
C TYR A 80 -18.46 -11.52 -11.27
N ASN A 81 -17.50 -11.34 -12.18
CA ASN A 81 -16.31 -12.18 -12.22
C ASN A 81 -15.36 -11.85 -11.08
N ARG A 82 -15.00 -12.88 -10.31
CA ARG A 82 -14.24 -12.67 -9.08
C ARG A 82 -12.81 -12.22 -9.37
N ASN A 83 -12.35 -12.50 -10.58
CA ASN A 83 -10.96 -12.25 -10.94
C ASN A 83 -10.64 -10.76 -10.89
N PRO A 84 -11.36 -9.97 -11.69
CA PRO A 84 -11.16 -8.53 -11.72
C PRO A 84 -11.67 -7.86 -10.45
N ASN A 85 -12.61 -8.52 -9.78
CA ASN A 85 -13.15 -8.02 -8.52
C ASN A 85 -12.10 -8.07 -7.42
N ALA A 86 -11.39 -9.20 -7.36
CA ALA A 86 -10.26 -9.34 -6.43
C ALA A 86 -9.18 -8.30 -6.74
N CYS A 87 -8.94 -8.06 -8.02
CA CYS A 87 -7.96 -7.07 -8.44
C CYS A 87 -8.43 -5.65 -8.14
N SER A 88 -9.75 -5.46 -8.17
CA SER A 88 -10.33 -4.15 -7.90
C SER A 88 -10.09 -3.73 -6.45
N TYR A 89 -9.92 -4.72 -5.57
CA TYR A 89 -9.48 -4.46 -4.21
C TYR A 89 -8.03 -3.99 -4.18
N GLY A 90 -7.21 -4.59 -5.04
CA GLY A 90 -5.84 -4.13 -5.22
C GLY A 90 -5.80 -2.72 -5.79
N VAL A 91 -6.68 -2.44 -6.74
CA VAL A 91 -6.81 -1.10 -7.29
C VAL A 91 -7.19 -0.09 -6.21
N ALA A 92 -8.19 -0.43 -5.42
CA ALA A 92 -8.66 0.44 -4.36
C ALA A 92 -7.51 0.91 -3.49
N VAL A 93 -6.78 -0.03 -2.91
CA VAL A 93 -5.69 0.29 -1.99
C VAL A 93 -4.48 0.83 -2.73
N GLY A 94 -4.35 0.46 -4.00
CA GLY A 94 -3.22 0.89 -4.82
C GLY A 94 -3.31 2.37 -5.14
N VAL A 95 -4.40 2.77 -5.80
CA VAL A 95 -4.54 4.14 -6.28
C VAL A 95 -4.70 5.12 -5.15
N LEU A 96 -5.28 4.64 -4.04
CA LEU A 96 -5.52 5.49 -2.88
C LEU A 96 -4.27 5.63 -2.02
N ALA A 97 -3.44 4.60 -2.03
CA ALA A 97 -2.12 4.67 -1.41
C ALA A 97 -1.21 5.65 -2.14
N PHE A 98 -1.26 5.61 -3.46
CA PHE A 98 -0.61 6.62 -4.28
C PHE A 98 -1.08 8.03 -3.91
N LEU A 99 -2.40 8.20 -3.84
CA LEU A 99 -2.98 9.49 -3.48
C LEU A 99 -2.54 9.92 -2.09
N THR A 100 -2.67 9.02 -1.12
CA THR A 100 -2.42 9.36 0.27
C THR A 100 -0.94 9.60 0.53
N CYS A 101 -0.10 8.71 0.02
CA CYS A 101 1.33 8.78 0.24
C CYS A 101 1.92 10.05 -0.40
N LEU A 102 1.46 10.35 -1.61
CA LEU A 102 1.87 11.57 -2.28
C LEU A 102 1.63 12.80 -1.42
N LEU A 103 0.42 12.89 -0.86
CA LEU A 103 0.07 13.99 0.01
C LEU A 103 0.87 13.96 1.31
N TYR A 104 1.12 12.75 1.81
CA TYR A 104 1.87 12.57 3.04
C TYR A 104 3.32 13.02 2.87
N LEU A 105 3.88 12.74 1.69
CA LEU A 105 5.24 13.17 1.38
C LEU A 105 5.34 14.68 1.31
N ALA A 106 4.29 15.32 0.81
CA ALA A 106 4.22 16.78 0.78
C ALA A 106 4.26 17.36 2.19
N LEU A 107 3.64 16.66 3.14
CA LEU A 107 3.66 17.07 4.53
C LEU A 107 5.05 16.96 5.13
N ASP A 108 5.75 15.88 4.79
CA ASP A 108 7.10 15.66 5.29
C ASP A 108 8.03 16.80 4.91
N VAL A 109 7.81 17.35 3.72
CA VAL A 109 8.60 18.49 3.25
C VAL A 109 8.64 19.60 4.30
N TYR A 110 7.53 19.78 5.01
CA TYR A 110 7.39 20.89 5.95
C TYR A 110 7.34 20.39 7.39
N PHE A 111 7.75 19.14 7.59
CA PHE A 111 7.79 18.56 8.93
C PHE A 111 8.78 19.30 9.83
N PRO A 112 9.99 19.51 9.32
CA PRO A 112 11.03 20.19 10.08
C PRO A 112 10.82 21.71 10.07
N GLN A 113 9.80 22.16 9.36
CA GLN A 113 9.44 23.57 9.33
C GLN A 113 8.44 23.91 10.41
N ILE A 114 7.98 22.88 11.13
CA ILE A 114 7.04 23.08 12.23
C ILE A 114 7.77 23.50 13.51
N SER A 115 7.36 24.64 14.06
CA SER A 115 8.05 25.21 15.22
C SER A 115 7.60 24.52 16.50
N SER A 116 6.42 23.92 16.47
CA SER A 116 5.86 23.25 17.65
C SER A 116 6.02 21.74 17.55
N VAL A 117 6.73 21.18 18.52
CA VAL A 117 6.92 19.73 18.59
C VAL A 117 5.59 19.01 18.79
N LYS A 118 4.71 19.62 19.57
CA LYS A 118 3.38 19.07 19.80
C LYS A 118 2.59 18.97 18.49
N ASP A 119 2.71 19.98 17.65
CA ASP A 119 2.03 19.99 16.36
C ASP A 119 2.64 18.97 15.40
N ARG A 120 3.94 18.74 15.53
CA ARG A 120 4.60 17.65 14.83
C ARG A 120 4.03 16.30 15.25
N LYS A 121 3.82 16.13 16.55
CA LYS A 121 3.22 14.92 17.08
C LYS A 121 1.82 14.70 16.53
N LYS A 122 1.06 15.79 16.43
CA LYS A 122 -0.27 15.76 15.83
C LYS A 122 -0.21 15.24 14.40
N ALA A 123 0.75 15.75 13.63
CA ALA A 123 0.92 15.35 12.24
C ALA A 123 1.27 13.87 12.13
N VAL A 124 2.21 13.43 12.96
CA VAL A 124 2.65 12.04 12.95
C VAL A 124 1.52 11.11 13.38
N LEU A 125 0.88 11.44 14.49
CA LEU A 125 -0.24 10.65 14.99
C LEU A 125 -1.33 10.52 13.92
N SER A 126 -1.58 11.61 13.19
CA SER A 126 -2.63 11.64 12.19
C SER A 126 -2.29 10.75 11.01
N ASP A 127 -1.04 10.81 10.56
CA ASP A 127 -0.59 10.05 9.41
C ASP A 127 -0.34 8.59 9.78
N ILE A 128 0.28 8.38 10.93
CA ILE A 128 0.80 7.06 11.29
C ILE A 128 -0.33 6.10 11.66
N GLY A 129 -1.43 6.67 12.16
CA GLY A 129 -2.64 5.89 12.41
C GLY A 129 -3.20 5.32 11.12
N VAL A 130 -3.23 6.13 10.07
CA VAL A 130 -3.66 5.69 8.75
C VAL A 130 -2.67 4.71 8.15
N SER A 131 -1.38 4.95 8.38
CA SER A 131 -0.33 4.08 7.90
C SER A 131 -0.48 2.67 8.46
N ALA A 132 -0.79 2.58 9.75
CA ALA A 132 -1.08 1.31 10.38
C ALA A 132 -2.32 0.66 9.77
N PHE A 133 -3.31 1.48 9.44
CA PHE A 133 -4.53 1.00 8.81
C PHE A 133 -4.25 0.50 7.39
N TRP A 134 -3.29 1.13 6.73
CA TRP A 134 -2.87 0.71 5.39
C TRP A 134 -2.34 -0.71 5.40
N ALA A 135 -1.61 -1.06 6.46
CA ALA A 135 -1.16 -2.43 6.65
C ALA A 135 -2.32 -3.41 6.62
N PHE A 136 -3.40 -3.07 7.31
CA PHE A 136 -4.63 -3.85 7.24
C PHE A 136 -5.20 -3.88 5.83
N LEU A 137 -5.33 -2.69 5.24
CA LEU A 137 -5.98 -2.57 3.94
C LEU A 137 -5.25 -3.35 2.86
N TRP A 138 -3.92 -3.28 2.89
CA TRP A 138 -3.10 -3.97 1.90
C TRP A 138 -3.05 -5.47 2.17
N PHE A 139 -3.14 -5.84 3.45
CA PHE A 139 -3.28 -7.24 3.83
C PHE A 139 -4.51 -7.87 3.20
N VAL A 140 -5.64 -7.17 3.30
CA VAL A 140 -6.90 -7.66 2.75
C VAL A 140 -6.82 -7.75 1.23
N GLY A 141 -6.45 -6.65 0.59
CA GLY A 141 -6.31 -6.61 -0.85
C GLY A 141 -5.36 -7.70 -1.35
N PHE A 142 -4.23 -7.86 -0.66
CA PHE A 142 -3.27 -8.90 -0.99
C PHE A 142 -3.93 -10.28 -0.96
N CYS A 143 -4.68 -10.54 0.10
CA CYS A 143 -5.31 -11.85 0.29
C CYS A 143 -6.30 -12.14 -0.82
N TYR A 144 -7.00 -11.10 -1.29
CA TYR A 144 -7.93 -11.23 -2.41
C TYR A 144 -7.20 -11.67 -3.67
N LEU A 145 -6.03 -11.09 -3.91
CA LEU A 145 -5.22 -11.45 -5.07
C LEU A 145 -4.68 -12.87 -4.95
N ALA A 146 -4.15 -13.20 -3.77
CA ALA A 146 -3.53 -14.50 -3.54
C ALA A 146 -4.56 -15.61 -3.58
N ASN A 147 -5.67 -15.41 -2.88
CA ASN A 147 -6.70 -16.43 -2.76
C ASN A 147 -7.39 -16.67 -4.09
N GLN A 148 -7.71 -15.60 -4.80
CA GLN A 148 -8.40 -15.69 -6.07
C GLN A 148 -7.52 -16.37 -7.12
N TRP A 149 -6.22 -16.17 -7.02
CA TRP A 149 -5.26 -16.90 -7.84
C TRP A 149 -5.37 -18.40 -7.60
N GLN A 150 -5.50 -18.78 -6.34
CA GLN A 150 -5.60 -20.19 -5.97
C GLN A 150 -6.93 -20.78 -6.40
N VAL A 151 -7.90 -19.92 -6.64
CA VAL A 151 -9.19 -20.35 -7.19
C VAL A 151 -9.09 -20.60 -8.68
N SER A 152 -8.53 -19.64 -9.41
CA SER A 152 -8.49 -19.70 -10.87
C SER A 152 -7.36 -20.61 -11.34
N LYS A 153 -6.30 -20.69 -10.54
CA LYS A 153 -5.15 -21.53 -10.88
C LYS A 153 -4.97 -22.66 -9.87
N PRO A 154 -4.26 -23.69 -10.26
CA PRO A 154 -3.97 -24.82 -9.38
C PRO A 154 -3.38 -24.35 -8.07
N LYS A 155 -4.09 -24.61 -6.97
CA LYS A 155 -3.67 -24.15 -5.65
C LYS A 155 -2.42 -24.89 -5.19
N ASP A 156 -2.12 -26.01 -5.85
CA ASP A 156 -0.92 -26.77 -5.55
C ASP A 156 0.34 -26.03 -5.97
N ASN A 157 0.17 -25.10 -6.92
CA ASN A 157 1.28 -24.30 -7.41
C ASN A 157 1.39 -22.98 -6.66
N PRO A 158 2.61 -22.45 -6.57
CA PRO A 158 2.85 -21.19 -5.89
C PRO A 158 2.37 -20.01 -6.73
N LEU A 159 2.24 -18.85 -6.07
CA LEU A 159 1.69 -17.67 -6.73
C LEU A 159 2.61 -17.18 -7.85
N ASN A 160 3.85 -17.65 -7.84
CA ASN A 160 4.86 -17.19 -8.79
C ASN A 160 4.72 -17.91 -10.12
N GLU A 161 3.69 -18.74 -10.24
CA GLU A 161 3.40 -19.41 -11.49
C GLU A 161 2.35 -18.64 -12.29
N GLY A 162 2.02 -17.44 -11.83
CA GLY A 162 1.08 -16.58 -12.53
C GLY A 162 1.77 -15.81 -13.65
N THR A 163 1.07 -14.81 -14.18
CA THR A 163 1.62 -13.99 -15.25
C THR A 163 2.43 -12.82 -14.70
N ASP A 164 3.18 -12.16 -15.57
CA ASP A 164 4.17 -11.18 -15.13
C ASP A 164 3.53 -10.11 -14.25
N ALA A 165 2.56 -9.39 -14.81
CA ALA A 165 1.96 -8.25 -14.12
C ALA A 165 1.13 -8.71 -12.93
N ALA A 166 0.39 -9.78 -13.11
CA ALA A 166 -0.39 -10.38 -12.03
C ALA A 166 0.50 -10.68 -10.82
N ARG A 167 1.67 -11.25 -11.08
CA ARG A 167 2.61 -11.60 -10.02
C ARG A 167 3.23 -10.34 -9.41
N ALA A 168 3.43 -9.32 -10.23
CA ALA A 168 3.95 -8.05 -9.77
C ALA A 168 2.99 -7.39 -8.78
N ALA A 169 1.70 -7.43 -9.11
CA ALA A 169 0.68 -6.89 -8.22
C ALA A 169 0.67 -7.61 -6.88
N ILE A 170 0.73 -8.94 -6.92
CA ILE A 170 0.76 -9.75 -5.71
C ILE A 170 2.01 -9.47 -4.90
N ALA A 171 3.16 -9.50 -5.56
CA ALA A 171 4.44 -9.36 -4.88
C ALA A 171 4.58 -8.00 -4.21
N PHE A 172 4.26 -6.96 -4.95
CA PHE A 172 4.45 -5.59 -4.46
C PHE A 172 3.39 -5.22 -3.44
N SER A 173 2.24 -5.90 -3.50
CA SER A 173 1.24 -5.81 -2.46
C SER A 173 1.75 -6.38 -1.14
N PHE A 174 2.44 -7.52 -1.23
CA PHE A 174 3.10 -8.09 -0.07
C PHE A 174 4.21 -7.18 0.45
N PHE A 175 5.01 -6.65 -0.47
CA PHE A 175 6.09 -5.74 -0.12
C PHE A 175 5.55 -4.50 0.57
N SER A 176 4.41 -4.00 0.09
CA SER A 176 3.75 -2.86 0.71
C SER A 176 3.36 -3.16 2.15
N ILE A 177 2.79 -4.34 2.37
CA ILE A 177 2.40 -4.76 3.71
C ILE A 177 3.57 -4.67 4.68
N PHE A 178 4.74 -5.13 4.25
CA PHE A 178 5.94 -5.06 5.06
C PHE A 178 6.25 -3.63 5.47
N THR A 179 6.27 -2.73 4.49
CA THR A 179 6.64 -1.33 4.74
C THR A 179 5.61 -0.65 5.63
N TRP A 180 4.35 -1.08 5.52
CA TRP A 180 3.27 -0.51 6.30
C TRP A 180 3.27 -1.04 7.73
N SER A 181 3.69 -2.29 7.89
CA SER A 181 3.82 -2.90 9.20
C SER A 181 4.95 -2.26 9.99
N LEU A 182 5.95 -1.76 9.28
CA LEU A 182 7.01 -0.97 9.90
C LEU A 182 6.48 0.33 10.47
N THR A 183 5.59 0.98 9.73
CA THR A 183 5.00 2.24 10.14
C THR A 183 4.03 2.02 11.30
N ALA A 184 3.42 0.84 11.35
CA ALA A 184 2.56 0.46 12.46
C ALA A 184 3.35 0.43 13.77
N ALA A 185 4.59 -0.03 13.70
CA ALA A 185 5.49 0.02 14.84
C ALA A 185 5.89 1.46 15.16
N LEU A 186 6.09 2.26 14.13
CA LEU A 186 6.52 3.65 14.30
C LEU A 186 5.41 4.49 14.93
N ALA A 187 4.19 3.96 14.90
CA ALA A 187 3.07 4.60 15.59
C ALA A 187 3.38 4.84 17.06
N VAL A 188 4.23 3.99 17.62
CA VAL A 188 4.70 4.16 18.99
C VAL A 188 6.04 4.90 19.02
N ARG A 189 6.96 4.48 18.17
CA ARG A 189 8.31 5.02 18.16
C ARG A 189 8.29 6.54 18.00
N ARG A 190 7.79 7.01 16.86
CA ARG A 190 7.85 8.42 16.51
C ARG A 190 6.99 9.25 17.45
N PHE A 191 5.82 8.73 17.79
CA PHE A 191 4.90 9.42 18.68
C PHE A 191 5.54 9.74 20.02
N LYS A 192 6.20 8.75 20.60
CA LYS A 192 6.80 8.90 21.92
C LYS A 192 8.06 9.75 21.86
N ASP A 193 8.71 9.75 20.70
CA ASP A 193 9.92 10.54 20.50
C ASP A 193 9.57 12.02 20.36
N LEU A 194 8.31 12.30 20.05
CA LEU A 194 7.82 13.68 20.02
C LEU A 194 7.09 14.05 21.30
N SER A 195 6.46 13.05 21.92
CA SER A 195 5.72 13.26 23.15
C SER A 195 6.65 13.60 24.30
N ASP A 35 12.32 16.32 18.78
CA ASP A 35 13.32 16.44 17.73
C ASP A 35 12.79 15.91 16.41
N PRO A 36 12.28 16.82 15.58
CA PRO A 36 11.70 16.43 14.29
C PRO A 36 12.78 16.08 13.27
N TYR A 37 14.01 16.52 13.55
CA TYR A 37 15.11 16.33 12.61
C TYR A 37 15.62 14.90 12.63
N THR A 38 15.76 14.34 13.84
CA THR A 38 16.07 12.93 13.99
C THR A 38 14.94 12.05 13.46
N LEU A 39 13.70 12.47 13.72
CA LEU A 39 12.52 11.80 13.18
C LEU A 39 12.65 11.63 11.67
N VAL A 40 13.00 12.71 10.98
CA VAL A 40 13.14 12.68 9.53
C VAL A 40 14.23 11.71 9.11
N ARG A 41 15.28 11.61 9.91
CA ARG A 41 16.41 10.74 9.61
C ARG A 41 16.01 9.28 9.71
N GLN A 42 14.89 9.01 10.37
CA GLN A 42 14.45 7.64 10.60
C GLN A 42 14.05 6.97 9.29
N PRO A 43 14.15 5.64 9.27
CA PRO A 43 13.98 4.89 8.03
C PRO A 43 12.61 5.16 7.40
N HIS A 44 11.62 5.41 8.25
CA HIS A 44 10.23 5.48 7.80
C HIS A 44 10.05 6.54 6.73
N THR A 45 10.92 7.55 6.74
CA THR A 45 10.91 8.59 5.73
C THR A 45 11.09 8.01 4.33
N ILE A 46 11.96 7.03 4.22
CA ILE A 46 12.24 6.39 2.93
C ILE A 46 11.29 5.23 2.66
N LEU A 47 10.95 4.50 3.73
CA LEU A 47 10.03 3.38 3.62
C LEU A 47 8.65 3.85 3.17
N ARG A 48 8.27 5.05 3.58
CA ARG A 48 7.04 5.67 3.12
C ARG A 48 7.09 5.93 1.62
N VAL A 49 8.25 6.35 1.13
CA VAL A 49 8.45 6.56 -0.29
C VAL A 49 8.36 5.25 -1.06
N VAL A 50 8.94 4.19 -0.49
CA VAL A 50 8.89 2.87 -1.11
C VAL A 50 7.46 2.42 -1.34
N SER A 51 6.64 2.51 -0.30
CA SER A 51 5.23 2.11 -0.39
C SER A 51 4.44 3.11 -1.23
N TRP A 52 4.82 4.37 -1.16
CA TRP A 52 4.20 5.40 -1.98
C TRP A 52 4.32 5.07 -3.46
N LEU A 53 5.53 4.72 -3.90
CA LEU A 53 5.76 4.30 -5.26
C LEU A 53 5.00 3.01 -5.57
N PHE A 54 5.20 1.99 -4.74
CA PHE A 54 4.61 0.68 -4.97
C PHE A 54 3.10 0.78 -5.12
N SER A 55 2.50 1.72 -4.42
CA SER A 55 1.05 1.92 -4.46
C SER A 55 0.56 2.13 -5.89
N ILE A 56 1.30 2.94 -6.64
CA ILE A 56 0.89 3.29 -8.00
C ILE A 56 1.47 2.31 -9.01
N VAL A 57 2.51 1.58 -8.61
CA VAL A 57 3.01 0.45 -9.37
C VAL A 57 1.99 -0.68 -9.41
N VAL A 58 1.42 -0.99 -8.26
CA VAL A 58 0.30 -1.93 -8.18
C VAL A 58 -0.88 -1.47 -9.02
N PHE A 59 -1.25 -0.20 -8.87
CA PHE A 59 -2.34 0.38 -9.65
C PHE A 59 -2.07 0.24 -11.15
N GLY A 60 -0.92 0.75 -11.59
CA GLY A 60 -0.59 0.78 -13.01
C GLY A 60 -0.53 -0.63 -13.60
N SER A 61 0.13 -1.53 -12.87
CA SER A 61 0.36 -2.88 -13.35
C SER A 61 -0.96 -3.58 -13.65
N ILE A 62 -1.92 -3.45 -12.74
CA ILE A 62 -3.22 -4.10 -12.88
C ILE A 62 -4.01 -3.48 -14.01
N VAL A 63 -3.97 -2.15 -14.11
CA VAL A 63 -4.63 -1.44 -15.20
C VAL A 63 -4.07 -1.87 -16.55
N ASN A 64 -2.75 -2.06 -16.60
CA ASN A 64 -2.09 -2.51 -17.83
C ASN A 64 -2.56 -3.92 -18.21
N GLU A 65 -2.77 -4.76 -17.20
CA GLU A 65 -3.32 -6.09 -17.42
C GLU A 65 -4.70 -6.02 -18.06
N GLY A 66 -5.63 -5.32 -17.41
CA GLY A 66 -6.91 -4.99 -18.01
C GLY A 66 -7.91 -6.13 -17.83
N TYR A 67 -7.57 -7.08 -16.96
CA TYR A 67 -8.44 -8.21 -16.68
C TYR A 67 -9.54 -7.83 -15.69
N LEU A 68 -10.54 -7.12 -16.17
CA LEU A 68 -11.61 -6.62 -15.32
C LEU A 68 -12.60 -7.73 -14.99
N ASN A 69 -12.21 -8.60 -14.07
CA ASN A 69 -13.07 -9.70 -13.65
C ASN A 69 -14.25 -9.20 -12.83
N SER A 70 -14.12 -7.99 -12.30
CA SER A 70 -15.20 -7.36 -11.54
C SER A 70 -16.28 -6.83 -12.46
N ALA A 71 -15.99 -6.78 -13.75
CA ALA A 71 -16.95 -6.31 -14.75
C ALA A 71 -18.00 -7.38 -15.03
N SER A 72 -19.13 -6.96 -15.58
CA SER A 72 -20.21 -7.88 -15.92
C SER A 72 -19.91 -8.64 -17.20
N GLU A 73 -18.84 -8.24 -17.89
CA GLU A 73 -18.44 -8.89 -19.12
C GLU A 73 -17.87 -10.27 -18.87
N GLY A 74 -17.94 -11.15 -19.87
CA GLY A 74 -17.48 -12.52 -19.73
C GLY A 74 -16.09 -12.69 -20.34
N GLU A 75 -15.94 -13.73 -21.15
CA GLU A 75 -14.65 -14.02 -21.77
C GLU A 75 -14.11 -12.82 -22.52
N GLU A 76 -12.90 -12.39 -22.17
CA GLU A 76 -12.28 -11.25 -22.81
C GLU A 76 -11.39 -11.67 -23.98
N PHE A 77 -11.23 -12.98 -24.14
CA PHE A 77 -10.44 -13.53 -25.23
C PHE A 77 -8.98 -13.10 -25.14
N CYS A 78 -8.51 -12.93 -23.91
CA CYS A 78 -7.13 -12.49 -23.67
C CYS A 78 -6.18 -13.69 -23.58
N ILE A 79 -4.90 -13.40 -23.40
CA ILE A 79 -3.89 -14.45 -23.37
C ILE A 79 -4.08 -15.36 -22.16
N TYR A 80 -4.33 -14.78 -21.00
CA TYR A 80 -4.56 -15.54 -19.78
C TYR A 80 -5.99 -15.34 -19.28
N ASN A 81 -6.42 -16.24 -18.40
CA ASN A 81 -7.71 -16.09 -17.72
C ASN A 81 -7.66 -14.94 -16.73
N ARG A 82 -8.83 -14.39 -16.42
CA ARG A 82 -8.93 -13.24 -15.51
C ARG A 82 -8.74 -13.67 -14.07
N ASN A 83 -7.99 -12.88 -13.31
CA ASN A 83 -7.77 -13.15 -11.90
C ASN A 83 -8.96 -12.73 -11.06
N PRO A 84 -8.98 -13.18 -9.81
CA PRO A 84 -10.08 -12.87 -8.90
C PRO A 84 -10.32 -11.36 -8.83
N ASN A 85 -11.57 -10.99 -8.57
CA ASN A 85 -11.98 -9.59 -8.66
C ASN A 85 -11.46 -8.78 -7.48
N ALA A 86 -10.74 -9.45 -6.58
CA ALA A 86 -9.98 -8.78 -5.55
C ALA A 86 -8.87 -7.92 -6.15
N CYS A 87 -8.51 -8.22 -7.39
CA CYS A 87 -7.54 -7.40 -8.13
C CYS A 87 -8.10 -6.01 -8.42
N SER A 88 -9.36 -5.96 -8.84
CA SER A 88 -10.05 -4.69 -9.03
C SER A 88 -10.14 -3.91 -7.72
N TYR A 89 -10.41 -4.62 -6.64
CA TYR A 89 -10.32 -4.04 -5.30
C TYR A 89 -8.95 -3.43 -5.05
N GLY A 90 -7.91 -4.16 -5.45
CA GLY A 90 -6.54 -3.68 -5.31
C GLY A 90 -6.36 -2.33 -6.00
N VAL A 91 -6.97 -2.20 -7.18
CA VAL A 91 -6.94 -0.93 -7.92
C VAL A 91 -7.57 0.20 -7.12
N ALA A 92 -8.74 -0.07 -6.56
CA ALA A 92 -9.48 0.94 -5.79
C ALA A 92 -8.64 1.47 -4.64
N VAL A 93 -8.04 0.56 -3.88
CA VAL A 93 -7.24 0.94 -2.72
C VAL A 93 -5.83 1.34 -3.13
N GLY A 94 -5.41 0.87 -4.31
CA GLY A 94 -4.06 1.13 -4.80
C GLY A 94 -3.85 2.62 -5.04
N VAL A 95 -4.74 3.22 -5.83
CA VAL A 95 -4.62 4.62 -6.19
C VAL A 95 -4.84 5.53 -4.98
N LEU A 96 -5.64 5.05 -4.04
CA LEU A 96 -5.97 5.83 -2.85
C LEU A 96 -4.81 5.85 -1.86
N ALA A 97 -4.12 4.72 -1.74
CA ALA A 97 -2.91 4.63 -0.94
C ALA A 97 -1.83 5.56 -1.48
N PHE A 98 -1.69 5.59 -2.81
CA PHE A 98 -0.78 6.52 -3.46
C PHE A 98 -1.14 7.96 -3.13
N LEU A 99 -2.40 8.32 -3.35
CA LEU A 99 -2.87 9.68 -3.09
C LEU A 99 -2.68 10.06 -1.63
N THR A 100 -2.92 9.12 -0.74
CA THR A 100 -2.79 9.36 0.69
C THR A 100 -1.32 9.56 1.08
N CYS A 101 -0.46 8.66 0.61
CA CYS A 101 0.96 8.73 0.92
C CYS A 101 1.60 9.95 0.27
N LEU A 102 1.09 10.31 -0.90
CA LEU A 102 1.56 11.52 -1.59
C LEU A 102 1.47 12.73 -0.69
N LEU A 103 0.35 12.86 0.02
CA LEU A 103 0.17 13.92 1.01
C LEU A 103 1.30 13.90 2.04
N TYR A 104 1.54 12.73 2.61
CA TYR A 104 2.51 12.58 3.69
C TYR A 104 3.93 12.74 3.16
N LEU A 105 4.13 12.40 1.89
CA LEU A 105 5.40 12.64 1.22
C LEU A 105 5.78 14.12 1.25
N ALA A 106 4.81 14.96 0.92
CA ALA A 106 5.01 16.41 0.99
C ALA A 106 5.21 16.86 2.45
N LEU A 107 4.43 16.28 3.35
CA LEU A 107 4.51 16.63 4.76
C LEU A 107 5.89 16.29 5.33
N ASP A 108 6.44 15.17 4.90
CA ASP A 108 7.79 14.78 5.32
C ASP A 108 8.80 15.85 4.98
N VAL A 109 8.68 16.43 3.79
CA VAL A 109 9.60 17.44 3.33
C VAL A 109 9.58 18.67 4.23
N TYR A 110 8.39 19.07 4.64
CA TYR A 110 8.20 20.30 5.40
C TYR A 110 7.98 20.02 6.88
N PHE A 111 8.13 18.76 7.26
CA PHE A 111 7.83 18.33 8.63
C PHE A 111 8.74 19.04 9.63
N PRO A 112 10.04 19.09 9.32
CA PRO A 112 11.01 19.67 10.23
C PRO A 112 11.07 21.18 10.08
N GLN A 113 10.15 21.73 9.30
CA GLN A 113 9.94 23.17 9.25
C GLN A 113 8.77 23.58 10.12
N ILE A 114 8.12 22.60 10.75
CA ILE A 114 7.02 22.87 11.67
C ILE A 114 7.54 23.33 13.02
N SER A 115 7.07 24.50 13.46
CA SER A 115 7.52 25.07 14.73
C SER A 115 6.68 24.55 15.89
N SER A 116 5.45 24.13 15.59
CA SER A 116 4.53 23.64 16.61
C SER A 116 4.76 22.16 16.90
N VAL A 117 5.01 21.85 18.17
CA VAL A 117 5.20 20.47 18.59
C VAL A 117 3.93 19.65 18.39
N LYS A 118 2.78 20.27 18.68
CA LYS A 118 1.50 19.61 18.52
C LYS A 118 1.24 19.23 17.07
N ASP A 119 1.55 20.14 16.16
CA ASP A 119 1.35 19.90 14.73
C ASP A 119 2.26 18.80 14.23
N ARG A 120 3.46 18.72 14.78
CA ARG A 120 4.35 17.60 14.52
C ARG A 120 3.71 16.28 14.95
N LYS A 121 3.11 16.27 16.13
CA LYS A 121 2.44 15.08 16.65
C LYS A 121 1.23 14.71 15.81
N LYS A 122 0.53 15.72 15.31
CA LYS A 122 -0.65 15.50 14.47
C LYS A 122 -0.30 14.70 13.23
N ALA A 123 0.76 15.13 12.54
CA ALA A 123 1.18 14.48 11.31
C ALA A 123 1.57 13.03 11.56
N VAL A 124 2.31 12.80 12.64
CA VAL A 124 2.78 11.47 12.99
C VAL A 124 1.63 10.59 13.46
N LEU A 125 0.81 11.12 14.36
CA LEU A 125 -0.32 10.38 14.90
C LEU A 125 -1.23 9.86 13.80
N SER A 126 -1.37 10.65 12.75
CA SER A 126 -2.28 10.30 11.65
C SER A 126 -1.60 9.37 10.66
N ASP A 127 -0.29 9.51 10.52
CA ASP A 127 0.50 8.59 9.71
C ASP A 127 0.50 7.19 10.30
N ILE A 128 0.49 7.11 11.63
CA ILE A 128 0.39 5.83 12.33
C ILE A 128 -0.88 5.10 11.94
N GLY A 129 -2.01 5.80 11.97
CA GLY A 129 -3.29 5.22 11.61
C GLY A 129 -3.30 4.80 10.15
N VAL A 130 -2.84 5.68 9.27
CA VAL A 130 -2.85 5.43 7.84
C VAL A 130 -2.01 4.21 7.48
N SER A 131 -0.81 4.14 8.07
CA SER A 131 0.08 3.01 7.86
C SER A 131 -0.64 1.68 8.11
N ALA A 132 -1.27 1.58 9.27
CA ALA A 132 -2.01 0.37 9.63
C ALA A 132 -3.30 0.24 8.82
N PHE A 133 -3.88 1.38 8.48
CA PHE A 133 -5.15 1.40 7.75
C PHE A 133 -5.04 0.66 6.43
N TRP A 134 -4.05 1.03 5.63
CA TRP A 134 -3.86 0.43 4.31
C TRP A 134 -3.24 -0.95 4.42
N ALA A 135 -2.36 -1.14 5.40
CA ALA A 135 -1.74 -2.43 5.65
C ALA A 135 -2.79 -3.51 5.90
N PHE A 136 -3.78 -3.17 6.73
CA PHE A 136 -4.87 -4.09 7.03
C PHE A 136 -5.68 -4.41 5.78
N LEU A 137 -6.13 -3.37 5.09
CA LEU A 137 -7.00 -3.54 3.93
C LEU A 137 -6.33 -4.35 2.84
N TRP A 138 -5.04 -4.12 2.64
CA TRP A 138 -4.27 -4.83 1.62
C TRP A 138 -3.92 -6.24 2.09
N PHE A 139 -3.68 -6.39 3.39
CA PHE A 139 -3.43 -7.69 3.97
C PHE A 139 -4.56 -8.67 3.64
N VAL A 140 -5.79 -8.20 3.75
CA VAL A 140 -6.96 -9.02 3.45
C VAL A 140 -7.16 -9.16 1.95
N GLY A 141 -7.20 -8.02 1.26
CA GLY A 141 -7.59 -7.99 -0.15
C GLY A 141 -6.62 -8.78 -1.00
N PHE A 142 -5.34 -8.45 -0.90
CA PHE A 142 -4.33 -8.98 -1.82
C PHE A 142 -3.94 -10.40 -1.46
N CYS A 143 -4.14 -10.76 -0.20
CA CYS A 143 -3.91 -12.13 0.25
C CYS A 143 -4.96 -13.07 -0.32
N TYR A 144 -6.23 -12.68 -0.22
CA TYR A 144 -7.31 -13.41 -0.86
C TYR A 144 -7.10 -13.52 -2.37
N LEU A 145 -6.74 -12.40 -2.98
CA LEU A 145 -6.40 -12.38 -4.40
C LEU A 145 -5.37 -13.46 -4.73
N ALA A 146 -4.27 -13.46 -4.00
CA ALA A 146 -3.18 -14.40 -4.25
C ALA A 146 -3.64 -15.83 -4.01
N ASN A 147 -4.38 -16.05 -2.92
CA ASN A 147 -4.81 -17.39 -2.55
C ASN A 147 -5.87 -17.92 -3.50
N GLN A 148 -6.91 -17.12 -3.71
CA GLN A 148 -8.01 -17.52 -4.60
C GLN A 148 -7.51 -17.69 -6.03
N TRP A 149 -6.55 -16.88 -6.43
CA TRP A 149 -5.89 -17.03 -7.72
C TRP A 149 -5.37 -18.46 -7.90
N GLN A 150 -4.70 -18.97 -6.89
CA GLN A 150 -4.11 -20.31 -6.96
C GLN A 150 -5.17 -21.38 -6.82
N VAL A 151 -6.21 -21.09 -6.05
CA VAL A 151 -7.33 -22.01 -5.89
C VAL A 151 -8.11 -22.17 -7.19
N SER A 152 -8.37 -21.05 -7.87
CA SER A 152 -9.11 -21.06 -9.12
C SER A 152 -8.27 -21.62 -10.25
N LYS A 153 -6.95 -21.49 -10.13
CA LYS A 153 -6.02 -22.08 -11.08
C LYS A 153 -6.23 -23.58 -11.20
N PRO A 154 -6.49 -24.05 -12.42
CA PRO A 154 -6.68 -25.47 -12.67
C PRO A 154 -5.47 -26.27 -12.20
N LYS A 155 -5.72 -27.48 -11.71
CA LYS A 155 -4.67 -28.33 -11.16
C LYS A 155 -3.56 -28.57 -12.18
N ASP A 156 -2.34 -28.23 -11.81
CA ASP A 156 -1.18 -28.50 -12.65
C ASP A 156 -1.31 -27.81 -14.00
N ASN A 157 -1.85 -26.59 -13.98
CA ASN A 157 -1.87 -25.74 -15.17
C ASN A 157 -0.53 -25.03 -15.36
N PRO A 158 0.11 -25.32 -16.49
CA PRO A 158 1.41 -24.72 -16.79
C PRO A 158 1.36 -23.19 -16.69
N LEU A 159 0.21 -22.62 -17.07
CA LEU A 159 0.06 -21.17 -17.09
C LEU A 159 -0.80 -20.69 -15.92
N ASN A 160 -0.59 -19.45 -15.52
CA ASN A 160 -1.35 -18.86 -14.43
C ASN A 160 -2.54 -18.06 -14.96
N GLU A 161 -3.60 -18.00 -14.17
CA GLU A 161 -4.78 -17.22 -14.51
C GLU A 161 -4.56 -15.74 -14.27
N GLY A 162 -3.72 -15.13 -15.10
CA GLY A 162 -3.40 -13.71 -14.96
C GLY A 162 -2.00 -13.41 -15.48
N THR A 163 -1.68 -12.12 -15.61
CA THR A 163 -0.39 -11.70 -16.13
C THR A 163 0.66 -11.62 -15.03
N ASP A 164 1.92 -11.51 -15.43
CA ASP A 164 3.01 -11.34 -14.47
C ASP A 164 2.96 -9.95 -13.84
N ALA A 165 2.30 -9.02 -14.51
CA ALA A 165 2.06 -7.69 -13.96
C ALA A 165 1.20 -7.76 -12.69
N ALA A 166 0.15 -8.57 -12.75
CA ALA A 166 -0.70 -8.80 -11.59
C ALA A 166 0.07 -9.53 -10.49
N ARG A 167 0.87 -10.51 -10.89
CA ARG A 167 1.70 -11.24 -9.94
C ARG A 167 2.68 -10.31 -9.23
N ALA A 168 3.29 -9.40 -9.99
CA ALA A 168 4.18 -8.41 -9.43
C ALA A 168 3.41 -7.44 -8.52
N ALA A 169 2.21 -7.06 -8.95
CA ALA A 169 1.37 -6.16 -8.16
C ALA A 169 1.08 -6.75 -6.78
N ILE A 170 0.83 -8.05 -6.74
CA ILE A 170 0.64 -8.75 -5.48
C ILE A 170 1.89 -8.68 -4.61
N ALA A 171 3.05 -8.92 -5.21
CA ALA A 171 4.32 -8.83 -4.51
C ALA A 171 4.54 -7.43 -3.96
N PHE A 172 4.26 -6.42 -4.78
CA PHE A 172 4.48 -5.04 -4.40
C PHE A 172 3.51 -4.61 -3.30
N SER A 173 2.30 -5.17 -3.32
CA SER A 173 1.31 -4.90 -2.29
C SER A 173 1.72 -5.50 -0.96
N PHE A 174 2.39 -6.64 -1.01
CA PHE A 174 2.93 -7.27 0.19
C PHE A 174 4.14 -6.52 0.71
N PHE A 175 4.94 -5.98 -0.20
CA PHE A 175 6.07 -5.14 0.16
C PHE A 175 5.61 -3.84 0.81
N SER A 176 4.51 -3.28 0.30
CA SER A 176 3.92 -2.09 0.89
C SER A 176 3.47 -2.35 2.32
N ILE A 177 2.80 -3.48 2.53
CA ILE A 177 2.37 -3.88 3.87
C ILE A 177 3.54 -3.99 4.82
N PHE A 178 4.60 -4.64 4.37
CA PHE A 178 5.81 -4.80 5.19
C PHE A 178 6.35 -3.46 5.65
N THR A 179 6.55 -2.55 4.68
CA THR A 179 7.13 -1.25 4.98
C THR A 179 6.18 -0.39 5.80
N TRP A 180 4.89 -0.59 5.59
CA TRP A 180 3.86 0.14 6.32
C TRP A 180 3.88 -0.22 7.81
N SER A 181 4.14 -1.48 8.10
CA SER A 181 4.27 -1.94 9.48
C SER A 181 5.52 -1.38 10.14
N LEU A 182 6.54 -1.11 9.33
CA LEU A 182 7.77 -0.50 9.82
C LEU A 182 7.57 0.98 10.11
N THR A 183 6.88 1.67 9.20
CA THR A 183 6.61 3.09 9.36
C THR A 183 5.68 3.35 10.53
N ALA A 184 4.78 2.41 10.79
CA ALA A 184 3.89 2.49 11.94
C ALA A 184 4.68 2.42 13.24
N ALA A 185 5.54 1.40 13.36
CA ALA A 185 6.33 1.20 14.57
C ALA A 185 7.24 2.39 14.83
N LEU A 186 7.92 2.85 13.78
CA LEU A 186 8.87 3.96 13.90
C LEU A 186 8.14 5.25 14.24
N ALA A 187 6.97 5.45 13.65
CA ALA A 187 6.17 6.64 13.91
C ALA A 187 5.73 6.71 15.37
N VAL A 188 5.31 5.57 15.91
CA VAL A 188 4.92 5.49 17.31
C VAL A 188 6.06 5.85 18.23
N ARG A 189 7.25 5.30 17.94
CA ARG A 189 8.43 5.57 18.75
C ARG A 189 8.76 7.06 18.77
N ARG A 190 8.74 7.68 17.61
CA ARG A 190 9.08 9.10 17.49
C ARG A 190 7.95 9.98 17.99
N PHE A 191 6.72 9.50 17.86
CA PHE A 191 5.56 10.17 18.42
C PHE A 191 5.72 10.36 19.93
N LYS A 192 6.15 9.30 20.61
CA LYS A 192 6.39 9.36 22.05
C LYS A 192 7.49 10.36 22.37
N ASP A 193 8.49 10.45 21.49
CA ASP A 193 9.56 11.41 21.66
C ASP A 193 9.05 12.84 21.50
N LEU A 194 8.12 13.03 20.57
CA LEU A 194 7.51 14.34 20.35
C LEU A 194 6.63 14.73 21.52
N SER A 195 5.95 13.75 22.11
CA SER A 195 5.05 14.00 23.22
C SER A 195 5.83 14.39 24.47
N ASP A 35 14.31 14.52 20.32
CA ASP A 35 14.61 15.62 19.41
C ASP A 35 13.91 15.43 18.07
N PRO A 36 13.02 16.36 17.73
CA PRO A 36 12.23 16.24 16.51
C PRO A 36 13.09 16.43 15.27
N TYR A 37 14.28 16.98 15.46
CA TYR A 37 15.23 17.16 14.36
C TYR A 37 16.05 15.91 14.13
N THR A 38 15.78 14.88 14.94
CA THR A 38 16.33 13.55 14.69
C THR A 38 15.23 12.56 14.32
N LEU A 39 13.98 12.95 14.59
CA LEU A 39 12.83 12.15 14.20
C LEU A 39 12.61 12.21 12.69
N VAL A 40 13.07 13.28 12.07
CA VAL A 40 13.06 13.40 10.62
C VAL A 40 14.10 12.47 9.98
N ARG A 41 15.12 12.13 10.76
CA ARG A 41 16.17 11.24 10.28
C ARG A 41 15.83 9.78 10.55
N GLN A 42 14.74 9.31 9.94
CA GLN A 42 14.26 7.95 10.16
C GLN A 42 13.99 7.23 8.85
N PRO A 43 13.92 5.91 8.90
CA PRO A 43 13.82 5.10 7.71
C PRO A 43 12.55 5.42 6.93
N HIS A 44 11.56 5.95 7.61
CA HIS A 44 10.24 6.16 7.03
C HIS A 44 10.31 7.19 5.89
N THR A 45 11.36 7.99 5.90
CA THR A 45 11.58 8.97 4.84
C THR A 45 11.80 8.28 3.50
N ILE A 46 12.28 7.05 3.54
CA ILE A 46 12.45 6.25 2.34
C ILE A 46 11.26 5.35 2.09
N LEU A 47 10.69 4.82 3.18
CA LEU A 47 9.56 3.91 3.08
C LEU A 47 8.35 4.59 2.44
N ARG A 48 8.20 5.89 2.70
CA ARG A 48 7.17 6.68 2.05
C ARG A 48 7.32 6.64 0.53
N VAL A 49 8.56 6.70 0.06
CA VAL A 49 8.84 6.62 -1.37
C VAL A 49 8.60 5.23 -1.91
N VAL A 50 9.02 4.22 -1.14
CA VAL A 50 8.85 2.83 -1.53
C VAL A 50 7.38 2.50 -1.79
N SER A 51 6.53 2.87 -0.84
CA SER A 51 5.11 2.58 -0.94
C SER A 51 4.45 3.43 -2.03
N TRP A 52 4.97 4.64 -2.22
CA TRP A 52 4.51 5.51 -3.30
C TRP A 52 4.62 4.81 -4.65
N LEU A 53 5.80 4.25 -4.93
CA LEU A 53 6.04 3.55 -6.18
C LEU A 53 5.21 2.29 -6.28
N PHE A 54 5.27 1.47 -5.24
CA PHE A 54 4.54 0.19 -5.22
C PHE A 54 3.06 0.41 -5.48
N SER A 55 2.50 1.45 -4.88
CA SER A 55 1.10 1.80 -5.07
C SER A 55 0.78 2.01 -6.54
N ILE A 56 1.69 2.69 -7.25
CA ILE A 56 1.53 2.92 -8.68
C ILE A 56 1.59 1.61 -9.45
N VAL A 57 2.59 0.79 -9.15
CA VAL A 57 2.82 -0.43 -9.89
C VAL A 57 1.68 -1.42 -9.73
N VAL A 58 1.23 -1.59 -8.48
CA VAL A 58 0.13 -2.50 -8.19
C VAL A 58 -1.14 -2.09 -8.93
N PHE A 59 -1.46 -0.80 -8.88
CA PHE A 59 -2.61 -0.27 -9.59
C PHE A 59 -2.55 -0.62 -11.08
N GLY A 60 -1.48 -0.19 -11.73
CA GLY A 60 -1.35 -0.35 -13.17
C GLY A 60 -1.35 -1.82 -13.57
N SER A 61 -0.64 -2.64 -12.79
CA SER A 61 -0.47 -4.04 -13.12
C SER A 61 -1.80 -4.79 -13.09
N ILE A 62 -2.61 -4.48 -12.08
CA ILE A 62 -3.91 -5.12 -11.93
C ILE A 62 -4.87 -4.67 -13.02
N VAL A 63 -4.91 -3.36 -13.27
CA VAL A 63 -5.76 -2.80 -14.31
C VAL A 63 -5.47 -3.45 -15.66
N ASN A 64 -4.19 -3.72 -15.92
CA ASN A 64 -3.78 -4.31 -17.19
C ASN A 64 -3.97 -5.82 -17.18
N GLU A 65 -3.28 -6.50 -16.26
CA GLU A 65 -3.24 -7.95 -16.25
C GLU A 65 -4.27 -8.52 -15.28
N GLY A 66 -4.41 -7.89 -14.13
CA GLY A 66 -5.29 -8.39 -13.09
C GLY A 66 -6.72 -8.52 -13.58
N TYR A 67 -7.17 -7.51 -14.34
CA TYR A 67 -8.51 -7.52 -14.91
C TYR A 67 -8.71 -8.73 -15.83
N LEU A 68 -7.69 -9.03 -16.62
CA LEU A 68 -7.74 -10.15 -17.55
C LEU A 68 -7.70 -11.48 -16.81
N ASN A 69 -7.04 -11.49 -15.65
CA ASN A 69 -6.97 -12.69 -14.83
C ASN A 69 -8.34 -13.05 -14.26
N SER A 70 -9.15 -12.04 -14.00
CA SER A 70 -10.53 -12.26 -13.55
C SER A 70 -11.45 -12.62 -14.72
N ALA A 71 -11.15 -12.06 -15.88
CA ALA A 71 -11.91 -12.37 -17.09
C ALA A 71 -11.36 -11.63 -18.30
N SER A 72 -11.24 -12.32 -19.42
CA SER A 72 -10.66 -11.75 -20.63
C SER A 72 -11.72 -11.06 -21.48
N GLU A 73 -12.94 -10.99 -20.95
CA GLU A 73 -14.04 -10.35 -21.66
C GLU A 73 -13.72 -8.91 -21.98
N GLY A 74 -14.22 -8.42 -23.12
CA GLY A 74 -15.10 -9.23 -23.97
C GLY A 74 -14.34 -9.80 -25.16
N GLU A 75 -13.22 -10.47 -24.87
CA GLU A 75 -12.49 -11.20 -25.90
C GLU A 75 -13.42 -12.11 -26.69
N GLU A 76 -13.31 -12.06 -28.01
CA GLU A 76 -12.23 -11.34 -28.66
C GLU A 76 -12.65 -9.93 -29.07
N PHE A 77 -13.93 -9.65 -28.88
CA PHE A 77 -14.53 -8.44 -29.45
C PHE A 77 -13.84 -7.19 -28.95
N CYS A 78 -13.76 -7.05 -27.62
CA CYS A 78 -13.16 -5.88 -27.01
C CYS A 78 -12.98 -6.08 -25.51
N ILE A 79 -11.76 -5.90 -25.04
CA ILE A 79 -11.44 -6.06 -23.63
C ILE A 79 -12.07 -4.96 -22.78
N TYR A 80 -12.83 -5.37 -21.76
CA TYR A 80 -13.48 -4.41 -20.87
C TYR A 80 -12.94 -4.53 -19.45
N ASN A 81 -13.22 -3.52 -18.64
CA ASN A 81 -12.75 -3.50 -17.25
C ASN A 81 -13.46 -4.55 -16.42
N ARG A 82 -12.67 -5.36 -15.70
CA ARG A 82 -13.23 -6.38 -14.83
C ARG A 82 -12.59 -6.32 -13.44
N ASN A 83 -13.22 -5.58 -12.54
CA ASN A 83 -12.62 -5.31 -11.23
C ASN A 83 -13.47 -5.91 -10.11
N PRO A 84 -13.19 -7.18 -9.79
CA PRO A 84 -13.81 -7.83 -8.65
C PRO A 84 -13.22 -7.30 -7.34
N ASN A 85 -13.73 -7.82 -6.22
CA ASN A 85 -13.27 -7.39 -4.91
C ASN A 85 -11.76 -7.54 -4.76
N ALA A 86 -11.22 -8.63 -5.30
CA ALA A 86 -9.79 -8.88 -5.25
C ALA A 86 -9.00 -7.74 -5.85
N CYS A 87 -9.41 -7.29 -7.03
CA CYS A 87 -8.74 -6.20 -7.71
C CYS A 87 -8.94 -4.87 -7.00
N SER A 88 -10.14 -4.67 -6.46
CA SER A 88 -10.47 -3.44 -5.75
C SER A 88 -9.48 -3.16 -4.63
N TYR A 89 -9.07 -4.22 -3.94
CA TYR A 89 -8.18 -4.07 -2.78
C TYR A 89 -6.77 -3.78 -3.21
N GLY A 90 -6.54 -3.74 -4.52
CA GLY A 90 -5.25 -3.35 -5.07
C GLY A 90 -5.36 -2.12 -5.97
N VAL A 91 -6.55 -1.94 -6.54
CA VAL A 91 -6.80 -0.80 -7.43
C VAL A 91 -7.28 0.42 -6.64
N ALA A 92 -8.43 0.28 -6.00
CA ALA A 92 -8.99 1.37 -5.21
C ALA A 92 -8.09 1.70 -4.02
N VAL A 93 -7.61 0.66 -3.35
CA VAL A 93 -6.63 0.83 -2.28
C VAL A 93 -5.33 1.42 -2.81
N GLY A 94 -4.92 0.95 -3.99
CA GLY A 94 -3.67 1.41 -4.60
C GLY A 94 -3.71 2.91 -4.88
N VAL A 95 -4.79 3.36 -5.48
CA VAL A 95 -4.95 4.77 -5.82
C VAL A 95 -4.99 5.64 -4.57
N LEU A 96 -5.77 5.21 -3.58
CA LEU A 96 -5.93 5.97 -2.35
C LEU A 96 -4.67 5.93 -1.50
N ALA A 97 -3.95 4.82 -1.57
CA ALA A 97 -2.64 4.70 -0.93
C ALA A 97 -1.61 5.59 -1.62
N PHE A 98 -1.69 5.64 -2.94
CA PHE A 98 -0.89 6.59 -3.72
C PHE A 98 -1.15 8.02 -3.27
N LEU A 99 -2.42 8.36 -3.13
CA LEU A 99 -2.82 9.70 -2.70
C LEU A 99 -2.33 9.99 -1.28
N THR A 100 -2.36 8.96 -0.44
CA THR A 100 -1.78 9.05 0.90
C THR A 100 -0.28 9.27 0.84
N CYS A 101 0.39 8.53 -0.04
CA CYS A 101 1.83 8.66 -0.21
C CYS A 101 2.20 10.04 -0.72
N LEU A 102 1.39 10.57 -1.63
CA LEU A 102 1.54 11.95 -2.09
C LEU A 102 1.54 12.93 -0.92
N LEU A 103 0.59 12.75 -0.01
CA LEU A 103 0.52 13.57 1.19
C LEU A 103 1.74 13.33 2.08
N TYR A 104 2.19 12.07 2.13
CA TYR A 104 3.38 11.73 2.89
C TYR A 104 4.62 12.40 2.32
N LEU A 105 4.67 12.49 0.99
CA LEU A 105 5.78 13.17 0.32
C LEU A 105 5.77 14.67 0.59
N ALA A 106 4.58 15.21 0.80
CA ALA A 106 4.43 16.59 1.26
C ALA A 106 4.96 16.74 2.68
N LEU A 107 4.68 15.76 3.52
CA LEU A 107 5.11 15.81 4.92
C LEU A 107 6.63 15.72 5.03
N ASP A 108 7.25 15.08 4.05
CA ASP A 108 8.71 15.02 3.97
C ASP A 108 9.32 16.41 4.07
N VAL A 109 8.59 17.41 3.59
CA VAL A 109 9.04 18.79 3.65
C VAL A 109 8.37 19.55 4.80
N TYR A 110 7.09 19.28 5.01
CA TYR A 110 6.30 20.02 5.99
C TYR A 110 6.75 19.68 7.41
N PHE A 111 6.78 18.38 7.72
CA PHE A 111 6.89 17.92 9.10
C PHE A 111 8.15 18.46 9.76
N PRO A 112 9.27 18.35 9.06
CA PRO A 112 10.55 18.83 9.57
C PRO A 112 10.45 20.28 10.03
N GLN A 113 9.59 21.04 9.37
CA GLN A 113 9.59 22.50 9.50
C GLN A 113 8.49 22.97 10.45
N ILE A 114 7.92 22.03 11.19
CA ILE A 114 6.91 22.36 12.19
C ILE A 114 7.56 22.92 13.45
N SER A 115 7.06 24.07 13.90
CA SER A 115 7.64 24.77 15.05
C SER A 115 7.06 24.23 16.36
N SER A 116 5.86 23.68 16.29
CA SER A 116 5.18 23.17 17.47
C SER A 116 5.18 21.65 17.50
N VAL A 117 5.71 21.09 18.60
CA VAL A 117 5.79 19.65 18.75
C VAL A 117 4.41 19.03 18.86
N LYS A 118 3.44 19.83 19.27
CA LYS A 118 2.04 19.38 19.34
C LYS A 118 1.49 19.10 17.94
N ASP A 119 1.80 19.99 17.00
CA ASP A 119 1.39 19.82 15.62
C ASP A 119 2.15 18.67 14.95
N ARG A 120 3.38 18.45 15.40
CA ARG A 120 4.15 17.30 14.97
C ARG A 120 3.49 16.00 15.40
N LYS A 121 3.01 15.96 16.65
CA LYS A 121 2.30 14.80 17.17
C LYS A 121 1.05 14.52 16.38
N LYS A 122 0.38 15.59 15.92
CA LYS A 122 -0.78 15.46 15.05
C LYS A 122 -0.43 14.74 13.76
N ALA A 123 0.67 15.16 13.14
CA ALA A 123 1.13 14.54 11.91
C ALA A 123 1.55 13.09 12.15
N VAL A 124 2.16 12.83 13.30
CA VAL A 124 2.58 11.49 13.68
C VAL A 124 1.37 10.59 13.91
N LEU A 125 0.40 11.09 14.67
CA LEU A 125 -0.81 10.35 14.95
C LEU A 125 -1.64 10.13 13.68
N SER A 126 -1.37 10.96 12.68
CA SER A 126 -2.03 10.82 11.38
C SER A 126 -1.40 9.70 10.57
N ASP A 127 -0.07 9.61 10.62
CA ASP A 127 0.66 8.53 9.96
C ASP A 127 0.29 7.18 10.58
N ILE A 128 0.22 7.15 11.91
CA ILE A 128 -0.04 5.90 12.63
C ILE A 128 -1.37 5.28 12.20
N GLY A 129 -2.42 6.08 12.22
CA GLY A 129 -3.76 5.59 11.91
C GLY A 129 -3.88 5.17 10.45
N VAL A 130 -3.39 6.04 9.56
CA VAL A 130 -3.59 5.83 8.13
C VAL A 130 -2.74 4.69 7.61
N SER A 131 -1.48 4.65 8.03
CA SER A 131 -0.55 3.61 7.59
C SER A 131 -1.02 2.24 8.00
N ALA A 132 -1.48 2.12 9.24
CA ALA A 132 -2.02 0.86 9.75
C ALA A 132 -3.27 0.45 8.99
N PHE A 133 -4.11 1.43 8.66
CA PHE A 133 -5.32 1.17 7.88
C PHE A 133 -4.99 0.52 6.55
N TRP A 134 -4.03 1.11 5.84
CA TRP A 134 -3.66 0.63 4.51
C TRP A 134 -2.99 -0.74 4.59
N ALA A 135 -2.15 -0.93 5.60
CA ALA A 135 -1.43 -2.18 5.79
C ALA A 135 -2.41 -3.35 5.90
N PHE A 136 -3.50 -3.14 6.63
CA PHE A 136 -4.55 -4.15 6.75
C PHE A 136 -5.13 -4.51 5.39
N LEU A 137 -5.50 -3.50 4.62
CA LEU A 137 -6.17 -3.70 3.34
C LEU A 137 -5.22 -4.30 2.32
N TRP A 138 -3.93 -4.01 2.47
CA TRP A 138 -2.89 -4.58 1.61
C TRP A 138 -2.73 -6.08 1.86
N PHE A 139 -2.86 -6.48 3.12
CA PHE A 139 -2.91 -7.90 3.47
C PHE A 139 -4.09 -8.59 2.79
N VAL A 140 -5.27 -7.99 2.89
CA VAL A 140 -6.46 -8.51 2.22
C VAL A 140 -6.26 -8.53 0.71
N GLY A 141 -5.69 -7.45 0.17
CA GLY A 141 -5.48 -7.35 -1.27
C GLY A 141 -4.72 -8.57 -1.81
N PHE A 142 -3.44 -8.67 -1.44
CA PHE A 142 -2.55 -9.64 -2.06
C PHE A 142 -3.06 -11.05 -1.87
N CYS A 143 -3.79 -11.28 -0.78
CA CYS A 143 -4.41 -12.57 -0.53
C CYS A 143 -5.49 -12.87 -1.56
N TYR A 144 -6.41 -11.91 -1.74
CA TYR A 144 -7.50 -12.08 -2.69
C TYR A 144 -7.00 -12.10 -4.13
N LEU A 145 -5.98 -11.31 -4.40
CA LEU A 145 -5.37 -11.26 -5.72
C LEU A 145 -4.77 -12.61 -6.10
N ALA A 146 -4.06 -13.22 -5.16
CA ALA A 146 -3.45 -14.52 -5.38
C ALA A 146 -4.51 -15.61 -5.52
N ASN A 147 -5.56 -15.52 -4.71
CA ASN A 147 -6.56 -16.58 -4.64
C ASN A 147 -7.59 -16.43 -5.76
N GLN A 148 -8.31 -15.31 -5.75
CA GLN A 148 -9.54 -15.17 -6.52
C GLN A 148 -9.27 -15.33 -8.01
N TRP A 149 -8.07 -14.93 -8.43
CA TRP A 149 -7.71 -14.97 -9.85
C TRP A 149 -7.78 -16.39 -10.40
N GLN A 150 -7.70 -17.36 -9.50
CA GLN A 150 -7.79 -18.77 -9.89
C GLN A 150 -9.03 -19.43 -9.30
N VAL A 151 -9.51 -18.90 -8.18
CA VAL A 151 -10.68 -19.43 -7.52
C VAL A 151 -11.95 -18.98 -8.23
N SER A 152 -12.06 -17.69 -8.50
CA SER A 152 -13.21 -17.13 -9.21
C SER A 152 -13.05 -17.29 -10.72
N LYS A 153 -11.90 -17.79 -11.14
CA LYS A 153 -11.64 -18.04 -12.55
C LYS A 153 -12.79 -18.80 -13.19
N PRO A 154 -13.37 -18.21 -14.24
CA PRO A 154 -14.54 -18.79 -14.90
C PRO A 154 -14.13 -19.95 -15.80
N LYS A 155 -15.11 -20.81 -16.11
CA LYS A 155 -14.87 -21.94 -16.99
C LYS A 155 -14.51 -21.47 -18.40
N ASP A 156 -14.86 -20.23 -18.71
CA ASP A 156 -14.64 -19.69 -20.05
C ASP A 156 -13.24 -19.13 -20.19
N ASN A 157 -12.48 -19.17 -19.11
CA ASN A 157 -11.07 -18.76 -19.14
C ASN A 157 -10.18 -19.78 -18.44
N PRO A 158 -10.05 -20.96 -19.04
CA PRO A 158 -9.20 -22.01 -18.50
C PRO A 158 -7.72 -21.69 -18.71
N LEU A 159 -6.88 -22.12 -17.78
CA LEU A 159 -5.46 -21.89 -17.86
C LEU A 159 -5.15 -20.40 -17.98
N ASN A 160 -5.88 -19.59 -17.22
CA ASN A 160 -5.73 -18.14 -17.28
C ASN A 160 -4.43 -17.68 -16.66
N GLU A 161 -3.53 -17.15 -17.48
CA GLU A 161 -2.20 -16.77 -17.02
C GLU A 161 -1.73 -15.49 -17.71
N GLY A 162 -1.51 -14.45 -16.92
CA GLY A 162 -1.06 -13.16 -17.46
C GLY A 162 0.46 -13.04 -17.39
N THR A 163 0.96 -11.82 -17.42
CA THR A 163 2.39 -11.56 -17.33
C THR A 163 2.84 -11.44 -15.88
N ASP A 164 4.15 -11.30 -15.67
CA ASP A 164 4.71 -11.29 -14.33
C ASP A 164 4.23 -10.08 -13.54
N ALA A 165 3.73 -9.08 -14.24
CA ALA A 165 3.22 -7.87 -13.60
C ALA A 165 2.12 -8.21 -12.60
N ALA A 166 1.34 -9.24 -12.92
CA ALA A 166 0.24 -9.65 -12.06
C ALA A 166 0.74 -10.10 -10.69
N ARG A 167 1.81 -10.89 -10.69
CA ARG A 167 2.39 -11.39 -9.45
C ARG A 167 3.25 -10.33 -8.79
N ALA A 168 3.78 -9.42 -9.59
CA ALA A 168 4.52 -8.27 -9.07
C ALA A 168 3.61 -7.39 -8.22
N ALA A 169 2.37 -7.23 -8.65
CA ALA A 169 1.37 -6.50 -7.87
C ALA A 169 1.11 -7.18 -6.53
N ILE A 170 0.96 -8.51 -6.58
CA ILE A 170 0.81 -9.29 -5.35
C ILE A 170 2.03 -9.17 -4.46
N ALA A 171 3.21 -9.27 -5.05
CA ALA A 171 4.46 -9.18 -4.31
C ALA A 171 4.61 -7.82 -3.63
N PHE A 172 4.26 -6.77 -4.36
CA PHE A 172 4.41 -5.40 -3.86
C PHE A 172 3.33 -5.08 -2.82
N SER A 173 2.16 -5.67 -3.00
CA SER A 173 1.10 -5.59 -2.00
C SER A 173 1.51 -6.30 -0.71
N PHE A 174 2.16 -7.45 -0.85
CA PHE A 174 2.74 -8.16 0.29
C PHE A 174 3.83 -7.33 0.96
N PHE A 175 4.68 -6.72 0.14
CA PHE A 175 5.74 -5.86 0.65
C PHE A 175 5.16 -4.61 1.31
N SER A 176 4.07 -4.12 0.75
CA SER A 176 3.41 -2.93 1.29
C SER A 176 2.97 -3.14 2.74
N ILE A 177 2.44 -4.33 3.02
CA ILE A 177 2.10 -4.71 4.38
C ILE A 177 3.14 -4.20 5.38
N PHE A 178 4.40 -4.55 5.14
CA PHE A 178 5.47 -4.24 6.08
C PHE A 178 5.92 -2.80 5.94
N THR A 179 5.98 -2.31 4.70
CA THR A 179 6.39 -0.93 4.44
C THR A 179 5.51 0.06 5.20
N TRP A 180 4.21 -0.09 5.06
CA TRP A 180 3.26 0.79 5.74
C TRP A 180 3.31 0.57 7.25
N SER A 181 3.46 -0.68 7.66
CA SER A 181 3.52 -1.02 9.07
C SER A 181 4.73 -0.40 9.74
N LEU A 182 5.85 -0.38 9.02
CA LEU A 182 7.09 0.17 9.54
C LEU A 182 6.98 1.67 9.78
N THR A 183 6.30 2.37 8.87
CA THR A 183 6.09 3.80 9.00
C THR A 183 5.17 4.12 10.16
N ALA A 184 4.23 3.21 10.45
CA ALA A 184 3.38 3.32 11.62
C ALA A 184 4.19 3.09 12.91
N ALA A 185 5.01 2.06 12.91
CA ALA A 185 5.83 1.74 14.06
C ALA A 185 6.83 2.85 14.36
N LEU A 186 7.44 3.38 13.30
CA LEU A 186 8.38 4.49 13.44
C LEU A 186 7.67 5.75 13.89
N ALA A 187 6.43 5.93 13.43
CA ALA A 187 5.60 7.04 13.89
C ALA A 187 5.32 6.96 15.38
N VAL A 188 5.01 5.75 15.86
CA VAL A 188 4.81 5.53 17.28
C VAL A 188 6.03 5.94 18.08
N ARG A 189 7.21 5.60 17.58
CA ARG A 189 8.46 6.00 18.20
C ARG A 189 8.61 7.52 18.20
N ARG A 190 8.24 8.15 17.09
CA ARG A 190 8.27 9.60 16.98
C ARG A 190 7.34 10.25 18.01
N PHE A 191 6.16 9.66 18.18
CA PHE A 191 5.19 10.17 19.14
C PHE A 191 5.73 10.11 20.56
N LYS A 192 6.34 8.98 20.91
CA LYS A 192 6.89 8.78 22.24
C LYS A 192 7.93 9.85 22.58
N ASP A 193 8.74 10.21 21.59
CA ASP A 193 9.75 11.23 21.77
C ASP A 193 9.13 12.61 21.93
N LEU A 194 8.13 12.90 21.11
CA LEU A 194 7.46 14.20 21.16
C LEU A 194 6.64 14.37 22.43
N SER A 195 6.06 13.27 22.90
CA SER A 195 5.23 13.30 24.10
C SER A 195 6.09 13.46 25.35
N ASP A 35 14.34 13.89 19.81
CA ASP A 35 14.66 15.01 18.94
C ASP A 35 13.90 14.92 17.61
N PRO A 36 12.98 15.85 17.39
CA PRO A 36 12.12 15.82 16.21
C PRO A 36 12.91 16.15 14.96
N TYR A 37 14.10 16.72 15.14
CA TYR A 37 14.96 17.06 14.02
C TYR A 37 15.82 15.88 13.60
N THR A 38 15.67 14.76 14.31
CA THR A 38 16.23 13.50 13.87
C THR A 38 15.13 12.49 13.54
N LEU A 39 13.95 12.71 14.13
CA LEU A 39 12.79 11.89 13.82
C LEU A 39 12.28 12.17 12.41
N VAL A 40 12.53 13.38 11.92
CA VAL A 40 12.25 13.72 10.53
C VAL A 40 13.23 13.05 9.59
N ARG A 41 14.42 12.75 10.09
CA ARG A 41 15.46 12.09 9.29
C ARG A 41 15.41 10.58 9.48
N GLN A 42 14.28 9.98 9.10
CA GLN A 42 14.10 8.54 9.25
C GLN A 42 13.83 7.87 7.91
N PRO A 43 13.97 6.55 7.87
CA PRO A 43 13.84 5.80 6.63
C PRO A 43 12.47 6.00 6.01
N HIS A 44 11.50 6.38 6.83
CA HIS A 44 10.11 6.49 6.39
C HIS A 44 9.97 7.53 5.28
N THR A 45 10.92 8.45 5.22
CA THR A 45 10.93 9.48 4.17
C THR A 45 11.20 8.86 2.81
N ILE A 46 11.88 7.72 2.80
CA ILE A 46 12.11 6.97 1.57
C ILE A 46 10.96 6.03 1.27
N LEU A 47 10.41 5.43 2.31
CA LEU A 47 9.32 4.46 2.15
C LEU A 47 8.09 5.12 1.53
N ARG A 48 7.90 6.40 1.83
CA ARG A 48 6.86 7.18 1.18
C ARG A 48 6.91 7.01 -0.33
N VAL A 49 8.12 6.94 -0.88
CA VAL A 49 8.30 6.85 -2.32
C VAL A 49 8.35 5.41 -2.78
N VAL A 50 8.99 4.56 -1.99
CA VAL A 50 9.09 3.14 -2.31
C VAL A 50 7.72 2.49 -2.40
N SER A 51 6.87 2.78 -1.41
CA SER A 51 5.50 2.28 -1.40
C SER A 51 4.72 2.78 -2.61
N TRP A 52 4.95 4.02 -2.97
CA TRP A 52 4.31 4.61 -4.14
C TRP A 52 4.60 3.79 -5.40
N LEU A 53 5.88 3.54 -5.65
CA LEU A 53 6.30 2.71 -6.78
C LEU A 53 5.62 1.35 -6.74
N PHE A 54 5.65 0.71 -5.58
CA PHE A 54 5.00 -0.58 -5.40
C PHE A 54 3.53 -0.51 -5.81
N SER A 55 2.87 0.57 -5.44
CA SER A 55 1.46 0.75 -5.77
C SER A 55 1.25 0.95 -7.26
N ILE A 56 2.25 1.53 -7.91
CA ILE A 56 2.25 1.66 -9.36
C ILE A 56 2.35 0.31 -10.05
N VAL A 57 3.30 -0.51 -9.58
CA VAL A 57 3.55 -1.81 -10.19
C VAL A 57 2.33 -2.72 -10.06
N VAL A 58 1.74 -2.75 -8.87
CA VAL A 58 0.54 -3.55 -8.62
C VAL A 58 -0.62 -3.07 -9.48
N PHE A 59 -0.95 -1.79 -9.37
CA PHE A 59 -1.98 -1.17 -10.21
C PHE A 59 -1.78 -1.54 -11.67
N GLY A 60 -0.58 -1.28 -12.18
CA GLY A 60 -0.28 -1.54 -13.58
C GLY A 60 -0.48 -3.01 -13.93
N SER A 61 -0.03 -3.88 -13.04
CA SER A 61 -0.03 -5.32 -13.30
C SER A 61 -1.46 -5.85 -13.41
N ILE A 62 -2.30 -5.45 -12.47
CA ILE A 62 -3.66 -5.98 -12.38
C ILE A 62 -4.53 -5.40 -13.48
N VAL A 63 -4.17 -4.22 -13.96
CA VAL A 63 -4.84 -3.61 -15.11
C VAL A 63 -4.42 -4.29 -16.41
N ASN A 64 -3.12 -4.53 -16.55
CA ASN A 64 -2.59 -5.17 -17.74
C ASN A 64 -3.06 -6.62 -17.85
N GLU A 65 -3.10 -7.30 -16.72
CA GLU A 65 -3.58 -8.68 -16.67
C GLU A 65 -5.10 -8.74 -16.78
N GLY A 66 -5.78 -7.94 -15.96
CA GLY A 66 -7.24 -7.87 -15.99
C GLY A 66 -7.86 -9.10 -15.35
N TYR A 67 -7.01 -9.95 -14.77
CA TYR A 67 -7.47 -11.23 -14.24
C TYR A 67 -8.14 -12.07 -15.32
N LEU A 68 -7.76 -11.84 -16.57
CA LEU A 68 -8.43 -12.45 -17.71
C LEU A 68 -8.03 -13.92 -17.85
N ASN A 69 -6.96 -14.31 -17.17
CA ASN A 69 -6.48 -15.68 -17.21
C ASN A 69 -6.83 -16.42 -15.93
N SER A 70 -7.90 -15.97 -15.27
CA SER A 70 -8.40 -16.64 -14.07
C SER A 70 -9.91 -16.52 -13.97
N ALA A 71 -10.53 -17.49 -13.31
CA ALA A 71 -11.98 -17.52 -13.18
C ALA A 71 -12.45 -16.67 -12.00
N SER A 72 -13.57 -15.99 -12.19
CA SER A 72 -14.18 -15.20 -11.11
C SER A 72 -15.06 -16.07 -10.22
N GLU A 73 -14.82 -16.00 -8.91
CA GLU A 73 -15.51 -16.85 -7.96
C GLU A 73 -16.70 -16.12 -7.34
N GLY A 74 -17.88 -16.74 -7.45
CA GLY A 74 -19.08 -16.20 -6.82
C GLY A 74 -20.11 -15.81 -7.87
N GLU A 75 -21.32 -16.34 -7.73
CA GLU A 75 -22.41 -16.02 -8.64
C GLU A 75 -23.01 -14.66 -8.33
N GLU A 76 -22.26 -13.61 -8.63
CA GLU A 76 -22.65 -12.25 -8.27
C GLU A 76 -22.72 -12.08 -6.76
N PHE A 77 -21.81 -12.75 -6.05
CA PHE A 77 -21.70 -12.59 -4.61
C PHE A 77 -20.35 -12.01 -4.22
N CYS A 78 -20.36 -10.86 -3.54
CA CYS A 78 -19.14 -10.17 -3.18
C CYS A 78 -18.43 -10.88 -2.04
N ILE A 79 -19.11 -11.86 -1.43
CA ILE A 79 -18.49 -12.71 -0.42
C ILE A 79 -17.28 -13.44 -0.98
N TYR A 80 -17.38 -13.87 -2.23
CA TYR A 80 -16.39 -14.76 -2.82
C TYR A 80 -15.34 -13.98 -3.60
N ASN A 81 -14.35 -14.69 -4.13
CA ASN A 81 -13.22 -14.04 -4.78
C ASN A 81 -13.57 -13.66 -6.22
N ARG A 82 -14.38 -12.62 -6.37
CA ARG A 82 -14.73 -12.11 -7.69
C ARG A 82 -13.59 -11.31 -8.30
N ASN A 83 -13.43 -11.42 -9.61
CA ASN A 83 -12.34 -10.75 -10.31
C ASN A 83 -12.52 -9.24 -10.30
N PRO A 84 -13.72 -8.79 -10.59
CA PRO A 84 -14.06 -7.37 -10.53
C PRO A 84 -13.64 -6.76 -9.19
N ASN A 85 -13.86 -7.52 -8.11
CA ASN A 85 -13.54 -7.04 -6.78
C ASN A 85 -12.04 -7.03 -6.54
N ALA A 86 -11.35 -8.04 -7.05
CA ALA A 86 -9.90 -8.12 -6.95
C ALA A 86 -9.24 -6.90 -7.58
N CYS A 87 -9.75 -6.48 -8.75
CA CYS A 87 -9.30 -5.26 -9.40
C CYS A 87 -9.65 -4.04 -8.56
N SER A 88 -10.91 -3.96 -8.13
CA SER A 88 -11.38 -2.83 -7.34
C SER A 88 -10.53 -2.63 -6.09
N TYR A 89 -10.21 -3.74 -5.43
CA TYR A 89 -9.39 -3.68 -4.22
C TYR A 89 -7.96 -3.25 -4.54
N GLY A 90 -7.42 -3.76 -5.63
CA GLY A 90 -6.05 -3.47 -6.02
C GLY A 90 -5.84 -1.99 -6.28
N VAL A 91 -6.77 -1.40 -7.03
CA VAL A 91 -6.68 0.01 -7.40
C VAL A 91 -7.07 0.91 -6.24
N ALA A 92 -7.92 0.40 -5.36
CA ALA A 92 -8.36 1.16 -4.19
C ALA A 92 -7.20 1.42 -3.24
N VAL A 93 -6.34 0.41 -3.05
CA VAL A 93 -5.18 0.55 -2.18
C VAL A 93 -3.97 1.05 -2.95
N GLY A 94 -4.10 1.14 -4.26
CA GLY A 94 -2.99 1.56 -5.12
C GLY A 94 -2.90 3.08 -5.18
N VAL A 95 -3.80 3.69 -5.96
CA VAL A 95 -3.64 5.10 -6.32
C VAL A 95 -3.99 6.01 -5.16
N LEU A 96 -4.84 5.52 -4.26
CA LEU A 96 -5.29 6.32 -3.12
C LEU A 96 -4.27 6.29 -2.00
N ALA A 97 -3.46 5.23 -1.95
CA ALA A 97 -2.35 5.15 -1.02
C ALA A 97 -1.33 6.25 -1.26
N PHE A 98 -0.96 6.42 -2.53
CA PHE A 98 -0.07 7.52 -2.91
C PHE A 98 -0.66 8.87 -2.55
N LEU A 99 -1.93 9.06 -2.89
CA LEU A 99 -2.64 10.30 -2.58
C LEU A 99 -2.30 10.79 -1.17
N THR A 100 -2.42 9.91 -0.20
CA THR A 100 -2.21 10.26 1.19
C THR A 100 -0.72 10.31 1.54
N CYS A 101 0.05 9.48 0.86
CA CYS A 101 1.50 9.47 1.05
C CYS A 101 2.12 10.80 0.63
N LEU A 102 1.75 11.29 -0.55
CA LEU A 102 2.21 12.58 -1.03
C LEU A 102 1.91 13.68 -0.02
N LEU A 103 0.70 13.66 0.53
CA LEU A 103 0.30 14.62 1.55
C LEU A 103 1.29 14.62 2.71
N TYR A 104 1.52 13.45 3.29
CA TYR A 104 2.37 13.33 4.47
C TYR A 104 3.84 13.49 4.10
N LEU A 105 4.17 13.20 2.85
CA LEU A 105 5.51 13.44 2.33
C LEU A 105 5.87 14.92 2.39
N ALA A 106 4.92 15.78 1.99
CA ALA A 106 5.09 17.21 2.13
C ALA A 106 5.16 17.61 3.60
N LEU A 107 4.34 16.97 4.43
CA LEU A 107 4.32 17.26 5.86
C LEU A 107 5.62 16.86 6.53
N ASP A 108 6.26 15.83 5.99
CA ASP A 108 7.61 15.45 6.42
C ASP A 108 8.59 16.60 6.21
N VAL A 109 8.56 17.20 5.04
CA VAL A 109 9.45 18.30 4.70
C VAL A 109 9.27 19.46 5.69
N TYR A 110 8.01 19.75 6.04
CA TYR A 110 7.70 20.87 6.90
C TYR A 110 7.34 20.41 8.31
N PHE A 111 7.75 19.18 8.64
CA PHE A 111 7.53 18.64 9.98
C PHE A 111 8.29 19.43 11.03
N PRO A 112 9.57 19.66 10.77
CA PRO A 112 10.42 20.38 11.71
C PRO A 112 10.25 21.89 11.57
N GLN A 113 9.36 22.30 10.67
CA GLN A 113 9.04 23.71 10.51
C GLN A 113 7.81 24.09 11.31
N ILE A 114 7.22 23.11 11.99
CA ILE A 114 6.06 23.34 12.83
C ILE A 114 6.47 23.95 14.17
N SER A 115 5.87 25.09 14.50
CA SER A 115 6.29 25.86 15.67
C SER A 115 5.88 25.16 16.95
N SER A 116 4.82 24.36 16.88
CA SER A 116 4.31 23.66 18.06
C SER A 116 4.68 22.19 18.02
N VAL A 117 5.35 21.73 19.08
CA VAL A 117 5.71 20.32 19.20
C VAL A 117 4.47 19.44 19.33
N LYS A 118 3.45 19.97 20.00
CA LYS A 118 2.18 19.26 20.13
C LYS A 118 1.54 19.02 18.78
N ASP A 119 1.63 20.01 17.90
CA ASP A 119 1.08 19.89 16.55
C ASP A 119 1.90 18.91 15.71
N ARG A 120 3.19 18.84 15.99
CA ARG A 120 4.05 17.82 15.40
C ARG A 120 3.62 16.42 15.82
N LYS A 121 3.25 16.28 17.09
CA LYS A 121 2.71 15.03 17.60
C LYS A 121 1.39 14.68 16.90
N LYS A 122 0.56 15.69 16.68
CA LYS A 122 -0.71 15.50 16.01
C LYS A 122 -0.50 14.96 14.59
N ALA A 123 0.46 15.53 13.88
CA ALA A 123 0.77 15.10 12.52
C ALA A 123 1.16 13.62 12.49
N VAL A 124 2.02 13.22 13.41
CA VAL A 124 2.46 11.83 13.50
C VAL A 124 1.33 10.93 13.96
N LEU A 125 0.57 11.39 14.96
CA LEU A 125 -0.56 10.63 15.47
C LEU A 125 -1.54 10.27 14.36
N SER A 126 -1.69 11.18 13.40
CA SER A 126 -2.59 10.96 12.28
C SER A 126 -1.94 10.12 11.19
N ASP A 127 -0.62 10.23 11.08
CA ASP A 127 0.15 9.38 10.18
C ASP A 127 0.13 7.92 10.63
N ILE A 128 0.10 7.73 11.95
CA ILE A 128 -0.03 6.40 12.52
C ILE A 128 -1.32 5.73 12.07
N GLY A 129 -2.42 6.48 12.17
CA GLY A 129 -3.74 5.96 11.77
C GLY A 129 -3.76 5.63 10.29
N VAL A 130 -3.24 6.53 9.47
CA VAL A 130 -3.24 6.34 8.02
C VAL A 130 -2.32 5.22 7.61
N SER A 131 -1.16 5.12 8.27
CA SER A 131 -0.20 4.06 8.01
C SER A 131 -0.82 2.69 8.26
N ALA A 132 -1.48 2.54 9.40
CA ALA A 132 -2.19 1.31 9.73
C ALA A 132 -3.40 1.12 8.84
N PHE A 133 -4.04 2.23 8.47
CA PHE A 133 -5.21 2.19 7.59
C PHE A 133 -4.88 1.50 6.28
N TRP A 134 -3.80 1.92 5.64
CA TRP A 134 -3.40 1.39 4.34
C TRP A 134 -2.72 0.03 4.49
N ALA A 135 -1.97 -0.12 5.58
CA ALA A 135 -1.35 -1.41 5.89
C ALA A 135 -2.39 -2.52 5.99
N PHE A 136 -3.50 -2.23 6.67
CA PHE A 136 -4.61 -3.17 6.76
C PHE A 136 -5.18 -3.49 5.39
N LEU A 137 -5.55 -2.45 4.65
CA LEU A 137 -6.25 -2.61 3.38
C LEU A 137 -5.37 -3.31 2.35
N TRP A 138 -4.08 -2.98 2.36
CA TRP A 138 -3.11 -3.64 1.49
C TRP A 138 -2.98 -5.12 1.84
N PHE A 139 -3.00 -5.42 3.14
CA PHE A 139 -2.98 -6.81 3.60
C PHE A 139 -4.20 -7.56 3.12
N VAL A 140 -5.37 -6.94 3.28
CA VAL A 140 -6.62 -7.54 2.82
C VAL A 140 -6.60 -7.77 1.32
N GLY A 141 -6.22 -6.73 0.57
CA GLY A 141 -6.08 -6.85 -0.87
C GLY A 141 -5.08 -7.92 -1.25
N PHE A 142 -3.95 -7.95 -0.56
CA PHE A 142 -2.92 -8.97 -0.78
C PHE A 142 -3.50 -10.37 -0.63
N CYS A 143 -4.18 -10.60 0.49
CA CYS A 143 -4.75 -11.91 0.78
C CYS A 143 -5.88 -12.25 -0.17
N TYR A 144 -6.68 -11.24 -0.51
CA TYR A 144 -7.81 -11.42 -1.41
C TYR A 144 -7.34 -11.85 -2.80
N LEU A 145 -6.33 -11.17 -3.32
CA LEU A 145 -5.75 -11.52 -4.61
C LEU A 145 -5.10 -12.89 -4.58
N ALA A 146 -4.40 -13.18 -3.48
CA ALA A 146 -3.78 -14.49 -3.29
C ALA A 146 -4.82 -15.61 -3.39
N ASN A 147 -5.94 -15.42 -2.71
CA ASN A 147 -7.05 -16.37 -2.79
C ASN A 147 -7.68 -16.36 -4.18
N GLN A 148 -7.79 -15.17 -4.76
CA GLN A 148 -8.39 -15.03 -6.08
C GLN A 148 -7.65 -15.87 -7.11
N TRP A 149 -6.33 -15.95 -6.98
CA TRP A 149 -5.51 -16.76 -7.87
C TRP A 149 -5.62 -18.24 -7.53
N GLN A 150 -5.76 -18.54 -6.23
CA GLN A 150 -5.81 -19.91 -5.76
C GLN A 150 -7.07 -20.61 -6.24
N VAL A 151 -8.20 -19.90 -6.16
CA VAL A 151 -9.50 -20.50 -6.46
C VAL A 151 -9.64 -20.75 -7.95
N SER A 152 -8.79 -20.12 -8.75
CA SER A 152 -8.78 -20.33 -10.19
C SER A 152 -8.11 -21.66 -10.55
N LYS A 153 -7.43 -22.26 -9.56
CA LYS A 153 -6.78 -23.54 -9.75
C LYS A 153 -7.60 -24.68 -9.15
N PRO A 154 -7.32 -25.89 -9.60
CA PRO A 154 -7.98 -27.08 -9.06
C PRO A 154 -7.85 -27.13 -7.54
N LYS A 155 -8.92 -27.56 -6.87
CA LYS A 155 -8.99 -27.50 -5.42
C LYS A 155 -7.92 -28.37 -4.77
N ASP A 156 -7.41 -29.35 -5.53
CA ASP A 156 -6.46 -30.31 -5.00
C ASP A 156 -5.03 -29.87 -5.28
N ASN A 157 -4.88 -28.83 -6.10
CA ASN A 157 -3.56 -28.38 -6.51
C ASN A 157 -3.24 -27.00 -5.94
N PRO A 158 -1.98 -26.79 -5.61
CA PRO A 158 -1.52 -25.49 -5.12
C PRO A 158 -1.42 -24.48 -6.26
N LEU A 159 -1.30 -23.20 -5.90
CA LEU A 159 -1.14 -22.15 -6.89
C LEU A 159 0.25 -22.15 -7.49
N ASN A 160 0.34 -22.50 -8.77
CA ASN A 160 1.61 -22.54 -9.48
C ASN A 160 1.94 -21.18 -10.09
N GLU A 161 3.05 -21.12 -10.81
CA GLU A 161 3.46 -19.89 -11.47
C GLU A 161 2.43 -19.44 -12.50
N GLY A 162 1.95 -18.21 -12.35
CA GLY A 162 1.02 -17.64 -13.31
C GLY A 162 1.75 -16.77 -14.34
N THR A 163 1.16 -15.62 -14.67
CA THR A 163 1.77 -14.67 -15.58
C THR A 163 2.72 -13.74 -14.85
N ASP A 164 3.52 -13.00 -15.60
CA ASP A 164 4.45 -12.04 -15.02
C ASP A 164 3.70 -10.95 -14.26
N ALA A 165 2.58 -10.50 -14.81
CA ALA A 165 1.75 -9.50 -14.16
C ALA A 165 1.11 -10.05 -12.89
N ALA A 166 0.61 -11.28 -12.97
CA ALA A 166 0.01 -11.94 -11.82
C ALA A 166 1.01 -12.07 -10.68
N ARG A 167 2.22 -12.49 -11.00
CA ARG A 167 3.28 -12.62 -10.01
C ARG A 167 3.65 -11.26 -9.42
N ALA A 168 3.87 -10.29 -10.28
CA ALA A 168 4.28 -8.96 -9.85
C ALA A 168 3.23 -8.33 -8.93
N ALA A 169 1.96 -8.50 -9.29
CA ALA A 169 0.87 -7.95 -8.50
C ALA A 169 0.94 -8.41 -7.05
N ILE A 170 0.92 -9.73 -6.86
CA ILE A 170 0.88 -10.31 -5.52
C ILE A 170 2.21 -10.13 -4.80
N ALA A 171 3.30 -10.13 -5.58
CA ALA A 171 4.63 -9.98 -5.02
C ALA A 171 4.84 -8.59 -4.43
N PHE A 172 4.41 -7.57 -5.18
CA PHE A 172 4.60 -6.19 -4.76
C PHE A 172 3.54 -5.77 -3.76
N SER A 173 2.42 -6.47 -3.76
CA SER A 173 1.43 -6.35 -2.68
C SER A 173 2.01 -6.80 -1.35
N PHE A 174 2.76 -7.89 -1.38
CA PHE A 174 3.51 -8.34 -0.21
C PHE A 174 4.57 -7.32 0.18
N PHE A 175 5.26 -6.79 -0.82
CA PHE A 175 6.27 -5.76 -0.59
C PHE A 175 5.65 -4.49 -0.03
N SER A 176 4.42 -4.21 -0.43
CA SER A 176 3.71 -3.02 0.03
C SER A 176 3.44 -3.08 1.54
N ILE A 177 2.86 -4.19 1.98
CA ILE A 177 2.53 -4.38 3.39
C ILE A 177 3.78 -4.46 4.24
N PHE A 178 4.90 -4.85 3.62
CA PHE A 178 6.20 -4.81 4.28
C PHE A 178 6.61 -3.38 4.61
N THR A 179 6.56 -2.51 3.61
CA THR A 179 6.99 -1.13 3.78
C THR A 179 5.97 -0.33 4.59
N TRP A 180 4.71 -0.74 4.51
CA TRP A 180 3.65 -0.10 5.28
C TRP A 180 3.74 -0.47 6.76
N SER A 181 4.13 -1.71 7.02
CA SER A 181 4.40 -2.15 8.39
C SER A 181 5.57 -1.39 8.99
N LEU A 182 6.62 -1.20 8.20
CA LEU A 182 7.78 -0.42 8.63
C LEU A 182 7.41 1.03 8.87
N THR A 183 6.60 1.59 7.97
CA THR A 183 6.17 2.98 8.10
C THR A 183 5.36 3.19 9.35
N ALA A 184 4.41 2.29 9.61
CA ALA A 184 3.60 2.36 10.82
C ALA A 184 4.45 2.24 12.08
N ALA A 185 5.39 1.30 12.06
CA ALA A 185 6.28 1.09 13.20
C ALA A 185 7.08 2.34 13.52
N LEU A 186 7.60 2.99 12.48
CA LEU A 186 8.38 4.21 12.66
C LEU A 186 7.50 5.36 13.14
N ALA A 187 6.27 5.39 12.66
CA ALA A 187 5.32 6.43 13.05
C ALA A 187 4.98 6.32 14.54
N VAL A 188 4.71 5.10 14.99
CA VAL A 188 4.36 4.86 16.39
C VAL A 188 5.51 5.23 17.31
N ARG A 189 6.71 4.80 16.96
CA ARG A 189 7.90 5.11 17.75
C ARG A 189 8.16 6.62 17.77
N ARG A 190 8.01 7.25 16.61
CA ARG A 190 8.20 8.70 16.51
C ARG A 190 7.31 9.45 17.48
N PHE A 191 6.02 9.09 17.50
CA PHE A 191 5.06 9.71 18.41
C PHE A 191 5.51 9.53 19.86
N LYS A 192 5.92 8.32 20.21
CA LYS A 192 6.37 8.02 21.55
C LYS A 192 7.60 8.84 21.92
N ASP A 193 8.49 9.05 20.96
CA ASP A 193 9.69 9.84 21.17
C ASP A 193 9.35 11.32 21.32
N LEU A 194 8.34 11.77 20.58
CA LEU A 194 7.87 13.15 20.68
C LEU A 194 7.20 13.41 22.02
N SER A 195 6.47 12.42 22.52
CA SER A 195 5.77 12.56 23.79
C SER A 195 6.75 12.59 24.96
N ASP A 35 13.89 14.32 19.83
CA ASP A 35 14.23 15.48 19.02
C ASP A 35 13.63 15.37 17.62
N PRO A 36 12.73 16.28 17.29
CA PRO A 36 12.00 16.23 16.03
C PRO A 36 12.91 16.58 14.86
N TYR A 37 14.08 17.13 15.17
CA TYR A 37 15.07 17.44 14.15
C TYR A 37 16.00 16.26 13.90
N THR A 38 15.75 15.16 14.60
CA THR A 38 16.39 13.89 14.29
C THR A 38 15.40 12.88 13.76
N LEU A 39 14.11 13.12 14.03
CA LEU A 39 13.05 12.27 13.51
C LEU A 39 12.98 12.34 11.98
N VAL A 40 13.47 13.44 11.43
CA VAL A 40 13.52 13.61 9.99
C VAL A 40 14.50 12.64 9.35
N ARG A 41 15.35 12.04 10.18
CA ARG A 41 16.35 11.09 9.70
C ARG A 41 15.93 9.65 9.98
N GLN A 42 14.63 9.44 10.14
CA GLN A 42 14.10 8.12 10.43
C GLN A 42 13.84 7.34 9.14
N PRO A 43 13.82 6.01 9.25
CA PRO A 43 13.72 5.16 8.08
C PRO A 43 12.44 5.41 7.31
N HIS A 44 11.41 5.87 8.01
CA HIS A 44 10.07 5.99 7.45
C HIS A 44 10.03 7.07 6.37
N THR A 45 11.07 7.90 6.33
CA THR A 45 11.20 8.93 5.30
C THR A 45 11.54 8.31 3.95
N ILE A 46 12.03 7.08 3.97
CA ILE A 46 12.31 6.35 2.75
C ILE A 46 11.32 5.21 2.54
N LEU A 47 10.92 4.57 3.63
CA LEU A 47 9.99 3.46 3.57
C LEU A 47 8.64 3.89 3.02
N ARG A 48 8.25 5.13 3.35
CA ARG A 48 7.03 5.71 2.81
C ARG A 48 7.11 5.85 1.29
N VAL A 49 8.30 6.21 0.80
CA VAL A 49 8.53 6.29 -0.63
C VAL A 49 8.45 4.92 -1.29
N VAL A 50 8.96 3.90 -0.60
CA VAL A 50 8.88 2.54 -1.08
C VAL A 50 7.44 2.12 -1.32
N SER A 51 6.60 2.30 -0.29
CA SER A 51 5.20 1.94 -0.38
C SER A 51 4.43 2.88 -1.29
N TRP A 52 4.85 4.14 -1.32
CA TRP A 52 4.31 5.12 -2.26
C TRP A 52 4.39 4.60 -3.69
N LEU A 53 5.60 4.27 -4.13
CA LEU A 53 5.82 3.82 -5.51
C LEU A 53 5.20 2.45 -5.74
N PHE A 54 5.43 1.54 -4.81
CA PHE A 54 4.89 0.18 -4.92
C PHE A 54 3.38 0.19 -5.09
N SER A 55 2.72 1.10 -4.38
CA SER A 55 1.28 1.28 -4.53
C SER A 55 0.92 1.72 -5.93
N ILE A 56 1.73 2.60 -6.50
CA ILE A 56 1.57 3.03 -7.89
C ILE A 56 1.78 1.87 -8.85
N VAL A 57 2.81 1.08 -8.58
CA VAL A 57 3.15 -0.05 -9.44
C VAL A 57 2.00 -1.05 -9.51
N VAL A 58 1.44 -1.38 -8.36
CA VAL A 58 0.32 -2.31 -8.30
C VAL A 58 -0.91 -1.75 -9.01
N PHE A 59 -1.24 -0.51 -8.70
CA PHE A 59 -2.33 0.18 -9.39
C PHE A 59 -2.16 0.11 -10.90
N GLY A 60 -1.00 0.55 -11.38
CA GLY A 60 -0.74 0.61 -12.81
C GLY A 60 -0.81 -0.78 -13.44
N SER A 61 -0.17 -1.75 -12.80
CA SER A 61 -0.07 -3.10 -13.35
C SER A 61 -1.45 -3.71 -13.55
N ILE A 62 -2.31 -3.59 -12.54
CA ILE A 62 -3.65 -4.17 -12.59
C ILE A 62 -4.50 -3.50 -13.66
N VAL A 63 -4.48 -2.17 -13.68
CA VAL A 63 -5.26 -1.39 -14.64
C VAL A 63 -4.85 -1.72 -16.07
N ASN A 64 -3.54 -1.86 -16.29
CA ASN A 64 -3.02 -2.15 -17.61
C ASN A 64 -3.52 -3.51 -18.11
N GLU A 65 -3.59 -4.48 -17.22
CA GLU A 65 -4.07 -5.81 -17.57
C GLU A 65 -5.59 -5.82 -17.75
N GLY A 66 -6.30 -5.26 -16.78
CA GLY A 66 -7.76 -5.30 -16.77
C GLY A 66 -8.27 -6.29 -15.73
N TYR A 67 -9.55 -6.19 -15.39
CA TYR A 67 -10.15 -7.04 -14.37
C TYR A 67 -10.55 -8.39 -14.94
N LEU A 68 -11.39 -8.36 -15.97
CA LEU A 68 -11.92 -9.59 -16.55
C LEU A 68 -10.89 -10.25 -17.47
N ASN A 69 -9.80 -9.55 -17.73
CA ASN A 69 -8.71 -10.08 -18.55
C ASN A 69 -7.82 -11.02 -17.74
N SER A 70 -7.96 -10.97 -16.43
CA SER A 70 -7.17 -11.81 -15.54
C SER A 70 -7.79 -13.20 -15.39
N ALA A 71 -6.99 -14.14 -14.90
CA ALA A 71 -7.47 -15.50 -14.67
C ALA A 71 -8.31 -15.59 -13.40
N SER A 72 -9.31 -16.46 -13.41
CA SER A 72 -10.18 -16.65 -12.25
C SER A 72 -10.94 -17.97 -12.35
N GLU A 73 -10.85 -18.78 -11.30
CA GLU A 73 -11.53 -20.06 -11.26
C GLU A 73 -12.64 -20.05 -10.22
N GLY A 74 -13.80 -20.59 -10.60
CA GLY A 74 -14.95 -20.64 -9.70
C GLY A 74 -16.21 -21.09 -10.44
N GLU A 75 -17.33 -21.06 -9.74
CA GLU A 75 -18.60 -21.48 -10.32
C GLU A 75 -19.64 -20.37 -10.28
N GLU A 76 -19.16 -19.13 -10.23
CA GLU A 76 -20.04 -17.97 -10.22
C GLU A 76 -20.94 -17.97 -8.98
N PHE A 77 -20.31 -18.13 -7.82
CA PHE A 77 -21.00 -17.93 -6.55
C PHE A 77 -20.23 -16.97 -5.65
N CYS A 78 -20.91 -16.45 -4.64
CA CYS A 78 -20.34 -15.44 -3.76
C CYS A 78 -19.32 -16.05 -2.80
N ILE A 79 -19.27 -17.37 -2.77
CA ILE A 79 -18.30 -18.08 -1.94
C ILE A 79 -16.94 -18.12 -2.61
N TYR A 80 -16.91 -17.78 -3.90
CA TYR A 80 -15.66 -17.76 -4.67
C TYR A 80 -15.08 -16.35 -4.73
N ASN A 81 -13.76 -16.25 -4.62
CA ASN A 81 -13.09 -14.96 -4.63
C ASN A 81 -12.85 -14.48 -6.05
N ARG A 82 -13.90 -13.97 -6.69
CA ARG A 82 -13.80 -13.45 -8.05
C ARG A 82 -12.55 -12.60 -8.22
N ASN A 83 -11.64 -13.05 -9.08
CA ASN A 83 -10.34 -12.41 -9.22
C ASN A 83 -10.47 -10.98 -9.73
N PRO A 84 -11.29 -10.80 -10.77
CA PRO A 84 -11.58 -9.47 -11.29
C PRO A 84 -11.90 -8.49 -10.16
N ASN A 85 -12.66 -8.95 -9.18
CA ASN A 85 -12.99 -8.14 -8.01
C ASN A 85 -11.76 -7.91 -7.15
N ALA A 86 -11.00 -8.97 -6.92
CA ALA A 86 -9.75 -8.87 -6.16
C ALA A 86 -8.78 -7.89 -6.80
N CYS A 87 -8.79 -7.85 -8.13
CA CYS A 87 -8.00 -6.87 -8.88
C CYS A 87 -8.49 -5.46 -8.64
N SER A 88 -9.81 -5.28 -8.67
CA SER A 88 -10.41 -3.97 -8.44
C SER A 88 -10.22 -3.53 -7.00
N TYR A 89 -10.02 -4.49 -6.10
CA TYR A 89 -9.68 -4.20 -4.71
C TYR A 89 -8.26 -3.65 -4.59
N GLY A 90 -7.34 -4.24 -5.34
CA GLY A 90 -5.97 -3.74 -5.41
C GLY A 90 -5.94 -2.31 -5.95
N VAL A 91 -6.78 -2.05 -6.95
CA VAL A 91 -6.90 -0.71 -7.50
C VAL A 91 -7.53 0.25 -6.50
N ALA A 92 -8.63 -0.17 -5.90
CA ALA A 92 -9.37 0.67 -4.96
C ALA A 92 -8.47 1.10 -3.81
N VAL A 93 -7.61 0.20 -3.35
CA VAL A 93 -6.67 0.50 -2.29
C VAL A 93 -5.48 1.30 -2.82
N GLY A 94 -4.89 0.82 -3.90
CA GLY A 94 -3.66 1.41 -4.43
C GLY A 94 -3.86 2.86 -4.86
N VAL A 95 -4.95 3.09 -5.58
CA VAL A 95 -5.22 4.41 -6.16
C VAL A 95 -5.33 5.47 -5.07
N LEU A 96 -5.69 5.04 -3.86
CA LEU A 96 -5.80 5.95 -2.72
C LEU A 96 -4.58 5.83 -1.82
N ALA A 97 -3.90 4.70 -1.88
CA ALA A 97 -2.72 4.45 -1.06
C ALA A 97 -1.64 5.49 -1.33
N PHE A 98 -1.19 5.54 -2.58
CA PHE A 98 -0.11 6.45 -2.97
C PHE A 98 -0.60 7.89 -3.00
N LEU A 99 -1.91 8.06 -3.01
CA LEU A 99 -2.52 9.40 -2.90
C LEU A 99 -2.23 10.02 -1.55
N THR A 100 -2.37 9.23 -0.49
CA THR A 100 -2.13 9.71 0.87
C THR A 100 -0.65 9.66 1.22
N CYS A 101 0.07 8.74 0.57
CA CYS A 101 1.50 8.60 0.81
C CYS A 101 2.25 9.88 0.46
N LEU A 102 1.99 10.40 -0.74
CA LEU A 102 2.64 11.63 -1.19
C LEU A 102 2.40 12.77 -0.21
N LEU A 103 1.20 12.84 0.33
CA LEU A 103 0.85 13.87 1.31
C LEU A 103 1.77 13.80 2.52
N TYR A 104 1.81 12.63 3.16
CA TYR A 104 2.57 12.46 4.38
C TYR A 104 4.08 12.44 4.09
N LEU A 105 4.43 12.08 2.86
CA LEU A 105 5.81 12.16 2.41
C LEU A 105 6.33 13.60 2.45
N ALA A 106 5.54 14.51 1.89
CA ALA A 106 5.86 15.94 1.96
C ALA A 106 5.94 16.43 3.40
N LEU A 107 5.05 15.92 4.24
CA LEU A 107 5.02 16.30 5.64
C LEU A 107 6.27 15.84 6.37
N ASP A 108 6.77 14.67 5.98
CA ASP A 108 8.02 14.15 6.53
C ASP A 108 9.21 14.98 6.05
N VAL A 109 9.22 15.31 4.77
CA VAL A 109 10.28 16.12 4.18
C VAL A 109 10.38 17.47 4.89
N TYR A 110 9.23 18.08 5.16
CA TYR A 110 9.19 19.37 5.84
C TYR A 110 8.72 19.22 7.28
N PHE A 111 8.97 18.06 7.86
CA PHE A 111 8.53 17.77 9.22
C PHE A 111 9.16 18.74 10.22
N PRO A 112 10.47 18.89 10.14
CA PRO A 112 11.20 19.76 11.06
C PRO A 112 11.08 21.22 10.64
N GLN A 113 10.39 21.45 9.52
CA GLN A 113 10.16 22.82 9.03
C GLN A 113 8.81 23.33 9.49
N ILE A 114 8.06 22.49 10.22
CA ILE A 114 6.78 22.90 10.78
C ILE A 114 6.97 23.78 12.00
N SER A 115 6.39 24.97 11.96
CA SER A 115 6.65 26.00 12.98
C SER A 115 6.10 25.58 14.33
N SER A 116 5.05 24.75 14.32
CA SER A 116 4.41 24.30 15.54
C SER A 116 4.76 22.86 15.84
N VAL A 117 5.38 22.63 17.01
CA VAL A 117 5.72 21.29 17.45
C VAL A 117 4.47 20.47 17.72
N LYS A 118 3.43 21.14 18.20
CA LYS A 118 2.14 20.50 18.43
C LYS A 118 1.55 19.95 17.13
N ASP A 119 1.68 20.74 16.06
CA ASP A 119 1.17 20.34 14.76
C ASP A 119 1.99 19.19 14.18
N ARG A 120 3.28 19.16 14.51
CA ARG A 120 4.13 18.02 14.18
C ARG A 120 3.59 16.74 14.81
N LYS A 121 3.19 16.83 16.07
CA LYS A 121 2.58 15.70 16.77
C LYS A 121 1.26 15.30 16.11
N LYS A 122 0.47 16.30 15.74
CA LYS A 122 -0.82 16.05 15.12
C LYS A 122 -0.67 15.24 13.84
N ALA A 123 0.31 15.61 13.02
CA ALA A 123 0.57 14.92 11.77
C ALA A 123 0.87 13.44 12.01
N VAL A 124 1.69 13.17 13.01
CA VAL A 124 2.04 11.80 13.36
C VAL A 124 0.85 11.05 13.94
N LEU A 125 0.09 11.73 14.79
CA LEU A 125 -1.11 11.15 15.38
C LEU A 125 -2.03 10.58 14.30
N SER A 126 -2.09 11.25 13.17
CA SER A 126 -2.96 10.84 12.07
C SER A 126 -2.26 9.82 11.17
N ASP A 127 -0.95 9.94 11.07
CA ASP A 127 -0.16 9.05 10.22
C ASP A 127 -0.18 7.62 10.76
N ILE A 128 -0.19 7.49 12.07
CA ILE A 128 -0.26 6.18 12.71
C ILE A 128 -1.47 5.39 12.24
N GLY A 129 -2.62 6.05 12.23
CA GLY A 129 -3.86 5.42 11.79
C GLY A 129 -3.81 5.07 10.31
N VAL A 130 -3.31 6.00 9.50
CA VAL A 130 -3.26 5.82 8.06
C VAL A 130 -2.34 4.66 7.68
N SER A 131 -1.20 4.57 8.35
CA SER A 131 -0.23 3.50 8.10
C SER A 131 -0.85 2.14 8.32
N ALA A 132 -1.47 1.96 9.49
CA ALA A 132 -2.15 0.71 9.82
C ALA A 132 -3.37 0.50 8.94
N PHE A 133 -4.03 1.59 8.59
CA PHE A 133 -5.22 1.53 7.75
C PHE A 133 -4.91 0.85 6.41
N TRP A 134 -3.84 1.29 5.76
CA TRP A 134 -3.45 0.75 4.46
C TRP A 134 -2.86 -0.65 4.61
N ALA A 135 -2.14 -0.87 5.70
CA ALA A 135 -1.59 -2.18 6.00
C ALA A 135 -2.67 -3.26 5.99
N PHE A 136 -3.80 -2.96 6.64
CA PHE A 136 -4.93 -3.87 6.69
C PHE A 136 -5.47 -4.14 5.29
N LEU A 137 -5.77 -3.08 4.56
CA LEU A 137 -6.44 -3.18 3.28
C LEU A 137 -5.56 -3.89 2.26
N TRP A 138 -4.26 -3.60 2.31
CA TRP A 138 -3.30 -4.26 1.44
C TRP A 138 -3.21 -5.76 1.74
N PHE A 139 -3.27 -6.10 3.02
CA PHE A 139 -3.28 -7.50 3.43
C PHE A 139 -4.46 -8.24 2.84
N VAL A 140 -5.64 -7.65 2.97
CA VAL A 140 -6.88 -8.27 2.50
C VAL A 140 -6.85 -8.42 0.98
N GLY A 141 -6.55 -7.32 0.29
CA GLY A 141 -6.49 -7.32 -1.17
C GLY A 141 -5.43 -8.30 -1.67
N PHE A 142 -4.27 -8.29 -1.03
CA PHE A 142 -3.20 -9.22 -1.38
C PHE A 142 -3.66 -10.66 -1.29
N CYS A 143 -4.27 -11.01 -0.16
CA CYS A 143 -4.67 -12.40 0.09
C CYS A 143 -5.66 -12.89 -0.94
N TYR A 144 -6.68 -12.06 -1.21
CA TYR A 144 -7.74 -12.44 -2.15
C TYR A 144 -7.19 -12.61 -3.57
N LEU A 145 -6.34 -11.67 -3.98
CA LEU A 145 -5.78 -11.69 -5.32
C LEU A 145 -4.76 -12.80 -5.49
N ALA A 146 -3.87 -12.93 -4.51
CA ALA A 146 -2.80 -13.92 -4.57
C ALA A 146 -3.36 -15.33 -4.56
N ASN A 147 -4.27 -15.60 -3.65
CA ASN A 147 -4.83 -16.94 -3.48
C ASN A 147 -5.64 -17.37 -4.70
N GLN A 148 -6.49 -16.46 -5.18
CA GLN A 148 -7.35 -16.74 -6.32
C GLN A 148 -6.52 -17.01 -7.58
N TRP A 149 -5.58 -16.11 -7.85
CA TRP A 149 -4.75 -16.21 -9.05
C TRP A 149 -3.90 -17.48 -9.01
N GLN A 150 -3.33 -17.79 -7.86
CA GLN A 150 -2.47 -18.96 -7.71
C GLN A 150 -3.23 -20.24 -8.04
N VAL A 151 -4.49 -20.29 -7.62
CA VAL A 151 -5.34 -21.44 -7.92
C VAL A 151 -5.73 -21.46 -9.40
N SER A 152 -6.13 -20.30 -9.91
CA SER A 152 -6.62 -20.19 -11.29
C SER A 152 -5.47 -20.23 -12.29
N LYS A 153 -4.25 -20.09 -11.78
CA LYS A 153 -3.06 -20.11 -12.63
C LYS A 153 -2.02 -21.09 -12.10
N PRO A 154 -2.20 -22.36 -12.43
CA PRO A 154 -1.23 -23.39 -12.05
C PRO A 154 0.17 -23.04 -12.53
N LYS A 155 1.17 -23.50 -11.81
CA LYS A 155 2.56 -23.18 -12.13
C LYS A 155 2.95 -23.74 -13.50
N ASP A 156 2.19 -24.73 -13.97
CA ASP A 156 2.45 -25.36 -15.24
C ASP A 156 1.41 -24.96 -16.29
N ASN A 157 0.76 -23.83 -16.05
CA ASN A 157 -0.22 -23.31 -17.00
C ASN A 157 0.33 -22.10 -17.75
N PRO A 158 0.72 -22.34 -19.00
CA PRO A 158 1.34 -21.29 -19.83
C PRO A 158 0.29 -20.36 -20.40
N LEU A 159 -0.98 -20.78 -20.35
CA LEU A 159 -2.06 -20.04 -20.98
C LEU A 159 -2.48 -18.84 -20.13
N ASN A 160 -2.39 -18.99 -18.82
CA ASN A 160 -2.69 -17.90 -17.90
C ASN A 160 -1.41 -17.19 -17.45
N GLU A 161 -0.28 -17.59 -18.03
CA GLU A 161 0.99 -16.96 -17.73
C GLU A 161 0.99 -15.49 -18.13
N GLY A 162 0.18 -15.15 -19.12
CA GLY A 162 0.17 -13.80 -19.68
C GLY A 162 -0.55 -12.83 -18.76
N THR A 163 -1.14 -13.36 -17.70
CA THR A 163 -1.79 -12.52 -16.69
C THR A 163 -0.87 -12.29 -15.50
N ASP A 164 0.40 -12.03 -15.78
CA ASP A 164 1.42 -11.95 -14.74
C ASP A 164 1.41 -10.58 -14.07
N ALA A 165 0.52 -9.71 -14.54
CA ALA A 165 0.28 -8.44 -13.87
C ALA A 165 -0.25 -8.65 -12.46
N ALA A 166 -1.01 -9.72 -12.27
CA ALA A 166 -1.51 -10.09 -10.95
C ALA A 166 -0.38 -10.59 -10.06
N ARG A 167 0.55 -11.34 -10.65
CA ARG A 167 1.72 -11.82 -9.93
C ARG A 167 2.57 -10.66 -9.43
N ALA A 168 2.77 -9.67 -10.29
CA ALA A 168 3.47 -8.45 -9.90
C ALA A 168 2.68 -7.67 -8.85
N ALA A 169 1.38 -7.58 -9.06
CA ALA A 169 0.50 -6.85 -8.13
C ALA A 169 0.66 -7.37 -6.71
N ILE A 170 0.58 -8.70 -6.55
CA ILE A 170 0.65 -9.31 -5.23
C ILE A 170 2.07 -9.32 -4.70
N ALA A 171 3.04 -9.30 -5.61
CA ALA A 171 4.44 -9.22 -5.22
C ALA A 171 4.74 -7.90 -4.52
N PHE A 172 4.34 -6.79 -5.14
CA PHE A 172 4.61 -5.47 -4.61
C PHE A 172 3.65 -5.13 -3.48
N SER A 173 2.47 -5.72 -3.52
CA SER A 173 1.52 -5.61 -2.42
C SER A 173 2.07 -6.23 -1.15
N PHE A 174 2.61 -7.43 -1.26
CA PHE A 174 3.27 -8.09 -0.15
C PHE A 174 4.40 -7.24 0.41
N PHE A 175 5.21 -6.67 -0.48
CA PHE A 175 6.31 -5.81 -0.07
C PHE A 175 5.80 -4.59 0.68
N SER A 176 4.69 -4.04 0.23
CA SER A 176 4.13 -2.83 0.82
C SER A 176 3.53 -3.12 2.19
N ILE A 177 2.96 -4.32 2.34
CA ILE A 177 2.40 -4.75 3.61
C ILE A 177 3.46 -4.74 4.72
N PHE A 178 4.60 -5.36 4.44
CA PHE A 178 5.73 -5.33 5.36
C PHE A 178 6.21 -3.90 5.59
N THR A 179 6.33 -3.14 4.51
CA THR A 179 6.79 -1.75 4.60
C THR A 179 5.84 -0.91 5.46
N TRP A 180 4.54 -1.14 5.28
CA TRP A 180 3.52 -0.39 6.02
C TRP A 180 3.60 -0.69 7.51
N SER A 181 3.91 -1.93 7.85
CA SER A 181 4.02 -2.33 9.24
C SER A 181 5.26 -1.72 9.90
N LEU A 182 6.28 -1.46 9.09
CA LEU A 182 7.48 -0.78 9.56
C LEU A 182 7.18 0.69 9.85
N THR A 183 6.48 1.34 8.95
CA THR A 183 6.15 2.75 9.10
C THR A 183 5.12 2.97 10.21
N ALA A 184 4.29 1.96 10.44
CA ALA A 184 3.34 1.98 11.55
C ALA A 184 4.07 2.00 12.89
N ALA A 185 5.04 1.11 13.04
CA ALA A 185 5.84 1.06 14.26
C ALA A 185 6.65 2.35 14.44
N LEU A 186 7.27 2.81 13.36
CA LEU A 186 8.10 4.01 13.41
C LEU A 186 7.26 5.24 13.73
N ALA A 187 6.04 5.28 13.20
CA ALA A 187 5.13 6.38 13.47
C ALA A 187 4.80 6.47 14.96
N VAL A 188 4.57 5.32 15.58
CA VAL A 188 4.30 5.27 17.02
C VAL A 188 5.53 5.66 17.82
N ARG A 189 6.69 5.19 17.38
CA ARG A 189 7.94 5.48 18.08
C ARG A 189 8.22 6.97 18.13
N ARG A 190 8.06 7.63 16.99
CA ARG A 190 8.33 9.06 16.88
C ARG A 190 7.22 9.88 17.53
N PHE A 191 6.02 9.30 17.59
CA PHE A 191 4.92 9.88 18.34
C PHE A 191 5.25 9.97 19.82
N LYS A 192 5.83 8.90 20.37
CA LYS A 192 6.24 8.87 21.77
C LYS A 192 7.25 9.96 22.06
N ASP A 193 8.11 10.24 21.09
CA ASP A 193 9.08 11.34 21.21
C ASP A 193 8.37 12.69 21.22
N LEU A 194 7.30 12.81 20.44
CA LEU A 194 6.55 14.05 20.34
C LEU A 194 5.51 14.14 21.45
N SER A 195 5.25 13.02 22.11
CA SER A 195 4.23 12.96 23.15
C SER A 195 4.32 14.16 24.08
N ASP A 35 13.75 17.60 20.71
CA ASP A 35 14.98 17.94 19.99
C ASP A 35 14.76 17.86 18.49
N PRO A 36 14.83 19.01 17.82
CA PRO A 36 14.57 19.08 16.38
C PRO A 36 15.69 18.45 15.58
N TYR A 37 16.82 18.21 16.23
CA TYR A 37 17.97 17.58 15.59
C TYR A 37 17.88 16.06 15.64
N THR A 38 16.85 15.56 16.32
CA THR A 38 16.52 14.15 16.26
C THR A 38 15.22 13.91 15.51
N LEU A 39 14.36 14.94 15.48
CA LEU A 39 13.15 14.91 14.68
C LEU A 39 13.49 14.90 13.19
N VAL A 40 14.44 15.73 12.80
CA VAL A 40 14.89 15.78 11.41
C VAL A 40 15.65 14.52 11.02
N ARG A 41 16.19 13.84 12.02
CA ARG A 41 16.89 12.58 11.79
C ARG A 41 16.05 11.39 12.25
N GLN A 42 14.75 11.61 12.39
CA GLN A 42 13.85 10.61 12.95
C GLN A 42 13.56 9.52 11.93
N PRO A 43 13.62 8.27 12.37
CA PRO A 43 13.36 7.13 11.49
C PRO A 43 11.91 7.10 11.05
N HIS A 44 11.04 7.74 11.83
CA HIS A 44 9.66 7.97 11.42
C HIS A 44 9.59 8.56 10.02
N THR A 45 10.31 9.66 9.81
CA THR A 45 10.37 10.30 8.51
C THR A 45 10.93 9.36 7.45
N ILE A 46 11.97 8.62 7.83
CA ILE A 46 12.58 7.65 6.92
C ILE A 46 11.56 6.60 6.49
N LEU A 47 10.74 6.15 7.43
CA LEU A 47 9.72 5.14 7.14
C LEU A 47 8.64 5.70 6.23
N ARG A 48 8.41 7.00 6.32
CA ARG A 48 7.50 7.69 5.41
C ARG A 48 8.03 7.66 3.98
N VAL A 49 9.35 7.80 3.84
CA VAL A 49 9.99 7.69 2.53
C VAL A 49 9.92 6.26 2.00
N VAL A 50 10.11 5.29 2.90
CA VAL A 50 10.00 3.89 2.55
C VAL A 50 8.63 3.57 1.95
N SER A 51 7.58 3.95 2.67
CA SER A 51 6.22 3.71 2.22
C SER A 51 5.86 4.59 1.04
N TRP A 52 6.45 5.78 0.99
CA TRP A 52 6.28 6.68 -0.15
C TRP A 52 6.67 5.98 -1.45
N LEU A 53 7.86 5.42 -1.48
CA LEU A 53 8.35 4.72 -2.66
C LEU A 53 7.52 3.46 -2.93
N PHE A 54 7.32 2.65 -1.88
CA PHE A 54 6.56 1.42 -2.00
C PHE A 54 5.18 1.68 -2.60
N SER A 55 4.54 2.75 -2.15
CA SER A 55 3.20 3.08 -2.62
C SER A 55 3.20 3.42 -4.11
N ILE A 56 4.30 4.01 -4.57
CA ILE A 56 4.49 4.25 -6.00
C ILE A 56 4.63 2.95 -6.76
N VAL A 57 5.45 2.04 -6.24
CA VAL A 57 5.71 0.77 -6.91
C VAL A 57 4.44 -0.08 -6.97
N VAL A 58 3.71 -0.12 -5.87
CA VAL A 58 2.47 -0.90 -5.80
C VAL A 58 1.47 -0.40 -6.83
N PHE A 59 1.18 0.88 -6.79
CA PHE A 59 0.24 1.49 -7.73
C PHE A 59 0.65 1.21 -9.17
N GLY A 60 1.87 1.57 -9.51
CA GLY A 60 2.35 1.47 -10.88
C GLY A 60 2.32 0.02 -11.37
N SER A 61 2.80 -0.89 -10.52
CA SER A 61 2.91 -2.30 -10.88
C SER A 61 1.54 -2.92 -11.16
N ILE A 62 0.59 -2.65 -10.28
CA ILE A 62 -0.75 -3.22 -10.40
C ILE A 62 -1.47 -2.69 -11.63
N VAL A 63 -1.42 -1.37 -11.82
CA VAL A 63 -2.11 -0.74 -12.95
C VAL A 63 -1.57 -1.27 -14.27
N ASN A 64 -0.24 -1.27 -14.41
CA ASN A 64 0.39 -1.58 -15.68
C ASN A 64 0.51 -3.09 -15.89
N GLU A 65 1.24 -3.75 -15.01
CA GLU A 65 1.64 -5.14 -15.22
C GLU A 65 0.59 -6.11 -14.68
N GLY A 66 0.00 -5.76 -13.54
CA GLY A 66 -0.89 -6.66 -12.83
C GLY A 66 -2.30 -6.61 -13.39
N TYR A 67 -2.59 -5.55 -14.15
CA TYR A 67 -3.95 -5.31 -14.64
C TYR A 67 -3.97 -5.20 -16.16
N LEU A 68 -3.39 -4.14 -16.68
CA LEU A 68 -3.45 -3.87 -18.12
C LEU A 68 -2.77 -4.97 -18.92
N ASN A 69 -1.69 -5.51 -18.38
CA ASN A 69 -0.94 -6.57 -19.06
C ASN A 69 -1.33 -7.94 -18.54
N SER A 70 -2.45 -8.01 -17.83
CA SER A 70 -2.95 -9.27 -17.30
C SER A 70 -3.44 -10.17 -18.42
N ALA A 71 -3.70 -9.58 -19.59
CA ALA A 71 -4.17 -10.33 -20.75
C ALA A 71 -3.03 -11.10 -21.41
N SER A 72 -1.83 -10.96 -20.84
CA SER A 72 -0.68 -11.73 -21.30
C SER A 72 -0.83 -13.21 -21.00
N GLU A 73 -1.78 -13.53 -20.11
CA GLU A 73 -2.08 -14.92 -19.78
C GLU A 73 -2.24 -15.76 -21.04
N GLY A 74 -1.48 -16.84 -21.13
CA GLY A 74 -1.51 -17.71 -22.30
C GLY A 74 -0.45 -18.80 -22.21
N GLU A 75 -0.15 -19.42 -23.34
CA GLU A 75 0.81 -20.53 -23.38
C GLU A 75 2.20 -20.05 -22.99
N GLU A 76 2.80 -20.74 -22.01
CA GLU A 76 4.14 -20.39 -21.55
C GLU A 76 4.17 -18.99 -20.95
N PHE A 77 3.08 -18.60 -20.29
CA PHE A 77 3.08 -17.40 -19.46
C PHE A 77 2.74 -17.75 -18.00
N CYS A 78 3.43 -17.09 -17.08
CA CYS A 78 3.11 -17.22 -15.66
C CYS A 78 2.19 -16.10 -15.20
N ILE A 79 1.63 -15.37 -16.16
CA ILE A 79 0.70 -14.29 -15.85
C ILE A 79 -0.74 -14.77 -15.93
N TYR A 80 -1.54 -14.39 -14.93
CA TYR A 80 -2.95 -14.75 -14.90
C TYR A 80 -3.83 -13.53 -14.68
N ASN A 81 -5.06 -13.60 -15.18
CA ASN A 81 -6.01 -12.48 -15.06
C ASN A 81 -6.39 -12.26 -13.61
N ARG A 82 -6.80 -11.03 -13.30
CA ARG A 82 -7.17 -10.67 -11.94
C ARG A 82 -8.48 -9.90 -11.90
N ASN A 83 -9.16 -9.95 -10.77
CA ASN A 83 -10.40 -9.20 -10.58
C ASN A 83 -10.13 -7.72 -10.45
N PRO A 84 -10.74 -6.92 -11.32
CA PRO A 84 -10.56 -5.48 -11.30
C PRO A 84 -10.82 -4.91 -9.92
N ASN A 85 -11.76 -5.51 -9.20
CA ASN A 85 -12.12 -5.06 -7.87
C ASN A 85 -10.94 -5.11 -6.92
N ALA A 86 -10.29 -6.27 -6.87
CA ALA A 86 -9.11 -6.46 -6.03
C ALA A 86 -8.00 -5.49 -6.41
N CYS A 87 -7.84 -5.27 -7.72
CA CYS A 87 -6.84 -4.35 -8.22
C CYS A 87 -7.15 -2.91 -7.82
N SER A 88 -8.43 -2.58 -7.82
CA SER A 88 -8.87 -1.22 -7.50
C SER A 88 -8.57 -0.88 -6.04
N TYR A 89 -8.58 -1.90 -5.18
CA TYR A 89 -8.21 -1.72 -3.78
C TYR A 89 -6.71 -1.47 -3.63
N GLY A 90 -5.92 -2.18 -4.42
CA GLY A 90 -4.47 -2.04 -4.37
C GLY A 90 -4.02 -0.65 -4.81
N VAL A 91 -4.57 -0.19 -5.93
CA VAL A 91 -4.16 1.08 -6.51
C VAL A 91 -4.73 2.26 -5.73
N ALA A 92 -5.86 2.03 -5.06
CA ALA A 92 -6.48 3.05 -4.22
C ALA A 92 -5.55 3.45 -3.08
N VAL A 93 -5.10 2.46 -2.32
CA VAL A 93 -4.22 2.72 -1.17
C VAL A 93 -2.82 3.11 -1.64
N GLY A 94 -2.46 2.68 -2.84
CA GLY A 94 -1.15 3.00 -3.41
C GLY A 94 -1.04 4.48 -3.73
N VAL A 95 -1.94 4.98 -4.58
CA VAL A 95 -1.83 6.34 -5.08
C VAL A 95 -2.13 7.36 -3.99
N LEU A 96 -2.96 6.97 -3.03
CA LEU A 96 -3.36 7.87 -1.95
C LEU A 96 -2.31 7.91 -0.85
N ALA A 97 -1.61 6.79 -0.66
CA ALA A 97 -0.48 6.75 0.24
C ALA A 97 0.69 7.59 -0.28
N PHE A 98 0.89 7.54 -1.60
CA PHE A 98 1.82 8.45 -2.26
C PHE A 98 1.44 9.91 -1.99
N LEU A 99 0.18 10.23 -2.20
CA LEU A 99 -0.31 11.58 -1.95
C LEU A 99 -0.05 12.01 -0.51
N THR A 100 -0.43 11.16 0.43
CA THR A 100 -0.26 11.45 1.84
C THR A 100 1.21 11.66 2.18
N CYS A 101 2.04 10.67 1.85
CA CYS A 101 3.45 10.69 2.22
C CYS A 101 4.17 11.87 1.57
N LEU A 102 3.85 12.12 0.31
CA LEU A 102 4.43 13.25 -0.41
C LEU A 102 4.25 14.55 0.37
N LEU A 103 3.02 14.82 0.77
CA LEU A 103 2.71 16.06 1.47
C LEU A 103 3.25 16.06 2.89
N TYR A 104 3.23 14.88 3.52
CA TYR A 104 3.64 14.76 4.91
C TYR A 104 5.16 14.85 5.04
N LEU A 105 5.86 14.35 4.03
CA LEU A 105 7.31 14.51 3.96
C LEU A 105 7.70 15.96 3.77
N ALA A 106 6.93 16.67 2.97
CA ALA A 106 7.12 18.11 2.79
C ALA A 106 7.00 18.86 4.10
N LEU A 107 6.06 18.42 4.94
CA LEU A 107 5.94 18.94 6.29
C LEU A 107 7.19 18.65 7.11
N ASP A 108 7.65 17.41 7.06
CA ASP A 108 8.78 16.98 7.87
C ASP A 108 10.02 17.82 7.59
N VAL A 109 10.12 18.32 6.36
CA VAL A 109 11.21 19.20 5.99
C VAL A 109 11.28 20.40 6.94
N TYR A 110 10.13 20.90 7.35
CA TYR A 110 10.06 22.11 8.16
C TYR A 110 9.42 21.83 9.51
N PHE A 111 9.10 20.56 9.76
CA PHE A 111 8.45 20.16 11.01
C PHE A 111 9.31 20.53 12.21
N PRO A 112 10.59 20.17 12.15
CA PRO A 112 11.52 20.45 13.24
C PRO A 112 12.01 21.89 13.17
N GLN A 113 11.53 22.63 12.18
CA GLN A 113 11.82 24.06 12.08
C GLN A 113 10.69 24.89 12.69
N ILE A 114 9.66 24.21 13.18
CA ILE A 114 8.54 24.88 13.82
C ILE A 114 8.94 25.41 15.21
N SER A 115 8.79 26.72 15.39
CA SER A 115 9.27 27.37 16.60
C SER A 115 8.42 26.97 17.80
N SER A 116 7.18 26.56 17.54
CA SER A 116 6.26 26.16 18.60
C SER A 116 6.21 24.65 18.73
N VAL A 117 6.74 24.12 19.83
CA VAL A 117 6.66 22.70 20.12
C VAL A 117 5.22 22.23 20.27
N LYS A 118 4.34 23.17 20.65
CA LYS A 118 2.92 22.89 20.75
C LYS A 118 2.30 22.63 19.40
N ASP A 119 2.70 23.43 18.41
CA ASP A 119 2.23 23.26 17.04
C ASP A 119 2.75 21.96 16.43
N ARG A 120 3.96 21.58 16.83
CA ARG A 120 4.49 20.26 16.48
C ARG A 120 3.61 19.16 17.05
N LYS A 121 3.22 19.29 18.30
CA LYS A 121 2.31 18.34 18.93
C LYS A 121 0.99 18.26 18.19
N LYS A 122 0.48 19.41 17.77
CA LYS A 122 -0.78 19.47 17.05
C LYS A 122 -0.74 18.63 15.78
N ALA A 123 0.37 18.72 15.07
CA ALA A 123 0.56 17.93 13.84
C ALA A 123 0.56 16.43 14.15
N VAL A 124 1.31 16.05 15.17
CA VAL A 124 1.47 14.64 15.53
C VAL A 124 0.15 14.06 16.03
N LEU A 125 -0.65 14.89 16.69
CA LEU A 125 -1.98 14.49 17.14
C LEU A 125 -2.77 13.85 16.01
N SER A 126 -2.48 14.28 14.77
CA SER A 126 -3.23 13.81 13.61
C SER A 126 -2.47 12.71 12.88
N ASP A 127 -1.14 12.78 12.93
CA ASP A 127 -0.29 11.80 12.27
C ASP A 127 -0.50 10.41 12.86
N ILE A 128 -0.74 10.35 14.17
CA ILE A 128 -0.99 9.09 14.85
C ILE A 128 -2.16 8.36 14.22
N GLY A 129 -3.23 9.08 13.94
CA GLY A 129 -4.44 8.49 13.38
C GLY A 129 -4.23 8.09 11.92
N VAL A 130 -3.49 8.92 11.19
CA VAL A 130 -3.22 8.65 9.78
C VAL A 130 -2.46 7.35 9.60
N SER A 131 -1.37 7.20 10.36
CA SER A 131 -0.55 6.00 10.28
C SER A 131 -1.32 4.75 10.69
N ALA A 132 -2.06 4.86 11.78
CA ALA A 132 -2.85 3.76 12.29
C ALA A 132 -3.90 3.31 11.28
N PHE A 133 -4.53 4.28 10.64
CA PHE A 133 -5.58 4.00 9.66
C PHE A 133 -5.00 3.37 8.40
N TRP A 134 -3.83 3.85 7.98
CA TRP A 134 -3.17 3.33 6.80
C TRP A 134 -2.78 1.87 6.98
N ALA A 135 -2.35 1.53 8.19
CA ALA A 135 -2.09 0.14 8.54
C ALA A 135 -3.29 -0.75 8.27
N PHE A 136 -4.48 -0.27 8.66
CA PHE A 136 -5.72 -0.95 8.33
C PHE A 136 -5.95 -0.98 6.82
N LEU A 137 -5.81 0.18 6.18
CA LEU A 137 -6.14 0.30 4.76
C LEU A 137 -5.26 -0.61 3.91
N TRP A 138 -3.98 -0.68 4.26
CA TRP A 138 -3.03 -1.49 3.51
C TRP A 138 -3.20 -2.97 3.83
N PHE A 139 -3.64 -3.27 5.05
CA PHE A 139 -4.03 -4.62 5.41
C PHE A 139 -5.15 -5.12 4.53
N VAL A 140 -6.19 -4.30 4.36
CA VAL A 140 -7.33 -4.67 3.52
C VAL A 140 -6.92 -4.84 2.07
N GLY A 141 -6.25 -3.83 1.52
CA GLY A 141 -5.76 -3.89 0.15
C GLY A 141 -4.86 -5.10 -0.06
N PHE A 142 -3.95 -5.32 0.87
CA PHE A 142 -3.06 -6.48 0.82
C PHE A 142 -3.84 -7.77 0.69
N CYS A 143 -4.85 -7.93 1.55
CA CYS A 143 -5.64 -9.15 1.58
C CYS A 143 -6.32 -9.40 0.25
N TYR A 144 -6.88 -8.34 -0.33
CA TYR A 144 -7.57 -8.44 -1.62
C TYR A 144 -6.62 -8.86 -2.72
N LEU A 145 -5.41 -8.31 -2.70
CA LEU A 145 -4.40 -8.61 -3.71
C LEU A 145 -3.85 -10.02 -3.52
N ALA A 146 -3.54 -10.37 -2.27
CA ALA A 146 -2.95 -11.66 -1.96
C ALA A 146 -3.93 -12.80 -2.21
N ASN A 147 -5.18 -12.60 -1.81
CA ASN A 147 -6.22 -13.60 -2.01
C ASN A 147 -6.53 -13.80 -3.48
N GLN A 148 -6.65 -12.69 -4.22
CA GLN A 148 -6.93 -12.74 -5.64
C GLN A 148 -5.79 -13.40 -6.41
N TRP A 149 -4.57 -13.16 -5.95
CA TRP A 149 -3.39 -13.81 -6.51
C TRP A 149 -3.52 -15.33 -6.42
N GLN A 150 -3.90 -15.82 -5.25
CA GLN A 150 -4.09 -17.25 -5.03
C GLN A 150 -5.22 -17.79 -5.90
N VAL A 151 -6.25 -16.98 -6.10
CA VAL A 151 -7.35 -17.35 -6.98
C VAL A 151 -6.89 -17.43 -8.42
N SER A 152 -6.00 -16.53 -8.82
CA SER A 152 -5.50 -16.49 -10.18
C SER A 152 -4.61 -17.69 -10.48
N LYS A 153 -4.02 -18.25 -9.42
CA LYS A 153 -3.24 -19.47 -9.54
C LYS A 153 -4.12 -20.66 -9.94
N PRO A 154 -3.59 -21.52 -10.79
CA PRO A 154 -4.33 -22.71 -11.22
C PRO A 154 -4.44 -23.72 -10.10
N LYS A 155 -5.37 -24.67 -10.26
CA LYS A 155 -5.65 -25.64 -9.21
C LYS A 155 -4.39 -26.42 -8.85
N ASP A 156 -4.10 -26.50 -7.56
CA ASP A 156 -2.97 -27.28 -7.06
C ASP A 156 -1.66 -26.79 -7.66
N ASN A 157 -1.45 -25.48 -7.62
CA ASN A 157 -0.22 -24.88 -8.10
C ASN A 157 0.86 -24.88 -7.02
N PRO A 158 1.90 -25.66 -7.23
CA PRO A 158 2.98 -25.78 -6.25
C PRO A 158 3.94 -24.59 -6.33
N LEU A 159 3.84 -23.83 -7.42
CA LEU A 159 4.76 -22.73 -7.67
C LEU A 159 4.06 -21.39 -7.50
N ASN A 160 4.83 -20.37 -7.12
CA ASN A 160 4.30 -19.02 -6.98
C ASN A 160 4.23 -18.30 -8.31
N GLU A 161 3.34 -18.77 -9.18
CA GLU A 161 3.17 -18.15 -10.49
C GLU A 161 2.33 -16.88 -10.40
N GLY A 162 2.50 -15.99 -11.37
CA GLY A 162 1.83 -14.69 -11.36
C GLY A 162 2.77 -13.59 -11.80
N THR A 163 2.19 -12.45 -12.19
CA THR A 163 2.98 -11.28 -12.59
C THR A 163 3.99 -10.91 -11.51
N ASP A 164 5.26 -10.84 -11.90
CA ASP A 164 6.33 -10.54 -10.95
C ASP A 164 6.13 -9.19 -10.29
N ALA A 165 5.74 -8.21 -11.08
CA ALA A 165 5.52 -6.85 -10.57
C ALA A 165 4.36 -6.81 -9.59
N ALA A 166 3.30 -7.55 -9.90
CA ALA A 166 2.09 -7.54 -9.10
C ALA A 166 2.30 -8.21 -7.75
N ARG A 167 2.99 -9.35 -7.76
CA ARG A 167 3.28 -10.09 -6.54
C ARG A 167 4.38 -9.41 -5.74
N ALA A 168 5.20 -8.62 -6.42
CA ALA A 168 6.11 -7.70 -5.74
C ALA A 168 5.34 -6.60 -5.03
N ALA A 169 4.31 -6.07 -5.68
CA ALA A 169 3.44 -5.08 -5.08
C ALA A 169 2.74 -5.63 -3.84
N ILE A 170 2.37 -6.91 -3.90
CA ILE A 170 1.83 -7.60 -2.73
C ILE A 170 2.85 -7.66 -1.60
N ALA A 171 4.09 -7.97 -1.96
CA ALA A 171 5.18 -7.98 -0.98
C ALA A 171 5.39 -6.61 -0.37
N PHE A 172 5.28 -5.57 -1.20
CA PHE A 172 5.49 -4.20 -0.75
C PHE A 172 4.28 -3.71 0.05
N SER A 173 3.11 -4.24 -0.27
CA SER A 173 1.91 -3.98 0.52
C SER A 173 2.05 -4.56 1.93
N PHE A 174 2.57 -5.78 2.01
CA PHE A 174 2.90 -6.39 3.29
C PHE A 174 3.89 -5.54 4.07
N PHE A 175 4.94 -5.10 3.40
CA PHE A 175 5.94 -4.23 4.02
C PHE A 175 5.33 -2.91 4.47
N SER A 176 4.39 -2.39 3.68
CA SER A 176 3.74 -1.13 4.00
C SER A 176 2.93 -1.25 5.28
N ILE A 177 2.26 -2.37 5.46
CA ILE A 177 1.47 -2.63 6.66
C ILE A 177 2.32 -2.43 7.92
N PHE A 178 3.49 -3.06 7.94
CA PHE A 178 4.38 -2.97 9.09
C PHE A 178 5.04 -1.59 9.17
N THR A 179 5.40 -1.04 8.02
CA THR A 179 6.00 0.29 7.96
C THR A 179 5.08 1.34 8.58
N TRP A 180 3.79 1.25 8.26
CA TRP A 180 2.82 2.22 8.74
C TRP A 180 2.54 2.02 10.22
N SER A 181 2.59 0.78 10.67
CA SER A 181 2.39 0.46 12.09
C SER A 181 3.57 0.93 12.92
N LEU A 182 4.75 0.96 12.31
CA LEU A 182 5.95 1.47 12.98
C LEU A 182 5.87 2.98 13.16
N THR A 183 5.40 3.67 12.13
CA THR A 183 5.25 5.12 12.19
C THR A 183 4.16 5.53 13.17
N ALA A 184 3.16 4.67 13.32
CA ALA A 184 2.11 4.88 14.31
C ALA A 184 2.69 4.86 15.73
N ALA A 185 3.50 3.85 16.01
CA ALA A 185 4.14 3.73 17.31
C ALA A 185 5.08 4.90 17.58
N LEU A 186 5.86 5.27 16.56
CA LEU A 186 6.81 6.36 16.68
C LEU A 186 6.10 7.69 16.85
N ALA A 187 4.95 7.83 16.19
CA ALA A 187 4.14 9.04 16.31
C ALA A 187 3.66 9.24 17.74
N VAL A 188 3.22 8.16 18.37
CA VAL A 188 2.77 8.20 19.75
C VAL A 188 3.91 8.58 20.69
N ARG A 189 5.07 7.97 20.47
CA ARG A 189 6.25 8.28 21.26
C ARG A 189 6.65 9.75 21.10
N ARG A 190 6.68 10.21 19.86
CA ARG A 190 6.99 11.60 19.57
C ARG A 190 5.95 12.54 20.19
N PHE A 191 4.69 12.14 20.12
CA PHE A 191 3.61 12.91 20.71
C PHE A 191 3.86 13.17 22.19
N LYS A 192 4.25 12.12 22.90
CA LYS A 192 4.52 12.22 24.34
C LYS A 192 5.75 13.09 24.60
N ASP A 193 6.76 12.96 23.72
CA ASP A 193 7.99 13.72 23.87
C ASP A 193 7.76 15.21 23.65
N LEU A 194 6.92 15.53 22.68
CA LEU A 194 6.62 16.92 22.35
C LEU A 194 5.69 17.55 23.39
N SER A 195 4.82 16.73 23.96
CA SER A 195 3.88 17.20 24.96
C SER A 195 4.59 17.56 26.26
N ASP A 35 13.68 16.51 18.15
CA ASP A 35 13.99 17.29 16.95
C ASP A 35 13.36 16.68 15.70
N PRO A 36 12.44 17.42 15.10
CA PRO A 36 11.71 16.91 13.94
C PRO A 36 12.64 16.75 12.74
N TYR A 37 13.75 17.48 12.75
CA TYR A 37 14.75 17.37 11.69
C TYR A 37 15.40 16.00 11.69
N THR A 38 15.42 15.36 12.85
CA THR A 38 16.02 14.04 12.98
C THR A 38 14.98 12.94 12.85
N LEU A 39 13.71 13.31 13.04
CA LEU A 39 12.60 12.38 12.88
C LEU A 39 12.35 12.07 11.42
N VAL A 40 12.57 13.07 10.56
CA VAL A 40 12.38 12.90 9.13
C VAL A 40 13.56 12.18 8.49
N ARG A 41 14.61 11.95 9.29
CA ARG A 41 15.75 11.17 8.85
C ARG A 41 15.58 9.70 9.20
N GLN A 42 14.51 9.39 9.93
CA GLN A 42 14.22 8.01 10.31
C GLN A 42 13.80 7.18 9.11
N PRO A 43 13.96 5.87 9.22
CA PRO A 43 13.62 4.95 8.14
C PRO A 43 12.17 5.13 7.71
N HIS A 44 11.35 5.66 8.62
CA HIS A 44 9.94 5.88 8.33
C HIS A 44 9.76 6.65 7.01
N THR A 45 10.49 7.74 6.86
CA THR A 45 10.41 8.57 5.66
C THR A 45 11.02 7.87 4.46
N ILE A 46 12.12 7.15 4.69
CA ILE A 46 12.74 6.35 3.64
C ILE A 46 11.78 5.29 3.11
N LEU A 47 11.10 4.61 4.03
CA LEU A 47 10.17 3.55 3.65
C LEU A 47 8.84 4.13 3.16
N ARG A 48 8.57 5.37 3.54
CA ARG A 48 7.43 6.10 2.99
C ARG A 48 7.60 6.34 1.50
N VAL A 49 8.82 6.66 1.07
CA VAL A 49 9.15 6.77 -0.34
C VAL A 49 9.06 5.41 -1.03
N VAL A 50 9.55 4.38 -0.36
CA VAL A 50 9.47 3.02 -0.89
C VAL A 50 8.03 2.61 -1.13
N SER A 51 7.18 2.82 -0.13
CA SER A 51 5.76 2.49 -0.23
C SER A 51 5.05 3.41 -1.22
N TRP A 52 5.54 4.64 -1.32
CA TRP A 52 5.01 5.58 -2.31
C TRP A 52 5.18 5.06 -3.72
N LEU A 53 6.37 4.55 -4.03
CA LEU A 53 6.65 3.97 -5.34
C LEU A 53 5.90 2.65 -5.52
N PHE A 54 5.99 1.79 -4.52
CA PHE A 54 5.36 0.47 -4.58
C PHE A 54 3.86 0.60 -4.87
N SER A 55 3.23 1.62 -4.31
CA SER A 55 1.84 1.92 -4.61
C SER A 55 1.62 2.14 -6.09
N ILE A 56 2.53 2.87 -6.72
CA ILE A 56 2.50 3.06 -8.17
C ILE A 56 2.74 1.75 -8.90
N VAL A 57 3.75 1.01 -8.47
CA VAL A 57 4.18 -0.19 -9.18
C VAL A 57 3.07 -1.22 -9.23
N VAL A 58 2.48 -1.50 -8.07
CA VAL A 58 1.42 -2.50 -7.97
C VAL A 58 0.19 -2.07 -8.76
N PHE A 59 -0.20 -0.80 -8.61
CA PHE A 59 -1.33 -0.26 -9.36
C PHE A 59 -1.10 -0.38 -10.86
N GLY A 60 0.11 -0.05 -11.30
CA GLY A 60 0.47 -0.18 -12.71
C GLY A 60 0.20 -1.59 -13.23
N SER A 61 0.53 -2.59 -12.41
CA SER A 61 0.26 -3.97 -12.75
C SER A 61 -1.24 -4.24 -12.82
N ILE A 62 -1.98 -3.65 -11.89
CA ILE A 62 -3.44 -3.75 -11.90
C ILE A 62 -4.02 -3.19 -13.19
N VAL A 63 -3.45 -2.08 -13.66
CA VAL A 63 -3.84 -1.51 -14.94
C VAL A 63 -3.54 -2.46 -16.08
N ASN A 64 -2.38 -3.11 -16.02
CA ASN A 64 -1.97 -4.07 -17.05
C ASN A 64 -2.93 -5.26 -17.09
N GLU A 65 -3.45 -5.63 -15.93
CA GLU A 65 -4.45 -6.69 -15.85
C GLU A 65 -5.70 -6.32 -16.65
N GLY A 66 -6.14 -5.07 -16.52
CA GLY A 66 -7.28 -4.59 -17.27
C GLY A 66 -8.58 -4.80 -16.50
N TYR A 67 -8.46 -5.29 -15.27
CA TYR A 67 -9.63 -5.61 -14.46
C TYR A 67 -10.36 -4.36 -14.02
N LEU A 68 -9.70 -3.21 -14.15
CA LEU A 68 -10.32 -1.93 -13.85
C LEU A 68 -11.49 -1.64 -14.79
N ASN A 69 -11.40 -2.18 -16.01
CA ASN A 69 -12.45 -1.99 -17.00
C ASN A 69 -13.36 -3.21 -17.07
N SER A 70 -12.80 -4.38 -16.78
CA SER A 70 -13.57 -5.61 -16.76
C SER A 70 -14.64 -5.57 -15.68
N ALA A 71 -14.26 -5.09 -14.49
CA ALA A 71 -15.19 -4.99 -13.38
C ALA A 71 -16.12 -3.80 -13.53
N SER A 72 -17.07 -3.92 -14.45
CA SER A 72 -18.04 -2.86 -14.70
C SER A 72 -19.30 -3.03 -13.86
N GLU A 73 -19.94 -1.93 -13.52
CA GLU A 73 -21.20 -1.97 -12.78
C GLU A 73 -22.23 -2.83 -13.51
N GLY A 74 -22.80 -3.79 -12.78
CA GLY A 74 -23.76 -4.72 -13.36
C GLY A 74 -23.18 -6.12 -13.48
N GLU A 75 -21.86 -6.22 -13.30
CA GLU A 75 -21.19 -7.51 -13.33
C GLU A 75 -21.27 -8.22 -11.98
N GLU A 76 -20.84 -9.47 -11.92
CA GLU A 76 -20.94 -10.27 -10.71
C GLU A 76 -19.94 -9.81 -9.67
N PHE A 77 -20.26 -8.70 -9.00
CA PHE A 77 -19.41 -8.17 -7.94
C PHE A 77 -19.43 -9.07 -6.72
N CYS A 78 -18.24 -9.53 -6.30
CA CYS A 78 -18.12 -10.32 -5.09
C CYS A 78 -16.64 -10.53 -4.72
N ILE A 79 -16.41 -10.97 -3.49
CA ILE A 79 -15.05 -11.15 -3.00
C ILE A 79 -14.38 -12.35 -3.66
N TYR A 80 -15.18 -13.17 -4.34
CA TYR A 80 -14.67 -14.36 -5.00
C TYR A 80 -14.35 -14.09 -6.47
N ASN A 81 -14.67 -12.88 -6.92
CA ASN A 81 -14.39 -12.48 -8.29
C ASN A 81 -13.11 -11.65 -8.37
N ARG A 82 -12.15 -12.11 -9.16
CA ARG A 82 -10.82 -11.53 -9.18
C ARG A 82 -10.84 -10.13 -9.77
N ASN A 83 -11.89 -9.83 -10.54
CA ASN A 83 -11.94 -8.60 -11.31
C ASN A 83 -12.11 -7.38 -10.42
N PRO A 84 -13.18 -7.39 -9.62
CA PRO A 84 -13.46 -6.28 -8.71
C PRO A 84 -12.50 -6.29 -7.52
N ASN A 85 -11.89 -7.44 -7.26
CA ASN A 85 -10.86 -7.55 -6.25
C ASN A 85 -9.63 -6.74 -6.63
N ALA A 86 -9.20 -6.86 -7.88
CA ALA A 86 -8.10 -6.08 -8.40
C ALA A 86 -8.45 -4.60 -8.46
N CYS A 87 -9.69 -4.31 -8.83
CA CYS A 87 -10.17 -2.94 -8.92
C CYS A 87 -10.16 -2.27 -7.56
N SER A 88 -10.75 -2.94 -6.57
CA SER A 88 -10.77 -2.42 -5.21
C SER A 88 -9.37 -2.28 -4.65
N TYR A 89 -8.56 -3.34 -4.81
CA TYR A 89 -7.19 -3.34 -4.31
C TYR A 89 -6.37 -2.25 -4.99
N GLY A 90 -6.51 -2.15 -6.32
CA GLY A 90 -5.72 -1.20 -7.10
C GLY A 90 -6.07 0.23 -6.75
N VAL A 91 -7.36 0.54 -6.75
CA VAL A 91 -7.82 1.92 -6.63
C VAL A 91 -8.37 2.21 -5.24
N ALA A 92 -9.39 1.46 -4.85
CA ALA A 92 -10.11 1.73 -3.62
C ALA A 92 -9.21 1.56 -2.40
N VAL A 93 -8.14 0.78 -2.57
CA VAL A 93 -7.11 0.66 -1.54
C VAL A 93 -5.82 1.35 -1.97
N GLY A 94 -5.35 1.01 -3.17
CA GLY A 94 -4.00 1.37 -3.59
C GLY A 94 -3.90 2.87 -3.89
N VAL A 95 -4.65 3.32 -4.88
CA VAL A 95 -4.57 4.70 -5.33
C VAL A 95 -4.83 5.67 -4.18
N LEU A 96 -5.84 5.34 -3.37
CA LEU A 96 -6.21 6.20 -2.25
C LEU A 96 -5.14 6.19 -1.16
N ALA A 97 -4.51 5.04 -0.97
CA ALA A 97 -3.38 4.92 -0.07
C ALA A 97 -2.16 5.68 -0.61
N PHE A 98 -1.99 5.64 -1.92
CA PHE A 98 -0.95 6.42 -2.59
C PHE A 98 -1.12 7.91 -2.30
N LEU A 99 -2.34 8.41 -2.49
CA LEU A 99 -2.65 9.79 -2.21
C LEU A 99 -2.36 10.13 -0.75
N THR A 100 -2.66 9.21 0.14
CA THR A 100 -2.33 9.37 1.55
C THR A 100 -0.82 9.43 1.76
N CYS A 101 -0.10 8.51 1.13
CA CYS A 101 1.34 8.44 1.26
C CYS A 101 2.01 9.71 0.75
N LEU A 102 1.52 10.22 -0.37
CA LEU A 102 2.02 11.47 -0.93
C LEU A 102 1.86 12.62 0.04
N LEU A 103 0.67 12.72 0.64
CA LEU A 103 0.40 13.76 1.62
C LEU A 103 1.42 13.75 2.76
N TYR A 104 1.56 12.59 3.41
CA TYR A 104 2.38 12.49 4.60
C TYR A 104 3.87 12.52 4.25
N LEU A 105 4.19 12.08 3.03
CA LEU A 105 5.53 12.23 2.50
C LEU A 105 5.92 13.70 2.37
N ALA A 106 5.02 14.49 1.82
CA ALA A 106 5.23 15.93 1.71
C ALA A 106 5.32 16.58 3.08
N LEU A 107 4.51 16.10 4.01
CA LEU A 107 4.50 16.61 5.37
C LEU A 107 5.83 16.35 6.08
N ASP A 108 6.42 15.19 5.79
CA ASP A 108 7.76 14.87 6.26
C ASP A 108 8.78 15.88 5.75
N VAL A 109 8.69 16.22 4.46
CA VAL A 109 9.60 17.18 3.85
C VAL A 109 9.56 18.51 4.58
N TYR A 110 8.36 18.95 4.94
CA TYR A 110 8.19 20.22 5.63
C TYR A 110 7.77 20.00 7.09
N PHE A 111 8.21 18.89 7.66
CA PHE A 111 7.86 18.54 9.03
C PHE A 111 8.58 19.44 10.03
N PRO A 112 9.87 19.64 9.81
CA PRO A 112 10.67 20.47 10.70
C PRO A 112 10.52 21.96 10.35
N GLN A 113 9.68 22.24 9.37
CA GLN A 113 9.29 23.62 9.07
C GLN A 113 8.04 24.01 9.85
N ILE A 114 7.47 23.06 10.58
CA ILE A 114 6.31 23.34 11.42
C ILE A 114 6.73 23.92 12.76
N SER A 115 6.19 25.09 13.08
CA SER A 115 6.58 25.81 14.30
C SER A 115 5.85 25.26 15.51
N SER A 116 4.71 24.61 15.28
CA SER A 116 3.89 24.10 16.37
C SER A 116 4.16 22.61 16.60
N VAL A 117 4.69 22.29 17.78
CA VAL A 117 4.91 20.90 18.16
C VAL A 117 3.59 20.12 18.22
N LYS A 118 2.51 20.83 18.51
CA LYS A 118 1.18 20.23 18.55
C LYS A 118 0.76 19.76 17.17
N ASP A 119 0.99 20.59 16.15
CA ASP A 119 0.66 20.25 14.78
C ASP A 119 1.54 19.12 14.26
N ARG A 120 2.80 19.12 14.69
CA ARG A 120 3.71 18.04 14.36
C ARG A 120 3.25 16.71 14.93
N LYS A 121 2.81 16.74 16.18
CA LYS A 121 2.27 15.56 16.84
C LYS A 121 1.00 15.07 16.14
N LYS A 122 0.17 16.03 15.71
CA LYS A 122 -1.04 15.71 14.96
C LYS A 122 -0.72 14.99 13.65
N ALA A 123 0.29 15.48 12.95
CA ALA A 123 0.70 14.89 11.68
C ALA A 123 1.12 13.43 11.86
N VAL A 124 1.95 13.18 12.88
CA VAL A 124 2.45 11.84 13.15
C VAL A 124 1.35 10.94 13.70
N LEU A 125 0.63 11.45 14.70
CA LEU A 125 -0.42 10.68 15.36
C LEU A 125 -1.47 10.22 14.35
N SER A 126 -1.82 11.11 13.43
CA SER A 126 -2.84 10.80 12.43
C SER A 126 -2.30 9.85 11.36
N ASP A 127 -1.01 9.95 11.09
CA ASP A 127 -0.35 9.04 10.15
C ASP A 127 -0.34 7.62 10.69
N ILE A 128 -0.16 7.48 12.00
CA ILE A 128 -0.16 6.17 12.63
C ILE A 128 -1.45 5.41 12.35
N GLY A 129 -2.58 6.04 12.68
CA GLY A 129 -3.88 5.40 12.51
C GLY A 129 -4.18 5.12 11.05
N VAL A 130 -3.97 6.14 10.21
CA VAL A 130 -4.36 6.06 8.80
C VAL A 130 -3.49 5.05 8.05
N SER A 131 -2.19 5.05 8.34
CA SER A 131 -1.27 4.12 7.73
C SER A 131 -1.62 2.67 8.08
N ALA A 132 -1.97 2.45 9.34
CA ALA A 132 -2.43 1.14 9.79
C ALA A 132 -3.73 0.74 9.10
N PHE A 133 -4.62 1.71 8.93
CA PHE A 133 -5.86 1.48 8.20
C PHE A 133 -5.60 0.98 6.79
N TRP A 134 -4.73 1.68 6.07
CA TRP A 134 -4.40 1.32 4.70
C TRP A 134 -3.63 0.01 4.65
N ALA A 135 -2.78 -0.22 5.64
CA ALA A 135 -2.01 -1.45 5.73
C ALA A 135 -2.91 -2.66 5.85
N PHE A 136 -3.97 -2.52 6.65
CA PHE A 136 -4.96 -3.58 6.79
C PHE A 136 -5.60 -3.94 5.46
N LEU A 137 -6.10 -2.93 4.76
CA LEU A 137 -6.74 -3.13 3.46
C LEU A 137 -5.74 -3.59 2.42
N TRP A 138 -4.52 -3.10 2.52
CA TRP A 138 -3.44 -3.52 1.64
C TRP A 138 -3.18 -5.02 1.76
N PHE A 139 -3.12 -5.51 2.99
CA PHE A 139 -2.94 -6.93 3.25
C PHE A 139 -4.10 -7.74 2.67
N VAL A 140 -5.31 -7.41 3.10
CA VAL A 140 -6.49 -8.18 2.71
C VAL A 140 -6.70 -8.15 1.21
N GLY A 141 -6.59 -6.96 0.62
CA GLY A 141 -6.70 -6.80 -0.82
C GLY A 141 -5.82 -7.79 -1.56
N PHE A 142 -4.51 -7.73 -1.30
CA PHE A 142 -3.53 -8.47 -2.08
C PHE A 142 -3.64 -9.97 -1.82
N CYS A 143 -4.31 -10.33 -0.74
CA CYS A 143 -4.60 -11.73 -0.44
C CYS A 143 -5.61 -12.30 -1.44
N TYR A 144 -6.51 -11.44 -1.92
CA TYR A 144 -7.40 -11.80 -3.02
C TYR A 144 -6.67 -11.82 -4.34
N LEU A 145 -5.72 -10.91 -4.51
CA LEU A 145 -4.85 -10.90 -5.68
C LEU A 145 -3.92 -12.09 -5.68
N ALA A 146 -3.49 -12.51 -4.49
CA ALA A 146 -2.58 -13.65 -4.36
C ALA A 146 -3.33 -14.96 -4.48
N ASN A 147 -4.27 -15.20 -3.55
CA ASN A 147 -4.92 -16.49 -3.44
C ASN A 147 -6.10 -16.59 -4.40
N GLN A 148 -7.10 -15.74 -4.21
CA GLN A 148 -8.37 -15.86 -4.91
C GLN A 148 -8.19 -15.70 -6.41
N TRP A 149 -7.25 -14.85 -6.81
CA TRP A 149 -6.91 -14.68 -8.22
C TRP A 149 -6.52 -16.01 -8.86
N GLN A 150 -5.67 -16.76 -8.17
CA GLN A 150 -5.19 -18.03 -8.69
C GLN A 150 -6.29 -19.08 -8.68
N VAL A 151 -7.18 -18.98 -7.70
CA VAL A 151 -8.30 -19.90 -7.59
C VAL A 151 -9.21 -19.82 -8.82
N SER A 152 -9.54 -18.60 -9.22
CA SER A 152 -10.41 -18.39 -10.37
C SER A 152 -9.63 -18.42 -11.68
N LYS A 153 -8.32 -18.21 -11.58
CA LYS A 153 -7.45 -18.28 -12.75
C LYS A 153 -7.55 -19.63 -13.44
N PRO A 154 -7.93 -19.61 -14.71
CA PRO A 154 -7.97 -20.83 -15.52
C PRO A 154 -6.62 -21.53 -15.52
N LYS A 155 -6.65 -22.86 -15.51
CA LYS A 155 -5.43 -23.65 -15.47
C LYS A 155 -4.60 -23.46 -16.74
N ASP A 156 -5.25 -23.01 -17.80
CA ASP A 156 -4.59 -22.79 -19.08
C ASP A 156 -4.52 -21.31 -19.43
N ASN A 157 -4.59 -20.46 -18.40
CA ASN A 157 -4.57 -19.03 -18.60
C ASN A 157 -3.20 -18.55 -19.06
N PRO A 158 -3.15 -17.94 -20.24
CA PRO A 158 -1.89 -17.41 -20.77
C PRO A 158 -1.29 -16.38 -19.83
N LEU A 159 0.02 -16.21 -19.92
CA LEU A 159 0.74 -15.28 -19.05
C LEU A 159 0.67 -13.86 -19.58
N ASN A 160 0.09 -13.70 -20.77
CA ASN A 160 -0.11 -12.39 -21.35
C ASN A 160 -1.36 -11.71 -20.79
N GLU A 161 -1.69 -10.54 -21.32
CA GLU A 161 -2.88 -9.81 -20.90
C GLU A 161 -2.86 -9.54 -19.40
N GLY A 162 -1.67 -9.30 -18.87
CA GLY A 162 -1.53 -8.76 -17.52
C GLY A 162 -1.51 -9.87 -16.48
N THR A 163 -1.55 -11.12 -16.95
CA THR A 163 -1.47 -12.27 -16.06
C THR A 163 -0.12 -12.34 -15.37
N ASP A 164 0.94 -12.20 -16.14
CA ASP A 164 2.30 -12.13 -15.59
C ASP A 164 2.48 -10.90 -14.71
N ALA A 165 1.83 -9.80 -15.09
CA ALA A 165 1.86 -8.59 -14.30
C ALA A 165 1.22 -8.80 -12.93
N ALA A 166 0.13 -9.56 -12.90
CA ALA A 166 -0.51 -9.93 -11.64
C ALA A 166 0.41 -10.76 -10.78
N ARG A 167 1.09 -11.73 -11.40
CA ARG A 167 2.06 -12.55 -10.69
C ARG A 167 3.12 -11.70 -10.00
N ALA A 168 3.66 -10.73 -10.73
CA ALA A 168 4.62 -9.80 -10.16
C ALA A 168 4.00 -8.95 -9.07
N ALA A 169 2.77 -8.49 -9.32
CA ALA A 169 2.05 -7.67 -8.35
C ALA A 169 1.87 -8.41 -7.03
N ILE A 170 1.66 -9.72 -7.12
CA ILE A 170 1.53 -10.55 -5.92
C ILE A 170 2.83 -10.56 -5.12
N ALA A 171 3.94 -10.79 -5.80
CA ALA A 171 5.25 -10.75 -5.16
C ALA A 171 5.53 -9.36 -4.58
N PHE A 172 5.25 -8.33 -5.35
CA PHE A 172 5.42 -6.95 -4.89
C PHE A 172 4.59 -6.70 -3.63
N SER A 173 3.35 -7.18 -3.64
CA SER A 173 2.45 -6.99 -2.51
C SER A 173 2.95 -7.73 -1.27
N PHE A 174 3.47 -8.93 -1.47
CA PHE A 174 3.98 -9.74 -0.37
C PHE A 174 5.04 -8.98 0.42
N PHE A 175 5.92 -8.29 -0.28
CA PHE A 175 7.03 -7.60 0.35
C PHE A 175 6.65 -6.20 0.77
N SER A 176 5.69 -5.61 0.07
CA SER A 176 5.30 -4.22 0.30
C SER A 176 4.52 -4.07 1.60
N ILE A 177 3.68 -5.06 1.90
CA ILE A 177 2.91 -5.07 3.13
C ILE A 177 3.82 -5.04 4.36
N PHE A 178 5.01 -5.62 4.20
CA PHE A 178 6.02 -5.57 5.26
C PHE A 178 6.55 -4.15 5.44
N THR A 179 6.75 -3.46 4.33
CA THR A 179 7.17 -2.05 4.37
C THR A 179 6.13 -1.18 5.04
N TRP A 180 4.87 -1.39 4.68
CA TRP A 180 3.78 -0.60 5.21
C TRP A 180 3.63 -0.80 6.72
N SER A 181 3.85 -2.03 7.17
CA SER A 181 3.74 -2.35 8.59
C SER A 181 4.90 -1.75 9.38
N LEU A 182 6.05 -1.63 8.73
CA LEU A 182 7.21 -0.98 9.33
C LEU A 182 6.96 0.51 9.54
N THR A 183 6.37 1.15 8.53
CA THR A 183 6.11 2.59 8.59
C THR A 183 5.09 2.91 9.66
N ALA A 184 4.17 1.99 9.91
CA ALA A 184 3.20 2.12 10.99
C ALA A 184 3.90 2.12 12.35
N ALA A 185 4.75 1.13 12.57
CA ALA A 185 5.49 1.00 13.82
C ALA A 185 6.45 2.17 14.01
N LEU A 186 7.11 2.56 12.93
CA LEU A 186 8.09 3.64 12.98
C LEU A 186 7.44 4.98 13.25
N ALA A 187 6.22 5.16 12.72
CA ALA A 187 5.43 6.34 13.01
C ALA A 187 5.16 6.48 14.50
N VAL A 188 4.84 5.36 15.14
CA VAL A 188 4.63 5.34 16.58
C VAL A 188 5.89 5.76 17.33
N ARG A 189 7.03 5.26 16.89
CA ARG A 189 8.32 5.59 17.51
C ARG A 189 8.60 7.08 17.39
N ARG A 190 8.29 7.65 16.23
CA ARG A 190 8.45 9.09 16.03
C ARG A 190 7.59 9.88 17.00
N PHE A 191 6.36 9.44 17.20
CA PHE A 191 5.45 10.10 18.11
C PHE A 191 5.98 10.07 19.55
N LYS A 192 6.52 8.92 19.94
CA LYS A 192 7.09 8.74 21.27
C LYS A 192 8.26 9.68 21.48
N ASP A 193 9.09 9.84 20.46
CA ASP A 193 10.26 10.71 20.53
C ASP A 193 9.84 12.17 20.50
N LEU A 194 8.82 12.48 19.71
CA LEU A 194 8.35 13.85 19.56
C LEU A 194 7.62 14.34 20.80
N SER A 195 6.66 13.54 21.26
CA SER A 195 5.86 13.90 22.43
C SER A 195 6.67 13.79 23.71
N ASP A 35 14.15 15.76 17.80
CA ASP A 35 14.94 15.96 16.59
C ASP A 35 14.21 15.47 15.35
N PRO A 36 13.55 16.39 14.66
CA PRO A 36 12.75 16.02 13.50
C PRO A 36 13.62 15.67 12.30
N TYR A 37 14.83 16.22 12.28
CA TYR A 37 15.77 15.98 11.18
C TYR A 37 16.18 14.51 11.13
N THR A 38 16.40 13.92 12.30
CA THR A 38 16.66 12.49 12.40
C THR A 38 15.44 11.68 11.97
N LEU A 39 14.27 12.12 12.41
CA LEU A 39 13.02 11.41 12.10
C LEU A 39 12.79 11.34 10.60
N VAL A 40 13.28 12.35 9.87
CA VAL A 40 13.27 12.32 8.41
C VAL A 40 14.17 11.22 7.88
N ARG A 41 15.34 11.07 8.47
CA ARG A 41 16.32 10.08 8.03
C ARG A 41 15.91 8.68 8.44
N GLN A 42 15.00 8.59 9.40
CA GLN A 42 14.51 7.30 9.87
C GLN A 42 13.86 6.51 8.75
N PRO A 43 13.76 5.20 8.93
CA PRO A 43 13.20 4.33 7.90
C PRO A 43 11.79 4.75 7.52
N HIS A 44 11.09 5.35 8.47
CA HIS A 44 9.70 5.74 8.27
C HIS A 44 9.51 6.42 6.93
N THR A 45 10.24 7.51 6.72
CA THR A 45 10.17 8.25 5.46
C THR A 45 10.56 7.39 4.28
N ILE A 46 11.62 6.60 4.45
CA ILE A 46 12.09 5.72 3.39
C ILE A 46 11.01 4.73 2.99
N LEU A 47 10.29 4.20 3.97
CA LEU A 47 9.27 3.20 3.71
C LEU A 47 8.06 3.82 3.02
N ARG A 48 7.82 5.10 3.27
CA ARG A 48 6.76 5.83 2.60
C ARG A 48 7.06 5.99 1.10
N VAL A 49 8.33 6.16 0.77
CA VAL A 49 8.75 6.33 -0.60
C VAL A 49 8.50 5.06 -1.42
N VAL A 50 8.96 3.93 -0.88
CA VAL A 50 8.97 2.68 -1.64
C VAL A 50 7.55 2.10 -1.74
N SER A 51 6.74 2.35 -0.73
CA SER A 51 5.36 1.88 -0.72
C SER A 51 4.45 2.80 -1.52
N TRP A 52 4.79 4.08 -1.55
CA TRP A 52 4.17 5.04 -2.46
C TRP A 52 4.35 4.59 -3.91
N LEU A 53 5.56 4.18 -4.25
CA LEU A 53 5.84 3.65 -5.59
C LEU A 53 5.08 2.35 -5.84
N PHE A 54 5.16 1.43 -4.88
CA PHE A 54 4.51 0.14 -5.00
C PHE A 54 3.01 0.30 -5.24
N SER A 55 2.41 1.25 -4.55
CA SER A 55 0.99 1.55 -4.72
C SER A 55 0.68 1.92 -6.17
N ILE A 56 1.56 2.70 -6.78
CA ILE A 56 1.43 3.05 -8.18
C ILE A 56 1.50 1.82 -9.08
N VAL A 57 2.50 0.98 -8.83
CA VAL A 57 2.76 -0.17 -9.68
C VAL A 57 1.59 -1.14 -9.69
N VAL A 58 1.06 -1.42 -8.50
CA VAL A 58 -0.03 -2.38 -8.36
C VAL A 58 -1.26 -1.92 -9.14
N PHE A 59 -1.67 -0.68 -8.90
CA PHE A 59 -2.82 -0.10 -9.59
C PHE A 59 -2.61 -0.09 -11.10
N GLY A 60 -1.46 0.44 -11.53
CA GLY A 60 -1.13 0.52 -12.94
C GLY A 60 -1.15 -0.86 -13.58
N SER A 61 -0.59 -1.85 -12.89
CA SER A 61 -0.55 -3.21 -13.40
C SER A 61 -1.95 -3.75 -13.66
N ILE A 62 -2.86 -3.50 -12.71
CA ILE A 62 -4.24 -3.94 -12.85
C ILE A 62 -4.90 -3.31 -14.08
N VAL A 63 -4.73 -2.01 -14.23
CA VAL A 63 -5.38 -1.28 -15.32
C VAL A 63 -4.76 -1.63 -16.67
N ASN A 64 -3.43 -1.66 -16.71
CA ASN A 64 -2.70 -1.81 -17.97
C ASN A 64 -2.90 -3.21 -18.54
N GLU A 65 -2.86 -4.21 -17.68
CA GLU A 65 -3.03 -5.60 -18.10
C GLU A 65 -4.47 -5.89 -18.48
N GLY A 66 -5.40 -5.21 -17.80
CA GLY A 66 -6.82 -5.35 -18.11
C GLY A 66 -7.53 -6.17 -17.04
N TYR A 67 -6.92 -6.26 -15.87
CA TYR A 67 -7.53 -6.96 -14.74
C TYR A 67 -8.73 -6.20 -14.20
N LEU A 68 -8.65 -4.87 -14.26
CA LEU A 68 -9.79 -4.02 -13.92
C LEU A 68 -10.99 -4.33 -14.81
N ASN A 69 -10.73 -4.53 -16.10
CA ASN A 69 -11.78 -4.87 -17.06
C ASN A 69 -12.43 -6.20 -16.72
N SER A 70 -11.60 -7.18 -16.35
CA SER A 70 -12.10 -8.49 -15.94
C SER A 70 -12.85 -8.42 -14.63
N ALA A 71 -12.52 -7.42 -13.82
CA ALA A 71 -13.24 -7.16 -12.58
C ALA A 71 -14.61 -6.56 -12.85
N SER A 72 -14.67 -5.69 -13.85
CA SER A 72 -15.92 -5.03 -14.23
C SER A 72 -16.87 -6.01 -14.91
N GLU A 73 -16.31 -7.06 -15.49
CA GLU A 73 -17.11 -8.12 -16.09
C GLU A 73 -18.14 -8.67 -15.11
N GLY A 74 -19.41 -8.57 -15.48
CA GLY A 74 -20.50 -8.91 -14.57
C GLY A 74 -20.97 -10.33 -14.78
N GLU A 75 -20.22 -11.10 -15.57
CA GLU A 75 -20.49 -12.51 -15.76
C GLU A 75 -20.49 -13.25 -14.43
N GLU A 76 -21.45 -14.16 -14.26
CA GLU A 76 -21.66 -14.82 -12.98
C GLU A 76 -20.51 -15.75 -12.64
N PHE A 77 -19.65 -16.00 -13.61
CA PHE A 77 -18.49 -16.87 -13.42
C PHE A 77 -17.23 -16.06 -13.16
N CYS A 78 -17.37 -14.73 -13.14
CA CYS A 78 -16.24 -13.84 -12.93
C CYS A 78 -16.51 -12.90 -11.76
N ILE A 79 -17.72 -12.34 -11.72
CA ILE A 79 -18.05 -11.30 -10.75
C ILE A 79 -18.11 -11.86 -9.33
N TYR A 80 -18.35 -13.16 -9.23
CA TYR A 80 -18.47 -13.81 -7.93
C TYR A 80 -17.18 -14.55 -7.57
N ASN A 81 -16.06 -14.09 -8.12
CA ASN A 81 -14.76 -14.63 -7.77
C ASN A 81 -13.98 -13.67 -6.87
N ARG A 82 -12.74 -14.02 -6.57
CA ARG A 82 -11.88 -13.16 -5.77
C ARG A 82 -11.09 -12.19 -6.64
N ASN A 83 -11.21 -12.37 -7.95
CA ASN A 83 -10.51 -11.51 -8.91
C ASN A 83 -10.99 -10.06 -8.82
N PRO A 84 -12.30 -9.87 -8.93
CA PRO A 84 -12.89 -8.54 -8.87
C PRO A 84 -12.80 -7.97 -7.46
N ASN A 85 -12.69 -8.85 -6.47
CA ASN A 85 -12.49 -8.44 -5.08
C ASN A 85 -11.09 -7.88 -4.88
N ALA A 86 -10.10 -8.54 -5.47
CA ALA A 86 -8.72 -8.06 -5.41
C ALA A 86 -8.57 -6.71 -6.11
N CYS A 87 -9.20 -6.59 -7.27
CA CYS A 87 -9.11 -5.36 -8.05
C CYS A 87 -9.85 -4.22 -7.36
N SER A 88 -10.95 -4.55 -6.69
CA SER A 88 -11.70 -3.55 -5.93
C SER A 88 -10.83 -2.85 -4.91
N TYR A 89 -10.02 -3.64 -4.19
CA TYR A 89 -9.08 -3.08 -3.24
C TYR A 89 -7.86 -2.49 -3.94
N GLY A 90 -7.45 -3.13 -5.03
CA GLY A 90 -6.32 -2.65 -5.82
C GLY A 90 -6.54 -1.22 -6.29
N VAL A 91 -7.77 -0.92 -6.69
CA VAL A 91 -8.14 0.44 -7.07
C VAL A 91 -8.39 1.30 -5.83
N ALA A 92 -9.24 0.82 -4.94
CA ALA A 92 -9.61 1.57 -3.74
C ALA A 92 -8.40 1.93 -2.91
N VAL A 93 -7.73 0.91 -2.38
CA VAL A 93 -6.57 1.12 -1.52
C VAL A 93 -5.39 1.67 -2.32
N GLY A 94 -5.14 1.07 -3.48
CA GLY A 94 -3.98 1.43 -4.30
C GLY A 94 -3.96 2.93 -4.57
N VAL A 95 -5.08 3.45 -5.07
CA VAL A 95 -5.16 4.85 -5.45
C VAL A 95 -5.16 5.77 -4.23
N LEU A 96 -5.97 5.41 -3.23
CA LEU A 96 -6.13 6.25 -2.04
C LEU A 96 -4.86 6.26 -1.22
N ALA A 97 -4.17 5.12 -1.17
CA ALA A 97 -2.88 5.02 -0.50
C ALA A 97 -1.84 5.91 -1.18
N PHE A 98 -1.81 5.86 -2.50
CA PHE A 98 -1.00 6.80 -3.28
C PHE A 98 -1.25 8.24 -2.86
N LEU A 99 -2.54 8.59 -2.73
CA LEU A 99 -2.92 9.97 -2.44
C LEU A 99 -2.46 10.38 -1.05
N THR A 100 -2.64 9.48 -0.08
CA THR A 100 -2.33 9.80 1.31
C THR A 100 -0.84 9.68 1.59
N CYS A 101 -0.20 8.69 1.00
CA CYS A 101 1.23 8.47 1.17
C CYS A 101 2.04 9.63 0.59
N LEU A 102 1.64 10.09 -0.59
CA LEU A 102 2.23 11.29 -1.18
C LEU A 102 2.19 12.45 -0.20
N LEU A 103 1.03 12.67 0.41
CA LEU A 103 0.86 13.75 1.39
C LEU A 103 1.82 13.58 2.56
N TYR A 104 1.75 12.42 3.22
CA TYR A 104 2.48 12.20 4.46
C TYR A 104 3.98 12.09 4.20
N LEU A 105 4.33 11.61 3.01
CA LEU A 105 5.72 11.63 2.57
C LEU A 105 6.26 13.05 2.48
N ALA A 106 5.50 13.92 1.85
CA ALA A 106 5.87 15.33 1.74
C ALA A 106 5.95 15.98 3.12
N LEU A 107 5.08 15.57 4.02
CA LEU A 107 5.05 16.09 5.37
C LEU A 107 6.30 15.70 6.14
N ASP A 108 6.81 14.50 5.86
CA ASP A 108 8.11 14.07 6.35
C ASP A 108 9.23 14.92 5.78
N VAL A 109 9.18 15.13 4.47
CA VAL A 109 10.20 15.95 3.78
C VAL A 109 10.29 17.33 4.42
N TYR A 110 9.14 17.91 4.73
CA TYR A 110 9.10 19.23 5.36
C TYR A 110 8.65 19.14 6.81
N PHE A 111 9.03 18.06 7.48
CA PHE A 111 8.63 17.83 8.86
C PHE A 111 9.29 18.82 9.81
N PRO A 112 10.59 19.01 9.63
CA PRO A 112 11.35 19.93 10.47
C PRO A 112 11.17 21.37 10.02
N GLN A 113 10.42 21.56 8.95
CA GLN A 113 10.06 22.90 8.48
C GLN A 113 8.75 23.37 9.09
N ILE A 114 8.11 22.49 9.86
CA ILE A 114 6.87 22.83 10.54
C ILE A 114 7.14 23.70 11.76
N SER A 115 6.49 24.87 11.79
CA SER A 115 6.79 25.88 12.81
C SER A 115 6.25 25.46 14.16
N SER A 116 5.21 24.63 14.16
CA SER A 116 4.57 24.19 15.39
C SER A 116 4.97 22.75 15.73
N VAL A 117 5.55 22.56 16.91
CA VAL A 117 5.92 21.23 17.37
C VAL A 117 4.68 20.37 17.60
N LYS A 118 3.60 20.99 18.05
CA LYS A 118 2.34 20.29 18.25
C LYS A 118 1.81 19.74 16.93
N ASP A 119 1.91 20.54 15.87
CA ASP A 119 1.45 20.13 14.55
C ASP A 119 2.30 19.00 14.00
N ARG A 120 3.59 19.02 14.33
CA ARG A 120 4.48 17.91 14.02
C ARG A 120 3.99 16.60 14.62
N LYS A 121 3.61 16.67 15.89
CA LYS A 121 3.09 15.50 16.60
C LYS A 121 1.75 15.05 16.01
N LYS A 122 0.94 16.02 15.61
CA LYS A 122 -0.35 15.73 14.98
C LYS A 122 -0.17 14.97 13.68
N ALA A 123 0.82 15.38 12.89
CA ALA A 123 1.15 14.70 11.65
C ALA A 123 1.54 13.25 11.90
N VAL A 124 2.28 13.02 12.99
CA VAL A 124 2.65 11.67 13.40
C VAL A 124 1.42 10.88 13.86
N LEU A 125 0.59 11.53 14.68
CA LEU A 125 -0.66 10.93 15.12
C LEU A 125 -1.50 10.48 13.93
N SER A 126 -1.37 11.18 12.81
CA SER A 126 -2.10 10.84 11.60
C SER A 126 -1.47 9.65 10.89
N ASP A 127 -0.14 9.61 10.88
CA ASP A 127 0.58 8.48 10.33
C ASP A 127 0.22 7.19 11.04
N ILE A 128 0.07 7.26 12.36
CA ILE A 128 -0.26 6.09 13.17
C ILE A 128 -1.55 5.44 12.69
N GLY A 129 -2.60 6.25 12.57
CA GLY A 129 -3.92 5.73 12.20
C GLY A 129 -3.94 5.24 10.77
N VAL A 130 -3.36 6.02 9.87
CA VAL A 130 -3.45 5.74 8.44
C VAL A 130 -2.66 4.49 8.07
N SER A 131 -1.47 4.36 8.64
CA SER A 131 -0.63 3.20 8.39
C SER A 131 -1.36 1.91 8.74
N ALA A 132 -1.96 1.87 9.93
CA ALA A 132 -2.75 0.72 10.35
C ALA A 132 -4.00 0.57 9.50
N PHE A 133 -4.62 1.70 9.15
CA PHE A 133 -5.83 1.70 8.33
C PHE A 133 -5.60 0.99 7.01
N TRP A 134 -4.53 1.37 6.31
CA TRP A 134 -4.22 0.81 5.01
C TRP A 134 -3.73 -0.63 5.14
N ALA A 135 -2.94 -0.89 6.17
CA ALA A 135 -2.39 -2.23 6.41
C ALA A 135 -3.52 -3.26 6.51
N PHE A 136 -4.57 -2.90 7.24
CA PHE A 136 -5.72 -3.79 7.40
C PHE A 136 -6.40 -4.06 6.07
N LEU A 137 -6.80 -2.98 5.39
CA LEU A 137 -7.59 -3.09 4.17
C LEU A 137 -6.78 -3.73 3.05
N TRP A 138 -5.51 -3.36 2.97
CA TRP A 138 -4.64 -3.85 1.91
C TRP A 138 -4.30 -5.32 2.11
N PHE A 139 -4.21 -5.75 3.36
CA PHE A 139 -4.08 -7.16 3.69
C PHE A 139 -5.22 -7.97 3.09
N VAL A 140 -6.44 -7.47 3.25
CA VAL A 140 -7.61 -8.14 2.70
C VAL A 140 -7.55 -8.21 1.18
N GLY A 141 -7.23 -7.07 0.56
CA GLY A 141 -7.12 -7.00 -0.89
C GLY A 141 -6.03 -7.92 -1.41
N PHE A 142 -4.88 -7.89 -0.75
CA PHE A 142 -3.77 -8.77 -1.10
C PHE A 142 -4.19 -10.24 -1.04
N CYS A 143 -4.87 -10.61 0.04
CA CYS A 143 -5.30 -11.99 0.23
C CYS A 143 -6.21 -12.44 -0.90
N TYR A 144 -7.11 -11.54 -1.33
CA TYR A 144 -8.00 -11.82 -2.44
C TYR A 144 -7.21 -12.10 -3.73
N LEU A 145 -6.15 -11.34 -3.94
CA LEU A 145 -5.31 -11.51 -5.12
C LEU A 145 -4.55 -12.82 -5.07
N ALA A 146 -3.92 -13.09 -3.93
CA ALA A 146 -3.14 -14.32 -3.75
C ALA A 146 -4.04 -15.54 -3.82
N ASN A 147 -5.20 -15.46 -3.17
CA ASN A 147 -6.13 -16.57 -3.12
C ASN A 147 -6.71 -16.86 -4.51
N GLN A 148 -6.99 -15.79 -5.26
CA GLN A 148 -7.49 -15.93 -6.62
C GLN A 148 -6.53 -16.71 -7.50
N TRP A 149 -5.24 -16.46 -7.31
CA TRP A 149 -4.19 -17.24 -7.98
C TRP A 149 -4.27 -18.71 -7.60
N GLN A 150 -4.46 -18.97 -6.31
CA GLN A 150 -4.53 -20.33 -5.81
C GLN A 150 -5.75 -21.07 -6.36
N VAL A 151 -6.82 -20.32 -6.61
CA VAL A 151 -8.03 -20.88 -7.22
C VAL A 151 -7.82 -21.16 -8.70
N SER A 152 -7.28 -20.18 -9.41
CA SER A 152 -7.17 -20.26 -10.87
C SER A 152 -6.08 -21.26 -11.28
N LYS A 153 -5.09 -21.45 -10.41
CA LYS A 153 -3.97 -22.33 -10.71
C LYS A 153 -4.03 -23.61 -9.90
N PRO A 154 -3.66 -24.72 -10.53
CA PRO A 154 -3.58 -26.00 -9.82
C PRO A 154 -2.72 -25.90 -8.57
N LYS A 155 -2.99 -26.76 -7.60
CA LYS A 155 -2.27 -26.73 -6.33
C LYS A 155 -0.79 -27.06 -6.52
N ASP A 156 -0.50 -27.81 -7.59
CA ASP A 156 0.87 -28.19 -7.89
C ASP A 156 1.51 -27.24 -8.89
N ASN A 157 0.81 -26.16 -9.20
CA ASN A 157 1.29 -25.19 -10.17
C ASN A 157 2.46 -24.39 -9.61
N PRO A 158 3.50 -24.24 -10.42
CA PRO A 158 4.66 -23.44 -10.02
C PRO A 158 4.23 -22.05 -9.54
N LEU A 159 4.84 -21.61 -8.44
CA LEU A 159 4.43 -20.36 -7.80
C LEU A 159 4.79 -19.15 -8.65
N ASN A 160 3.99 -18.10 -8.55
CA ASN A 160 4.27 -16.86 -9.26
C ASN A 160 4.17 -17.07 -10.77
N GLU A 161 3.24 -17.91 -11.19
CA GLU A 161 2.98 -18.12 -12.61
C GLU A 161 1.89 -17.18 -13.12
N GLY A 162 2.16 -16.51 -14.23
CA GLY A 162 1.23 -15.55 -14.79
C GLY A 162 1.96 -14.44 -15.53
N THR A 163 1.40 -13.23 -15.48
CA THR A 163 2.02 -12.07 -16.10
C THR A 163 3.06 -11.46 -15.18
N ASP A 164 3.99 -10.70 -15.76
CA ASP A 164 5.05 -10.05 -15.00
C ASP A 164 4.48 -8.93 -14.13
N ALA A 165 3.47 -8.23 -14.64
CA ALA A 165 2.82 -7.17 -13.90
C ALA A 165 2.07 -7.70 -12.69
N ALA A 166 1.37 -8.81 -12.88
CA ALA A 166 0.63 -9.45 -11.79
C ALA A 166 1.59 -9.95 -10.71
N ARG A 167 2.66 -10.59 -11.14
CA ARG A 167 3.68 -11.08 -10.21
C ARG A 167 4.26 -9.94 -9.37
N ALA A 168 4.60 -8.85 -10.04
CA ALA A 168 5.13 -7.68 -9.35
C ALA A 168 4.11 -7.08 -8.40
N ALA A 169 2.85 -7.03 -8.84
CA ALA A 169 1.77 -6.49 -8.02
C ALA A 169 1.59 -7.29 -6.75
N ILE A 170 1.60 -8.62 -6.88
CA ILE A 170 1.49 -9.50 -5.73
C ILE A 170 2.63 -9.28 -4.75
N ALA A 171 3.85 -9.24 -5.27
CA ALA A 171 5.03 -9.04 -4.44
C ALA A 171 4.99 -7.68 -3.76
N PHE A 172 4.62 -6.65 -4.52
CA PHE A 172 4.63 -5.28 -4.02
C PHE A 172 3.47 -5.02 -3.07
N SER A 173 2.38 -5.74 -3.27
CA SER A 173 1.24 -5.70 -2.36
C SER A 173 1.62 -6.20 -0.97
N PHE A 174 2.31 -7.33 -0.94
CA PHE A 174 2.85 -7.86 0.31
C PHE A 174 3.85 -6.90 0.95
N PHE A 175 4.76 -6.38 0.12
CA PHE A 175 5.78 -5.46 0.61
C PHE A 175 5.16 -4.21 1.21
N SER A 176 4.12 -3.69 0.54
CA SER A 176 3.40 -2.52 1.02
C SER A 176 2.80 -2.77 2.40
N ILE A 177 2.19 -3.93 2.57
CA ILE A 177 1.63 -4.32 3.86
C ILE A 177 2.70 -4.35 4.94
N PHE A 178 3.81 -5.03 4.65
CA PHE A 178 4.90 -5.16 5.61
C PHE A 178 5.46 -3.80 6.00
N THR A 179 5.77 -2.99 4.99
CA THR A 179 6.42 -1.70 5.22
C THR A 179 5.48 -0.73 5.93
N TRP A 180 4.19 -0.89 5.69
CA TRP A 180 3.19 -0.02 6.31
C TRP A 180 2.99 -0.37 7.78
N SER A 181 3.14 -1.66 8.10
CA SER A 181 3.10 -2.10 9.48
C SER A 181 4.33 -1.63 10.26
N LEU A 182 5.42 -1.43 9.54
CA LEU A 182 6.63 -0.87 10.13
C LEU A 182 6.45 0.61 10.44
N THR A 183 5.86 1.36 9.51
CA THR A 183 5.64 2.78 9.69
C THR A 183 4.62 3.04 10.79
N ALA A 184 3.72 2.09 11.00
CA ALA A 184 2.79 2.14 12.12
C ALA A 184 3.53 2.14 13.46
N ALA A 185 4.44 1.18 13.61
CA ALA A 185 5.27 1.10 14.82
C ALA A 185 6.19 2.30 14.93
N LEU A 186 6.80 2.70 13.82
CA LEU A 186 7.73 3.82 13.79
C LEU A 186 7.01 5.12 14.13
N ALA A 187 5.77 5.25 13.65
CA ALA A 187 4.97 6.43 13.94
C ALA A 187 4.69 6.56 15.43
N VAL A 188 4.41 5.43 16.08
CA VAL A 188 4.20 5.41 17.52
C VAL A 188 5.47 5.79 18.26
N ARG A 189 6.61 5.28 17.79
CA ARG A 189 7.89 5.57 18.41
C ARG A 189 8.24 7.05 18.32
N ARG A 190 8.10 7.62 17.13
CA ARG A 190 8.42 9.02 16.91
C ARG A 190 7.36 9.93 17.54
N PHE A 191 6.17 9.38 17.74
CA PHE A 191 5.13 10.08 18.48
C PHE A 191 5.55 10.32 19.93
N LYS A 192 6.04 9.27 20.58
CA LYS A 192 6.50 9.36 21.96
C LYS A 192 7.67 10.33 22.10
N ASP A 193 8.47 10.42 21.04
CA ASP A 193 9.61 11.34 21.02
C ASP A 193 9.14 12.78 21.03
N LEU A 194 7.92 13.01 20.56
CA LEU A 194 7.36 14.36 20.47
C LEU A 194 6.38 14.62 21.60
N SER A 195 5.77 13.56 22.10
CA SER A 195 4.81 13.68 23.20
C SER A 195 5.46 14.26 24.44
N ASP A 35 11.25 17.84 18.24
CA ASP A 35 12.40 17.77 17.37
C ASP A 35 12.05 17.12 16.04
N PRO A 36 11.61 17.94 15.08
CA PRO A 36 11.25 17.45 13.76
C PRO A 36 12.49 17.17 12.91
N TYR A 37 13.64 17.61 13.41
CA TYR A 37 14.88 17.48 12.67
C TYR A 37 15.46 16.08 12.82
N THR A 38 15.17 15.43 13.94
CA THR A 38 15.41 14.00 14.09
C THR A 38 14.33 13.18 13.40
N LEU A 39 13.09 13.65 13.50
CA LEU A 39 11.96 12.97 12.86
C LEU A 39 12.22 12.74 11.38
N VAL A 40 12.65 13.80 10.69
CA VAL A 40 12.82 13.74 9.24
C VAL A 40 13.91 12.76 8.86
N ARG A 41 14.76 12.42 9.82
CA ARG A 41 15.89 11.53 9.57
C ARG A 41 15.51 10.07 9.80
N GLN A 42 14.30 9.86 10.31
CA GLN A 42 13.82 8.51 10.56
C GLN A 42 13.65 7.72 9.27
N PRO A 43 13.92 6.42 9.33
CA PRO A 43 13.81 5.56 8.16
C PRO A 43 12.40 5.60 7.57
N HIS A 44 11.44 6.03 8.38
CA HIS A 44 10.05 6.08 7.96
C HIS A 44 9.92 6.71 6.57
N THR A 45 10.64 7.81 6.36
CA THR A 45 10.54 8.56 5.12
C THR A 45 10.97 7.71 3.93
N ILE A 46 12.03 6.93 4.11
CA ILE A 46 12.47 5.98 3.10
C ILE A 46 11.42 4.92 2.84
N LEU A 47 10.89 4.34 3.91
CA LEU A 47 9.87 3.30 3.80
C LEU A 47 8.55 3.87 3.29
N ARG A 48 8.33 5.16 3.54
CA ARG A 48 7.18 5.86 2.99
C ARG A 48 7.24 5.91 1.47
N VAL A 49 8.44 6.16 0.93
CA VAL A 49 8.65 6.11 -0.50
C VAL A 49 8.47 4.69 -1.04
N VAL A 50 8.96 3.71 -0.29
CA VAL A 50 8.81 2.31 -0.67
C VAL A 50 7.34 1.94 -0.84
N SER A 51 6.54 2.23 0.18
CA SER A 51 5.11 1.92 0.14
C SER A 51 4.38 2.83 -0.84
N TRP A 52 4.90 4.05 -1.01
CA TRP A 52 4.36 4.98 -2.00
C TRP A 52 4.50 4.43 -3.41
N LEU A 53 5.70 3.96 -3.74
CA LEU A 53 5.97 3.42 -5.08
C LEU A 53 5.30 2.07 -5.27
N PHE A 54 5.27 1.26 -4.21
CA PHE A 54 4.56 -0.01 -4.25
C PHE A 54 3.08 0.19 -4.53
N SER A 55 2.50 1.22 -3.92
CA SER A 55 1.10 1.54 -4.11
C SER A 55 0.82 1.94 -5.56
N ILE A 56 1.77 2.66 -6.15
CA ILE A 56 1.64 3.09 -7.54
C ILE A 56 1.74 1.90 -8.49
N VAL A 57 2.77 1.08 -8.29
CA VAL A 57 3.10 0.03 -9.25
C VAL A 57 2.11 -1.13 -9.15
N VAL A 58 1.59 -1.36 -7.95
CA VAL A 58 0.58 -2.38 -7.73
C VAL A 58 -0.78 -1.94 -8.28
N PHE A 59 -1.04 -0.64 -8.22
CA PHE A 59 -2.21 -0.07 -8.86
C PHE A 59 -2.19 -0.31 -10.36
N GLY A 60 -1.10 0.09 -11.01
CA GLY A 60 -0.97 -0.07 -12.45
C GLY A 60 -1.08 -1.53 -12.87
N SER A 61 -0.42 -2.40 -12.11
CA SER A 61 -0.35 -3.82 -12.46
C SER A 61 -1.75 -4.43 -12.54
N ILE A 62 -2.56 -4.20 -11.52
CA ILE A 62 -3.88 -4.81 -11.43
C ILE A 62 -4.87 -4.12 -12.36
N VAL A 63 -4.60 -2.86 -12.68
CA VAL A 63 -5.38 -2.13 -13.67
C VAL A 63 -5.09 -2.63 -15.08
N ASN A 64 -3.87 -3.10 -15.29
CA ASN A 64 -3.44 -3.58 -16.60
C ASN A 64 -3.75 -5.06 -16.78
N GLU A 65 -2.86 -5.91 -16.25
CA GLU A 65 -2.94 -7.34 -16.49
C GLU A 65 -3.91 -8.00 -15.52
N GLY A 66 -4.20 -7.31 -14.42
CA GLY A 66 -5.18 -7.80 -13.46
C GLY A 66 -6.55 -7.99 -14.10
N TYR A 67 -6.95 -7.04 -14.92
CA TYR A 67 -8.24 -7.11 -15.61
C TYR A 67 -8.13 -7.97 -16.87
N LEU A 68 -6.97 -7.96 -17.50
CA LEU A 68 -6.71 -8.82 -18.64
C LEU A 68 -6.88 -10.29 -18.27
N ASN A 69 -6.33 -10.68 -17.14
CA ASN A 69 -6.40 -12.06 -16.68
C ASN A 69 -7.81 -12.42 -16.24
N SER A 70 -8.64 -12.83 -17.19
CA SER A 70 -9.99 -13.29 -16.89
C SER A 70 -9.95 -14.59 -16.09
N ALA A 71 -10.83 -14.69 -15.09
CA ALA A 71 -10.95 -15.90 -14.30
C ALA A 71 -12.11 -16.76 -14.77
N SER A 72 -12.71 -16.38 -15.90
CA SER A 72 -13.87 -17.08 -16.42
C SER A 72 -13.48 -18.45 -16.97
N GLU A 73 -14.12 -19.49 -16.45
CA GLU A 73 -13.92 -20.84 -16.98
C GLU A 73 -14.57 -21.01 -18.35
N GLY A 74 -15.36 -20.02 -18.74
CA GLY A 74 -16.00 -20.02 -20.05
C GLY A 74 -15.21 -19.17 -21.04
N GLU A 75 -14.03 -18.72 -20.62
CA GLU A 75 -13.17 -17.93 -21.48
C GLU A 75 -13.84 -16.63 -21.89
N GLU A 76 -14.61 -16.05 -20.98
CA GLU A 76 -15.21 -14.74 -21.20
C GLU A 76 -14.39 -13.64 -20.53
N PHE A 77 -13.93 -12.69 -21.33
CA PHE A 77 -13.10 -11.61 -20.82
C PHE A 77 -13.93 -10.39 -20.44
N CYS A 78 -13.93 -10.06 -19.16
CA CYS A 78 -14.65 -8.89 -18.67
C CYS A 78 -14.21 -8.51 -17.26
N ILE A 79 -14.55 -7.29 -16.85
CA ILE A 79 -14.10 -6.77 -15.57
C ILE A 79 -14.95 -7.31 -14.42
N TYR A 80 -15.92 -8.15 -14.75
CA TYR A 80 -16.88 -8.65 -13.79
C TYR A 80 -16.57 -10.09 -13.40
N ASN A 81 -15.43 -10.59 -13.86
CA ASN A 81 -14.96 -11.92 -13.48
C ASN A 81 -14.38 -11.92 -12.08
N ARG A 82 -14.10 -13.10 -11.56
CA ARG A 82 -13.71 -13.25 -10.15
C ARG A 82 -12.42 -12.49 -9.85
N ASN A 83 -11.47 -12.57 -10.78
CA ASN A 83 -10.14 -12.00 -10.57
C ASN A 83 -10.19 -10.48 -10.59
N PRO A 84 -10.74 -9.92 -11.66
CA PRO A 84 -10.80 -8.48 -11.83
C PRO A 84 -11.71 -7.83 -10.79
N ASN A 85 -12.57 -8.64 -10.19
CA ASN A 85 -13.33 -8.22 -9.02
C ASN A 85 -12.42 -8.02 -7.81
N ALA A 86 -11.51 -8.97 -7.60
CA ALA A 86 -10.49 -8.84 -6.57
C ALA A 86 -9.55 -7.67 -6.86
N CYS A 87 -9.25 -7.48 -8.13
CA CYS A 87 -8.42 -6.36 -8.55
C CYS A 87 -9.12 -5.03 -8.30
N SER A 88 -10.40 -4.97 -8.62
CA SER A 88 -11.19 -3.76 -8.42
C SER A 88 -11.12 -3.29 -6.98
N TYR A 89 -11.14 -4.23 -6.05
CA TYR A 89 -10.89 -3.93 -4.64
C TYR A 89 -9.52 -3.30 -4.45
N GLY A 90 -8.50 -3.93 -5.02
CA GLY A 90 -7.14 -3.41 -4.93
C GLY A 90 -7.04 -2.02 -5.55
N VAL A 91 -7.79 -1.80 -6.63
CA VAL A 91 -7.82 -0.50 -7.28
C VAL A 91 -8.37 0.58 -6.34
N ALA A 92 -9.46 0.26 -5.67
CA ALA A 92 -10.07 1.19 -4.72
C ALA A 92 -9.10 1.56 -3.61
N VAL A 93 -8.26 0.61 -3.22
CA VAL A 93 -7.27 0.85 -2.18
C VAL A 93 -6.07 1.61 -2.74
N GLY A 94 -5.49 1.09 -3.82
CA GLY A 94 -4.23 1.59 -4.34
C GLY A 94 -4.36 3.05 -4.80
N VAL A 95 -5.48 3.36 -5.44
CA VAL A 95 -5.69 4.67 -6.01
C VAL A 95 -5.68 5.75 -4.93
N LEU A 96 -5.95 5.34 -3.70
CA LEU A 96 -5.91 6.26 -2.57
C LEU A 96 -4.66 6.05 -1.72
N ALA A 97 -4.05 4.87 -1.86
CA ALA A 97 -2.89 4.51 -1.06
C ALA A 97 -1.72 5.46 -1.32
N PHE A 98 -1.34 5.57 -2.59
CA PHE A 98 -0.20 6.39 -2.97
C PHE A 98 -0.53 7.87 -2.89
N LEU A 99 -1.83 8.18 -2.85
CA LEU A 99 -2.28 9.54 -2.61
C LEU A 99 -1.98 9.98 -1.18
N THR A 100 -2.38 9.15 -0.21
CA THR A 100 -2.10 9.42 1.19
C THR A 100 -0.61 9.34 1.48
N CYS A 101 0.06 8.37 0.85
CA CYS A 101 1.50 8.20 1.04
C CYS A 101 2.26 9.45 0.61
N LEU A 102 1.87 10.02 -0.52
CA LEU A 102 2.49 11.24 -1.03
C LEU A 102 2.31 12.39 -0.07
N LEU A 103 1.11 12.51 0.49
CA LEU A 103 0.81 13.54 1.48
C LEU A 103 1.81 13.50 2.64
N TYR A 104 1.90 12.35 3.29
CA TYR A 104 2.72 12.21 4.48
C TYR A 104 4.20 12.26 4.12
N LEU A 105 4.55 11.81 2.92
CA LEU A 105 5.90 11.96 2.39
C LEU A 105 6.30 13.43 2.33
N ALA A 106 5.41 14.25 1.78
CA ALA A 106 5.64 15.69 1.70
C ALA A 106 5.70 16.31 3.09
N LEU A 107 4.84 15.84 3.99
CA LEU A 107 4.80 16.37 5.34
C LEU A 107 6.12 16.18 6.06
N ASP A 108 6.71 15.00 5.89
CA ASP A 108 8.04 14.71 6.44
C ASP A 108 9.06 15.74 5.97
N VAL A 109 8.98 16.11 4.69
CA VAL A 109 9.88 17.11 4.13
C VAL A 109 9.68 18.47 4.80
N TYR A 110 8.43 18.81 5.08
CA TYR A 110 8.10 20.13 5.57
C TYR A 110 7.70 20.10 7.04
N PHE A 111 8.03 19.00 7.70
CA PHE A 111 7.84 18.90 9.15
C PHE A 111 8.83 19.78 9.90
N PRO A 112 10.10 19.67 9.54
CA PRO A 112 11.15 20.46 10.17
C PRO A 112 11.19 21.88 9.61
N GLN A 113 10.27 22.17 8.70
CA GLN A 113 10.11 23.54 8.20
C GLN A 113 8.98 24.26 8.92
N ILE A 114 8.31 23.55 9.83
CA ILE A 114 7.18 24.11 10.57
C ILE A 114 7.44 24.08 12.06
N SER A 115 7.27 25.23 12.71
CA SER A 115 7.61 25.38 14.12
C SER A 115 6.47 24.88 15.00
N SER A 116 5.27 24.82 14.44
CA SER A 116 4.09 24.40 15.20
C SER A 116 3.99 22.89 15.27
N VAL A 117 5.00 22.27 15.87
CA VAL A 117 5.07 20.81 15.94
C VAL A 117 3.98 20.26 16.86
N LYS A 118 3.41 21.13 17.68
CA LYS A 118 2.33 20.74 18.58
C LYS A 118 1.13 20.22 17.81
N ASP A 119 1.01 20.62 16.55
CA ASP A 119 -0.07 20.18 15.69
C ASP A 119 0.42 19.16 14.66
N ARG A 120 1.69 19.26 14.30
CA ARG A 120 2.31 18.32 13.38
C ARG A 120 2.40 16.92 13.99
N LYS A 121 2.64 16.88 15.30
CA LYS A 121 2.73 15.61 16.02
C LYS A 121 1.37 14.92 16.08
N LYS A 122 0.30 15.70 15.93
CA LYS A 122 -1.05 15.16 15.87
C LYS A 122 -1.25 14.35 14.59
N ALA A 123 -0.74 14.86 13.49
CA ALA A 123 -0.74 14.13 12.22
C ALA A 123 0.06 12.85 12.33
N VAL A 124 1.23 12.93 12.95
CA VAL A 124 2.08 11.77 13.15
C VAL A 124 1.42 10.74 14.06
N LEU A 125 0.79 11.23 15.13
CA LEU A 125 0.07 10.36 16.05
C LEU A 125 -1.00 9.55 15.32
N SER A 126 -1.68 10.20 14.38
CA SER A 126 -2.71 9.53 13.60
C SER A 126 -2.09 8.70 12.48
N ASP A 127 -0.89 9.08 12.06
CA ASP A 127 -0.17 8.36 11.01
C ASP A 127 0.13 6.93 11.44
N ILE A 128 0.24 6.73 12.75
CA ILE A 128 0.38 5.38 13.30
C ILE A 128 -0.76 4.48 12.83
N GLY A 129 -1.99 4.95 13.01
CA GLY A 129 -3.17 4.22 12.59
C GLY A 129 -3.23 4.08 11.08
N VAL A 130 -2.78 5.12 10.38
CA VAL A 130 -2.79 5.13 8.92
C VAL A 130 -2.00 3.95 8.36
N SER A 131 -0.82 3.71 8.93
CA SER A 131 0.00 2.58 8.53
C SER A 131 -0.75 1.27 8.66
N ALA A 132 -1.37 1.06 9.81
CA ALA A 132 -2.16 -0.14 10.06
C ALA A 132 -3.37 -0.20 9.14
N PHE A 133 -3.95 0.96 8.86
CA PHE A 133 -5.13 1.05 8.00
C PHE A 133 -4.85 0.44 6.63
N TRP A 134 -3.74 0.86 6.02
CA TRP A 134 -3.40 0.42 4.68
C TRP A 134 -2.90 -1.02 4.68
N ALA A 135 -2.21 -1.40 5.75
CA ALA A 135 -1.74 -2.76 5.92
C ALA A 135 -2.91 -3.75 5.89
N PHE A 136 -3.98 -3.41 6.60
CA PHE A 136 -5.18 -4.23 6.60
C PHE A 136 -5.75 -4.38 5.19
N LEU A 137 -5.91 -3.25 4.50
CA LEU A 137 -6.51 -3.24 3.17
C LEU A 137 -5.69 -4.07 2.19
N TRP A 138 -4.37 -3.96 2.30
CA TRP A 138 -3.47 -4.69 1.42
C TRP A 138 -3.43 -6.17 1.76
N PHE A 139 -3.63 -6.49 3.04
CA PHE A 139 -3.76 -7.87 3.48
C PHE A 139 -4.90 -8.58 2.75
N VAL A 140 -6.08 -7.96 2.79
CA VAL A 140 -7.23 -8.47 2.06
C VAL A 140 -6.98 -8.49 0.56
N GLY A 141 -6.37 -7.42 0.06
CA GLY A 141 -6.05 -7.32 -1.35
C GLY A 141 -5.28 -8.55 -1.84
N PHE A 142 -4.05 -8.71 -1.36
CA PHE A 142 -3.14 -9.71 -1.90
C PHE A 142 -3.65 -11.11 -1.65
N CYS A 143 -4.44 -11.27 -0.58
CA CYS A 143 -5.09 -12.54 -0.28
C CYS A 143 -6.11 -12.91 -1.34
N TYR A 144 -6.96 -11.95 -1.69
CA TYR A 144 -7.96 -12.16 -2.74
C TYR A 144 -7.31 -12.34 -4.10
N LEU A 145 -6.27 -11.55 -4.35
CA LEU A 145 -5.54 -11.63 -5.62
C LEU A 145 -4.84 -12.98 -5.77
N ALA A 146 -4.27 -13.48 -4.69
CA ALA A 146 -3.63 -14.78 -4.68
C ALA A 146 -4.64 -15.90 -4.89
N ASN A 147 -5.77 -15.80 -4.21
CA ASN A 147 -6.83 -16.80 -4.32
C ASN A 147 -7.38 -16.86 -5.74
N GLN A 148 -7.64 -15.70 -6.32
CA GLN A 148 -8.21 -15.62 -7.66
C GLN A 148 -7.18 -15.94 -8.73
N TRP A 149 -5.91 -15.64 -8.42
CA TRP A 149 -4.81 -16.05 -9.28
C TRP A 149 -4.77 -17.57 -9.45
N GLN A 150 -4.95 -18.29 -8.35
CA GLN A 150 -5.02 -19.74 -8.38
C GLN A 150 -6.20 -20.22 -9.21
N VAL A 151 -7.32 -19.52 -9.09
CA VAL A 151 -8.50 -19.83 -9.89
C VAL A 151 -8.23 -19.64 -11.38
N SER A 152 -7.57 -18.54 -11.72
CA SER A 152 -7.27 -18.21 -13.10
C SER A 152 -6.09 -19.04 -13.62
N LYS A 153 -5.27 -19.54 -12.70
CA LYS A 153 -4.10 -20.33 -13.06
C LYS A 153 -4.49 -21.54 -13.90
N PRO A 154 -3.98 -21.59 -15.12
CA PRO A 154 -4.23 -22.71 -16.01
C PRO A 154 -3.80 -24.02 -15.36
N LYS A 155 -4.52 -25.10 -15.67
CA LYS A 155 -4.20 -26.42 -15.14
C LYS A 155 -2.75 -26.80 -15.46
N ASP A 156 -1.98 -27.09 -14.42
CA ASP A 156 -0.59 -27.48 -14.59
C ASP A 156 0.21 -26.41 -15.32
N ASN A 157 -0.10 -25.15 -15.03
CA ASN A 157 0.64 -24.02 -15.61
C ASN A 157 2.12 -24.13 -15.29
N PRO A 158 2.94 -24.21 -16.34
CA PRO A 158 4.39 -24.30 -16.17
C PRO A 158 4.92 -23.09 -15.41
N LEU A 159 6.04 -23.29 -14.72
CA LEU A 159 6.62 -22.25 -13.89
C LEU A 159 6.92 -21.00 -14.71
N ASN A 160 6.43 -19.85 -14.24
CA ASN A 160 6.69 -18.57 -14.90
C ASN A 160 6.08 -18.55 -16.30
N GLU A 161 4.93 -19.21 -16.46
CA GLU A 161 4.13 -19.06 -17.66
C GLU A 161 2.73 -18.55 -17.33
N GLY A 162 2.62 -17.82 -16.23
CA GLY A 162 1.34 -17.22 -15.84
C GLY A 162 1.35 -15.71 -16.11
N THR A 163 0.53 -14.98 -15.36
CA THR A 163 0.47 -13.53 -15.48
C THR A 163 1.49 -12.85 -14.58
N ASP A 164 2.37 -12.07 -15.18
CA ASP A 164 3.54 -11.55 -14.48
C ASP A 164 3.16 -10.46 -13.49
N ALA A 165 2.45 -9.45 -13.99
CA ALA A 165 2.11 -8.28 -13.17
C ALA A 165 1.17 -8.66 -12.04
N ALA A 166 0.32 -9.65 -12.28
CA ALA A 166 -0.59 -10.14 -11.25
C ALA A 166 0.17 -10.75 -10.08
N ARG A 167 1.16 -11.59 -10.39
CA ARG A 167 2.00 -12.19 -9.37
C ARG A 167 2.83 -11.13 -8.65
N ALA A 168 3.35 -10.17 -9.42
CA ALA A 168 4.11 -9.08 -8.85
C ALA A 168 3.23 -8.20 -7.95
N ALA A 169 2.00 -7.96 -8.38
CA ALA A 169 1.07 -7.14 -7.63
C ALA A 169 0.80 -7.76 -6.26
N ILE A 170 0.67 -9.08 -6.21
CA ILE A 170 0.51 -9.79 -4.95
C ILE A 170 1.70 -9.55 -4.03
N ALA A 171 2.90 -9.68 -4.58
CA ALA A 171 4.11 -9.42 -3.82
C ALA A 171 4.18 -7.97 -3.37
N PHE A 172 3.82 -7.06 -4.26
CA PHE A 172 3.88 -5.63 -3.96
C PHE A 172 3.01 -5.29 -2.76
N SER A 173 1.82 -5.87 -2.70
CA SER A 173 0.92 -5.68 -1.57
C SER A 173 1.47 -6.35 -0.31
N PHE A 174 1.98 -7.55 -0.47
CA PHE A 174 2.58 -8.29 0.64
C PHE A 174 3.73 -7.51 1.25
N PHE A 175 4.61 -6.98 0.40
CA PHE A 175 5.75 -6.21 0.86
C PHE A 175 5.30 -4.91 1.53
N SER A 176 4.25 -4.30 0.99
CA SER A 176 3.69 -3.08 1.56
C SER A 176 3.22 -3.30 2.99
N ILE A 177 2.60 -4.45 3.24
CA ILE A 177 2.08 -4.78 4.56
C ILE A 177 3.19 -4.73 5.61
N PHE A 178 4.31 -5.39 5.32
CA PHE A 178 5.43 -5.40 6.23
C PHE A 178 6.10 -4.03 6.34
N THR A 179 6.17 -3.34 5.22
CA THR A 179 6.63 -1.96 5.19
C THR A 179 5.78 -1.08 6.10
N TRP A 180 4.46 -1.25 6.02
CA TRP A 180 3.54 -0.48 6.84
C TRP A 180 3.75 -0.75 8.32
N SER A 181 3.90 -2.02 8.67
CA SER A 181 4.18 -2.43 10.04
C SER A 181 5.41 -1.71 10.58
N LEU A 182 6.45 -1.63 9.75
CA LEU A 182 7.69 -0.96 10.13
C LEU A 182 7.45 0.53 10.37
N THR A 183 6.68 1.15 9.48
CA THR A 183 6.42 2.59 9.57
C THR A 183 5.52 2.92 10.74
N ALA A 184 4.69 1.96 11.13
CA ALA A 184 3.81 2.12 12.30
C ALA A 184 4.63 2.26 13.57
N ALA A 185 5.62 1.39 13.74
CA ALA A 185 6.52 1.46 14.88
C ALA A 185 7.35 2.74 14.85
N LEU A 186 7.79 3.12 13.65
CA LEU A 186 8.57 4.34 13.49
C LEU A 186 7.72 5.58 13.70
N ALA A 187 6.44 5.48 13.36
CA ALA A 187 5.50 6.58 13.59
C ALA A 187 5.36 6.89 15.07
N VAL A 188 5.39 5.85 15.89
CA VAL A 188 5.44 6.03 17.34
C VAL A 188 6.67 6.80 17.78
N ARG A 189 7.82 6.41 17.22
CA ARG A 189 9.08 7.08 17.54
C ARG A 189 9.08 8.53 17.06
N ARG A 190 8.52 8.74 15.86
CA ARG A 190 8.45 10.08 15.28
C ARG A 190 7.59 11.01 16.14
N PHE A 191 6.49 10.47 16.66
CA PHE A 191 5.66 11.20 17.61
C PHE A 191 6.46 11.57 18.86
N LYS A 192 7.21 10.61 19.38
CA LYS A 192 8.04 10.84 20.56
C LYS A 192 9.10 11.89 20.29
N ASP A 193 9.60 11.93 19.06
CA ASP A 193 10.59 12.92 18.65
C ASP A 193 10.03 14.33 18.77
N LEU A 194 8.76 14.49 18.41
CA LEU A 194 8.11 15.79 18.49
C LEU A 194 7.58 16.06 19.89
N SER A 195 7.25 15.00 20.61
CA SER A 195 6.72 15.12 21.96
C SER A 195 7.78 15.68 22.91
N ASP A 35 13.00 16.55 17.24
CA ASP A 35 13.43 17.27 16.04
C ASP A 35 12.69 16.77 14.80
N PRO A 36 11.85 17.63 14.25
CA PRO A 36 11.04 17.26 13.09
C PRO A 36 11.89 17.17 11.83
N TYR A 37 13.03 17.87 11.84
CA TYR A 37 13.95 17.83 10.71
C TYR A 37 14.65 16.47 10.62
N THR A 38 15.10 15.98 11.75
CA THR A 38 15.67 14.63 11.82
C THR A 38 14.61 13.57 11.60
N LEU A 39 13.40 13.82 12.11
CA LEU A 39 12.31 12.88 11.98
C LEU A 39 12.10 12.46 10.53
N VAL A 40 12.04 13.45 9.64
CA VAL A 40 11.71 13.20 8.24
C VAL A 40 12.91 12.66 7.48
N ARG A 41 14.05 12.60 8.16
CA ARG A 41 15.25 12.02 7.57
C ARG A 41 15.40 10.55 7.95
N GLN A 42 14.46 10.06 8.74
CA GLN A 42 14.47 8.66 9.16
C GLN A 42 13.90 7.75 8.07
N PRO A 43 14.17 6.46 8.18
CA PRO A 43 13.92 5.52 7.08
C PRO A 43 12.46 5.54 6.66
N HIS A 44 11.58 5.79 7.63
CA HIS A 44 10.14 5.64 7.40
C HIS A 44 9.69 6.46 6.19
N THR A 45 10.38 7.57 5.94
CA THR A 45 10.10 8.40 4.78
C THR A 45 10.47 7.68 3.48
N ILE A 46 11.68 7.15 3.43
CA ILE A 46 12.14 6.37 2.29
C ILE A 46 11.27 5.14 2.07
N LEU A 47 10.90 4.48 3.16
CA LEU A 47 10.04 3.31 3.10
C LEU A 47 8.68 3.66 2.54
N ARG A 48 8.20 4.86 2.85
CA ARG A 48 6.92 5.35 2.34
C ARG A 48 7.01 5.67 0.85
N VAL A 49 8.18 6.11 0.42
CA VAL A 49 8.46 6.29 -1.00
C VAL A 49 8.39 4.96 -1.75
N VAL A 50 8.90 3.91 -1.12
CA VAL A 50 8.83 2.56 -1.69
C VAL A 50 7.38 2.14 -1.92
N SER A 51 6.55 2.31 -0.90
CA SER A 51 5.14 1.97 -1.00
C SER A 51 4.39 2.94 -1.89
N TRP A 52 4.89 4.18 -1.97
CA TRP A 52 4.37 5.16 -2.91
C TRP A 52 4.53 4.69 -4.34
N LEU A 53 5.72 4.17 -4.66
CA LEU A 53 5.98 3.61 -5.99
C LEU A 53 5.18 2.35 -6.22
N PHE A 54 5.19 1.46 -5.24
CA PHE A 54 4.49 0.18 -5.35
C PHE A 54 3.00 0.39 -5.59
N SER A 55 2.44 1.39 -4.94
CA SER A 55 1.04 1.77 -5.17
C SER A 55 0.79 2.08 -6.64
N ILE A 56 1.73 2.78 -7.26
CA ILE A 56 1.66 3.07 -8.69
C ILE A 56 1.84 1.79 -9.52
N VAL A 57 2.87 1.02 -9.18
CA VAL A 57 3.24 -0.14 -9.99
C VAL A 57 2.19 -1.23 -9.91
N VAL A 58 1.74 -1.53 -8.69
CA VAL A 58 0.67 -2.51 -8.48
C VAL A 58 -0.58 -2.14 -9.26
N PHE A 59 -1.00 -0.88 -9.14
CA PHE A 59 -2.17 -0.40 -9.85
C PHE A 59 -2.06 -0.65 -11.35
N GLY A 60 -1.00 -0.12 -11.95
CA GLY A 60 -0.78 -0.25 -13.39
C GLY A 60 -0.71 -1.71 -13.81
N SER A 61 -0.01 -2.51 -13.01
CA SER A 61 0.23 -3.91 -13.36
C SER A 61 -1.07 -4.69 -13.42
N ILE A 62 -1.87 -4.60 -12.36
CA ILE A 62 -3.05 -5.46 -12.21
C ILE A 62 -4.17 -5.00 -13.14
N VAL A 63 -4.14 -3.73 -13.52
CA VAL A 63 -5.12 -3.20 -14.46
C VAL A 63 -4.79 -3.59 -15.89
N ASN A 64 -3.53 -3.40 -16.27
CA ASN A 64 -3.11 -3.56 -17.66
C ASN A 64 -3.37 -4.98 -18.15
N GLU A 65 -3.01 -5.96 -17.32
CA GLU A 65 -3.11 -7.36 -17.71
C GLU A 65 -4.28 -8.05 -17.02
N GLY A 66 -4.88 -7.35 -16.06
CA GLY A 66 -5.97 -7.91 -15.28
C GLY A 66 -7.28 -7.17 -15.53
N TYR A 67 -7.49 -6.08 -14.80
CA TYR A 67 -8.80 -5.43 -14.75
C TYR A 67 -9.25 -5.00 -16.14
N LEU A 68 -8.39 -4.26 -16.83
CA LEU A 68 -8.71 -3.76 -18.17
C LEU A 68 -8.75 -4.89 -19.18
N ASN A 69 -7.80 -5.81 -19.06
CA ASN A 69 -7.66 -6.91 -20.02
C ASN A 69 -8.92 -7.77 -20.04
N SER A 70 -9.38 -8.17 -18.86
CA SER A 70 -10.54 -9.06 -18.74
C SER A 70 -11.82 -8.31 -19.09
N ALA A 71 -12.72 -9.01 -19.77
CA ALA A 71 -14.02 -8.44 -20.11
C ALA A 71 -15.07 -8.79 -19.07
N SER A 72 -14.66 -9.53 -18.04
CA SER A 72 -15.58 -9.98 -17.00
C SER A 72 -15.78 -8.89 -15.95
N GLU A 73 -16.73 -9.12 -15.05
CA GLU A 73 -17.08 -8.13 -14.03
C GLU A 73 -16.08 -8.15 -12.88
N GLY A 74 -15.93 -7.01 -12.21
CA GLY A 74 -15.05 -6.91 -11.06
C GLY A 74 -15.78 -7.26 -9.77
N GLU A 75 -15.39 -6.60 -8.68
CA GLU A 75 -16.07 -6.77 -7.40
C GLU A 75 -17.47 -6.18 -7.43
N GLU A 76 -17.63 -5.09 -8.17
CA GLU A 76 -18.94 -4.49 -8.38
C GLU A 76 -19.65 -4.26 -7.07
N PHE A 77 -18.90 -3.91 -6.03
CA PHE A 77 -19.46 -3.67 -4.71
C PHE A 77 -20.14 -4.92 -4.17
N CYS A 78 -19.67 -6.08 -4.62
CA CYS A 78 -20.25 -7.35 -4.19
C CYS A 78 -19.16 -8.41 -4.02
N ILE A 79 -19.59 -9.65 -3.79
CA ILE A 79 -18.66 -10.77 -3.62
C ILE A 79 -18.47 -11.52 -4.93
N TYR A 80 -17.33 -11.29 -5.57
CA TYR A 80 -16.97 -12.05 -6.76
C TYR A 80 -15.71 -12.87 -6.53
N ASN A 81 -15.46 -13.83 -7.42
CA ASN A 81 -14.22 -14.59 -7.40
C ASN A 81 -13.54 -14.55 -8.77
N ARG A 82 -13.40 -13.35 -9.33
CA ARG A 82 -12.92 -13.18 -10.69
C ARG A 82 -11.52 -12.58 -10.71
N ASN A 83 -10.95 -12.49 -11.91
CA ASN A 83 -9.62 -11.92 -12.07
C ASN A 83 -9.61 -10.41 -11.83
N PRO A 84 -10.52 -9.71 -12.51
CA PRO A 84 -10.62 -8.27 -12.36
C PRO A 84 -11.29 -7.88 -11.05
N ASN A 85 -11.93 -8.86 -10.41
CA ASN A 85 -12.39 -8.70 -9.04
C ASN A 85 -11.24 -8.44 -8.09
N ALA A 86 -10.27 -9.35 -8.08
CA ALA A 86 -9.07 -9.18 -7.27
C ALA A 86 -8.33 -7.90 -7.63
N CYS A 87 -8.31 -7.58 -8.92
CA CYS A 87 -7.62 -6.40 -9.40
C CYS A 87 -8.30 -5.12 -8.91
N SER A 88 -9.63 -5.12 -8.96
CA SER A 88 -10.42 -3.96 -8.54
C SER A 88 -10.23 -3.68 -7.05
N TYR A 89 -9.96 -4.73 -6.28
CA TYR A 89 -9.57 -4.59 -4.89
C TYR A 89 -8.20 -3.95 -4.76
N GLY A 90 -7.28 -4.35 -5.62
CA GLY A 90 -5.94 -3.77 -5.64
C GLY A 90 -5.98 -2.31 -6.06
N VAL A 91 -6.89 -1.98 -6.98
CA VAL A 91 -7.11 -0.60 -7.39
C VAL A 91 -7.64 0.25 -6.25
N ALA A 92 -8.64 -0.28 -5.54
CA ALA A 92 -9.27 0.44 -4.44
C ALA A 92 -8.24 0.86 -3.40
N VAL A 93 -7.37 -0.07 -3.02
CA VAL A 93 -6.35 0.18 -2.01
C VAL A 93 -5.14 0.89 -2.62
N GLY A 94 -4.87 0.61 -3.89
CA GLY A 94 -3.66 1.09 -4.54
C GLY A 94 -3.74 2.59 -4.79
N VAL A 95 -4.77 3.01 -5.51
CA VAL A 95 -4.89 4.40 -5.93
C VAL A 95 -4.98 5.34 -4.74
N LEU A 96 -5.74 4.94 -3.73
CA LEU A 96 -5.99 5.78 -2.57
C LEU A 96 -4.78 5.82 -1.64
N ALA A 97 -4.05 4.71 -1.59
CA ALA A 97 -2.81 4.65 -0.83
C ALA A 97 -1.74 5.52 -1.45
N PHE A 98 -1.72 5.57 -2.79
CA PHE A 98 -0.87 6.51 -3.51
C PHE A 98 -1.14 7.94 -3.07
N LEU A 99 -2.41 8.32 -3.04
CA LEU A 99 -2.79 9.67 -2.64
C LEU A 99 -2.36 9.95 -1.21
N THR A 100 -2.51 8.95 -0.34
CA THR A 100 -2.07 9.08 1.05
C THR A 100 -0.56 9.24 1.13
N CYS A 101 0.17 8.40 0.40
CA CYS A 101 1.62 8.44 0.42
C CYS A 101 2.15 9.75 -0.13
N LEU A 102 1.49 10.27 -1.16
CA LEU A 102 1.84 11.57 -1.73
C LEU A 102 1.72 12.68 -0.70
N LEU A 103 0.60 12.71 0.00
CA LEU A 103 0.36 13.74 1.01
C LEU A 103 1.30 13.57 2.20
N TYR A 104 1.57 12.32 2.56
CA TYR A 104 2.48 12.03 3.65
C TYR A 104 3.88 12.55 3.35
N LEU A 105 4.38 12.24 2.17
CA LEU A 105 5.72 12.68 1.76
C LEU A 105 5.77 14.19 1.61
N ALA A 106 4.69 14.77 1.14
CA ALA A 106 4.57 16.23 1.06
C ALA A 106 4.65 16.86 2.44
N LEU A 107 3.99 16.25 3.41
CA LEU A 107 4.07 16.68 4.80
C LEU A 107 5.52 16.65 5.30
N ASP A 108 6.20 15.54 5.06
CA ASP A 108 7.59 15.40 5.48
C ASP A 108 8.44 16.57 4.99
N VAL A 109 8.22 16.96 3.73
CA VAL A 109 8.96 18.07 3.14
C VAL A 109 8.78 19.35 3.97
N TYR A 110 7.55 19.60 4.38
CA TYR A 110 7.22 20.83 5.10
C TYR A 110 6.93 20.55 6.57
N PHE A 111 7.39 19.40 7.05
CA PHE A 111 7.14 18.99 8.42
C PHE A 111 7.98 19.80 9.40
N PRO A 112 9.24 20.04 9.04
CA PRO A 112 10.15 20.79 9.90
C PRO A 112 9.52 22.10 10.36
N GLN A 113 8.64 22.65 9.53
CA GLN A 113 7.92 23.87 9.89
C GLN A 113 6.82 23.59 10.90
N ILE A 114 7.22 23.28 12.13
CA ILE A 114 6.27 22.98 13.19
C ILE A 114 5.87 24.24 13.96
N SER A 115 4.58 24.39 14.23
CA SER A 115 4.08 25.58 14.91
C SER A 115 4.05 25.38 16.42
N SER A 116 3.92 24.13 16.84
CA SER A 116 3.86 23.80 18.26
C SER A 116 4.12 22.33 18.50
N VAL A 117 4.38 21.98 19.76
CA VAL A 117 4.62 20.58 20.12
C VAL A 117 3.38 19.72 19.86
N LYS A 118 2.21 20.27 20.16
CA LYS A 118 0.96 19.59 19.87
C LYS A 118 0.76 19.41 18.38
N ASP A 119 1.20 20.38 17.60
CA ASP A 119 1.10 20.33 16.14
C ASP A 119 1.81 19.10 15.60
N ARG A 120 3.09 18.96 15.94
CA ARG A 120 3.91 17.89 15.39
C ARG A 120 3.49 16.53 15.93
N LYS A 121 3.02 16.51 17.18
CA LYS A 121 2.53 15.28 17.79
C LYS A 121 1.26 14.79 17.11
N LYS A 122 0.30 15.69 16.93
CA LYS A 122 -0.97 15.34 16.32
C LYS A 122 -0.80 14.91 14.88
N ALA A 123 0.13 15.56 14.18
CA ALA A 123 0.43 15.21 12.79
C ALA A 123 0.86 13.76 12.68
N VAL A 124 1.85 13.37 13.48
CA VAL A 124 2.35 12.00 13.47
C VAL A 124 1.31 11.04 14.04
N LEU A 125 0.65 11.47 15.12
CA LEU A 125 -0.37 10.65 15.77
C LEU A 125 -1.43 10.21 14.76
N SER A 126 -1.85 11.13 13.90
CA SER A 126 -2.81 10.82 12.86
C SER A 126 -2.23 9.90 11.80
N ASP A 127 -0.97 10.14 11.46
CA ASP A 127 -0.28 9.33 10.44
C ASP A 127 -0.13 7.89 10.90
N ILE A 128 0.01 7.71 12.21
CA ILE A 128 0.09 6.37 12.79
C ILE A 128 -1.18 5.57 12.49
N GLY A 129 -2.33 6.15 12.82
CA GLY A 129 -3.62 5.52 12.55
C GLY A 129 -3.78 5.22 11.07
N VAL A 130 -3.42 6.19 10.23
CA VAL A 130 -3.56 6.05 8.79
C VAL A 130 -2.64 4.95 8.25
N SER A 131 -1.42 4.90 8.78
CA SER A 131 -0.46 3.89 8.36
C SER A 131 -0.97 2.48 8.67
N ALA A 132 -1.52 2.30 9.86
CA ALA A 132 -2.11 1.02 10.25
C ALA A 132 -3.39 0.75 9.46
N PHE A 133 -4.15 1.81 9.18
CA PHE A 133 -5.36 1.69 8.38
C PHE A 133 -5.08 1.04 7.04
N TRP A 134 -4.08 1.55 6.34
CA TRP A 134 -3.75 1.05 5.01
C TRP A 134 -3.03 -0.29 5.08
N ALA A 135 -2.25 -0.48 6.14
CA ALA A 135 -1.60 -1.76 6.38
C ALA A 135 -2.59 -2.91 6.39
N PHE A 136 -3.72 -2.71 7.06
CA PHE A 136 -4.80 -3.68 7.07
C PHE A 136 -5.33 -3.93 5.66
N LEU A 137 -5.64 -2.84 4.95
CA LEU A 137 -6.28 -2.94 3.65
C LEU A 137 -5.33 -3.52 2.61
N TRP A 138 -4.03 -3.33 2.84
CA TRP A 138 -3.01 -3.93 1.99
C TRP A 138 -2.81 -5.40 2.32
N PHE A 139 -3.04 -5.76 3.59
CA PHE A 139 -3.00 -7.15 4.02
C PHE A 139 -4.07 -7.97 3.28
N VAL A 140 -5.30 -7.49 3.32
CA VAL A 140 -6.39 -8.16 2.63
C VAL A 140 -6.35 -7.91 1.13
N GLY A 141 -5.81 -6.76 0.74
CA GLY A 141 -5.54 -6.48 -0.66
C GLY A 141 -4.63 -7.54 -1.28
N PHE A 142 -3.55 -7.86 -0.58
CA PHE A 142 -2.70 -8.97 -0.97
C PHE A 142 -3.49 -10.27 -1.07
N CYS A 143 -4.26 -10.58 -0.03
CA CYS A 143 -5.08 -11.78 -0.01
C CYS A 143 -6.00 -11.83 -1.23
N TYR A 144 -6.56 -10.69 -1.59
CA TYR A 144 -7.44 -10.61 -2.75
C TYR A 144 -6.70 -10.89 -4.04
N LEU A 145 -5.52 -10.30 -4.18
CA LEU A 145 -4.70 -10.49 -5.37
C LEU A 145 -4.19 -11.93 -5.46
N ALA A 146 -3.97 -12.55 -4.31
CA ALA A 146 -3.68 -13.98 -4.25
C ALA A 146 -4.90 -14.80 -4.65
N ASN A 147 -6.07 -14.41 -4.16
CA ASN A 147 -7.32 -15.09 -4.49
C ASN A 147 -7.59 -15.05 -5.98
N GLN A 148 -7.04 -14.03 -6.65
CA GLN A 148 -7.18 -13.90 -8.10
C GLN A 148 -7.13 -15.26 -8.78
N TRP A 149 -6.24 -16.12 -8.31
CA TRP A 149 -5.99 -17.40 -8.96
C TRP A 149 -6.28 -18.56 -8.03
N GLN A 150 -6.17 -18.31 -6.72
CA GLN A 150 -6.32 -19.36 -5.73
C GLN A 150 -7.74 -19.94 -5.75
N VAL A 151 -8.71 -19.09 -6.07
CA VAL A 151 -10.11 -19.50 -6.08
C VAL A 151 -10.35 -20.59 -7.11
N SER A 152 -9.41 -20.73 -8.05
CA SER A 152 -9.52 -21.75 -9.09
C SER A 152 -8.16 -22.37 -9.38
N LYS A 153 -7.34 -22.50 -8.35
CA LYS A 153 -6.01 -23.09 -8.51
C LYS A 153 -6.08 -24.61 -8.60
N PRO A 154 -5.11 -25.20 -9.28
CA PRO A 154 -5.00 -26.65 -9.37
C PRO A 154 -4.48 -27.23 -8.06
N LYS A 155 -4.61 -28.55 -7.91
CA LYS A 155 -4.21 -29.22 -6.68
C LYS A 155 -2.74 -29.02 -6.39
N ASP A 156 -2.42 -28.62 -5.16
CA ASP A 156 -1.04 -28.50 -4.72
C ASP A 156 -0.24 -27.57 -5.64
N ASN A 157 -0.67 -26.32 -5.70
CA ASN A 157 0.06 -25.30 -6.46
C ASN A 157 0.14 -23.99 -5.68
N PRO A 158 1.26 -23.78 -5.00
CA PRO A 158 1.43 -22.60 -4.17
C PRO A 158 1.86 -21.40 -5.00
N LEU A 159 2.20 -21.65 -6.27
CA LEU A 159 2.77 -20.62 -7.13
C LEU A 159 1.68 -19.75 -7.74
N ASN A 160 2.02 -18.49 -8.00
CA ASN A 160 1.05 -17.53 -8.51
C ASN A 160 0.70 -17.80 -9.96
N GLU A 161 -0.56 -18.14 -10.21
CA GLU A 161 -1.01 -18.47 -11.56
C GLU A 161 -1.74 -17.30 -12.20
N GLY A 162 -1.32 -16.08 -11.85
CA GLY A 162 -1.82 -14.88 -12.50
C GLY A 162 -0.96 -14.52 -13.71
N THR A 163 -1.03 -13.25 -14.11
CA THR A 163 -0.19 -12.74 -15.19
C THR A 163 1.17 -12.31 -14.68
N ASP A 164 2.07 -12.01 -15.60
CA ASP A 164 3.45 -11.64 -15.24
C ASP A 164 3.47 -10.37 -14.41
N ALA A 165 2.69 -9.37 -14.84
CA ALA A 165 2.61 -8.11 -14.12
C ALA A 165 1.88 -8.28 -12.79
N ALA A 166 0.80 -9.04 -12.81
CA ALA A 166 0.01 -9.29 -11.61
C ALA A 166 0.82 -10.03 -10.56
N ARG A 167 1.62 -11.01 -11.01
CA ARG A 167 2.47 -11.78 -10.12
C ARG A 167 3.43 -10.88 -9.34
N ALA A 168 4.06 -9.95 -10.06
CA ALA A 168 4.92 -8.95 -9.43
C ALA A 168 4.13 -8.06 -8.49
N ALA A 169 2.93 -7.66 -8.92
CA ALA A 169 2.08 -6.81 -8.11
C ALA A 169 1.69 -7.48 -6.80
N ILE A 170 1.47 -8.79 -6.86
CA ILE A 170 1.19 -9.57 -5.66
C ILE A 170 2.33 -9.49 -4.66
N ALA A 171 3.56 -9.69 -5.16
CA ALA A 171 4.75 -9.55 -4.33
C ALA A 171 4.86 -8.15 -3.75
N PHE A 172 4.56 -7.15 -4.57
CA PHE A 172 4.65 -5.76 -4.15
C PHE A 172 3.63 -5.43 -3.06
N SER A 173 2.45 -6.04 -3.18
CA SER A 173 1.41 -5.86 -2.17
C SER A 173 1.75 -6.60 -0.89
N PHE A 174 2.49 -7.68 -1.02
CA PHE A 174 3.06 -8.38 0.14
C PHE A 174 4.13 -7.53 0.82
N PHE A 175 4.98 -6.91 0.00
CA PHE A 175 5.98 -5.98 0.52
C PHE A 175 5.33 -4.76 1.16
N SER A 176 4.18 -4.36 0.62
CA SER A 176 3.43 -3.25 1.18
C SER A 176 2.97 -3.55 2.61
N ILE A 177 2.55 -4.79 2.84
CA ILE A 177 2.17 -5.24 4.17
C ILE A 177 3.29 -4.96 5.18
N PHE A 178 4.49 -5.44 4.87
CA PHE A 178 5.65 -5.19 5.72
C PHE A 178 5.96 -3.71 5.83
N THR A 179 5.99 -3.03 4.69
CA THR A 179 6.39 -1.63 4.64
C THR A 179 5.47 -0.76 5.48
N TRP A 180 4.17 -0.89 5.24
CA TRP A 180 3.19 -0.05 5.90
C TRP A 180 3.17 -0.30 7.41
N SER A 181 3.20 -1.57 7.79
CA SER A 181 3.20 -1.94 9.20
C SER A 181 4.49 -1.53 9.88
N LEU A 182 5.59 -1.52 9.12
CA LEU A 182 6.88 -1.10 9.63
C LEU A 182 6.91 0.39 9.91
N THR A 183 6.48 1.17 8.92
CA THR A 183 6.48 2.63 9.04
C THR A 183 5.46 3.10 10.07
N ALA A 184 4.42 2.31 10.27
CA ALA A 184 3.46 2.54 11.35
C ALA A 184 4.14 2.45 12.71
N ALA A 185 4.92 1.39 12.91
CA ALA A 185 5.68 1.22 14.15
C ALA A 185 6.71 2.33 14.31
N LEU A 186 7.36 2.69 13.20
CA LEU A 186 8.36 3.75 13.21
C LEU A 186 7.72 5.10 13.55
N ALA A 187 6.51 5.32 13.05
CA ALA A 187 5.76 6.53 13.34
C ALA A 187 5.46 6.65 14.83
N VAL A 188 5.13 5.52 15.45
CA VAL A 188 4.91 5.48 16.89
C VAL A 188 6.17 5.86 17.65
N ARG A 189 7.31 5.34 17.21
CA ARG A 189 8.59 5.66 17.83
C ARG A 189 8.90 7.15 17.70
N ARG A 190 8.63 7.70 16.53
CA ARG A 190 8.89 9.12 16.28
C ARG A 190 7.94 10.00 17.08
N PHE A 191 6.69 9.55 17.21
CA PHE A 191 5.71 10.23 18.04
C PHE A 191 6.23 10.36 19.48
N LYS A 192 6.75 9.27 20.02
CA LYS A 192 7.32 9.26 21.36
C LYS A 192 8.49 10.21 21.47
N ASP A 193 9.28 10.30 20.39
CA ASP A 193 10.42 11.21 20.34
C ASP A 193 9.96 12.66 20.40
N LEU A 194 8.84 12.95 19.74
CA LEU A 194 8.31 14.31 19.69
C LEU A 194 7.70 14.71 21.02
N SER A 195 7.08 13.75 21.71
CA SER A 195 6.41 14.01 22.97
C SER A 195 7.41 14.09 24.12
#